data_5M3J
#
_entry.id   5M3J
#
_cell.length_a   200.160
_cell.length_b   200.160
_cell.length_c   250.380
_cell.angle_alpha   90.00
_cell.angle_beta   90.00
_cell.angle_gamma   120.00
#
_symmetry.space_group_name_H-M   'P 32 2 1'
#
loop_
_entity.id
_entity.type
_entity.pdbx_description
1 polymer 'Polymerase acidic protein'
2 polymer 'RNA-directed RNA polymerase catalytic subunit'
3 polymer 'Polymerase basic protein 2'
4 polymer "RNA (5'-R(*UP*AP*UP*AP*CP*CP*UP*CP*UP*GP*CP*UP*UP*C)-3')"
5 polymer "RNA (5'-R(P*AP*GP*UP*AP*GP*UP*AP*AP*CP*AP*AP*GP*AP*G)-3')"
6 polymer 'DNA-directed RNA polymerase subunit'
#
loop_
_entity_poly.entity_id
_entity_poly.type
_entity_poly.pdbx_seq_one_letter_code
_entity_poly.pdbx_strand_id
1 'polypeptide(L)'
;GSHHHHHHHHGSGSMDTFITRNFQTTIIQKAKNTMAEFSEDPELQPAMLFNICVHLEVCYVISDMNFLDEEGKAYTALEG
QGKEQNLRPQYEVIEGMPRTIAWMVQRSLAQEHGIETPKYLADLFDYKTKRFIEVGITKGLADDYFWKKKEKLGNSMELM
IFSYNQDYSLSNESSLDEEGKGRVLSRLTELQAELSLKNLWQVLIGEEDVEKGIDFKLGQTISRLRDISVPAGFSNFEGM
RSYIDNIDPKGAIERNLARMSPLVSVTPKKLTWEDLRPIGPHIYNHELPEVPYNAFLLMSDELGLANMTEGKSKKPKTLA
KECLEKYSTLRDQTDPILIMKSEKANENFLWKLWRDCVNTISNEEMSNELQKTNYAKWATGDGLTYQKIMKEVAIDDETM
CQEEPKIPNKCRVAAWVQTEMNLLSTLTSKRALDLPEIGPDVAPVEHVGSERRKYFVNEINYCKASTVMMKYVLFHTSLL
NESNASMGKYKVIPITNRVVNEKGESFDMLYGLAVKGQSHLRGDTDVVTVVTFEFSSTDPRVDSGKWPKYTVFRIGSLFV
SGREKSVYLYCRVNGTNKIQMKWGMEARRCLLQSMQQMEAIVEQESSIQGYDMTKACFKGDRVNSPKTFSIGTQEGKLVK
GSFGKALRVIFTKCLMHYVFGNAQLEGFSAESRRLLLLIQALKDRKGPWVFDLEGMYSGIEECISNNPWVIQSAYWFNEW
LGFEKEGSKVLESVDEIMDEGSGSGENLYFQ
;
A
2 'polypeptide(L)'
;GSGSGSGSGMNINPYFLFIDVPIQAAISTTFPYTGVPPYSHGTGTGYTIDTVIRTHEYSNKGKQYISDVTGCTMVDPTNG
PLPEDNEPSAYAQLDCVLEALDRMDEEHPGLFQAASQNAMETLMVTTVDKLTQGRQTFDWTVCRNQPAATALNTTITSFR
LNDLNGADKGGLIPFCQDIIDSLDRPEMTFFSVKNIKKKLPAKNRKGFLIKRIPMKVKDKITKVEYIKRALSLNTMTKDA
ERGKLKRRAIATAGIQIRGFVLVVENLAKNICENLEQSGLPVGGNEKKAKLSNAVAKMLSNCPPGGISMTVTGDNTKWNE
CLNPRIFLAMTERITRDSPIWFRDFCSIAPVLFSNKIARLGKGFMITSKTKRLKAQIPCPDLFSIPLERYNEETRAKLKK
LKPFFNEEGTASLSPGMMMGMFNMLSTVLGVAALGIKNIGNKEYLWDGLQSSDDFALFVNAKDEETCMEGINDFYRTCKL
LGINMSKKKSYCNETGMFEFTSMFYRDGFVSNFAMELPSFGVAGVNESADMAIGMTIIKNNMINNGMGPATAQTAIQLFI
ADYRYTYKCHRGDSKVEGKRMKIIKELWENTKGRDGLLVADGGPNIYNLRNLHIPEIVLKYNLMDPEYKGRLLHPQNPFV
GHLSIEGIKEADITPAHGPVKKMDYDAVSGTHSWRTKRNRSILNTDQRNMILEEQCYAKCCNLFEACFNSASYRKPVGQH
SMLEAMAHRLRMDARLDYESGRMSKDDFEKAMAHLGEIGYIGSGSGENLYFQ
;
B
3 'polypeptide(L)'
;GSGSGSGSGMTLAKIELLKQLLRDNEAKTVLKQTTVDQYNIIRKFNTSRIEKNPSLRMKWAMCSNFPLALTKGDMANRIP
LEYKGIQLKTNAEDIGTKGQMCSIAAVTWWNTYGPIGDTEGFERVYESFFLRKMRLDNATWGRITFGPVERVRKRVLLNP
LTKEMPPDEASNVIMEILFPKEAGIPRESTWIHRELIKEKREKLKGTMITPIVLAYMLERELVARRRFLPVAGATSAEFI
EMLHCLQGENWRQIYHPGGNKLTESRSQSMIVACRKIIRRSIVASNPLELAVEIANKTVIDTEPLKSCLAAIDGGDVACD
IIRAALGLKIRQRQRFGRLELKRISGRGFKNDEEILIGNGTIQKIGIWDGEEEFHVRCGECRGILKKSKMKLEKLLINSA
KKEDMRDLIILCMVFSQDTRMFQGVRGEINFLNRAGQLLSPMYQLQRYFLNRSNDLFDQWGYEESPKASELHGINESMNA
SDYTLKGVVVTRNVIDDFSSTETEKVSITKNLSLIKRTGEVIMGANDVSELESQAQLMITYDTPKMWEMGTTKELVQNTY
QWVLKNLVTLKAQFLLGKEDMFQWDAFEAFESIIPQKMAGQYSGFARAVLKQMRDQEVMKTDQFIKLLPFCFSPPKLRSN
GEPYQFLKLVLKGGGENFIEVRKGSPLFSYNPQTEVLTICGRMMSLKGKIEDEERNRSMGNAVLAGFLVSGKYDPDLGDF
KTIEELEKLKPGEKANILLYQGKPVKVVKRKRYSALSNDISQGIKRQRMTVESMGWALSGWSHPQFEKGSGSENLYFQ
;
C
4 'polyribonucleotide' UAUACCUCUGCUUC R
5 'polyribonucleotide' AGUAGUAACAAGAG V
6 'polypeptide(L)' YSPT(SEP)PSYSPT(SEP)PSYSPT(SEP)PSYSPT(SEP)PS X
#
# COMPACT_ATOMS: atom_id res chain seq x y z
N SER A 14 34.02 -51.21 2.92
CA SER A 14 32.96 -50.17 3.03
C SER A 14 31.69 -50.75 3.63
N MET A 15 31.15 -50.07 4.63
CA MET A 15 29.89 -50.50 5.25
C MET A 15 28.70 -50.24 4.34
N ASP A 16 28.87 -49.46 3.27
CA ASP A 16 27.79 -49.28 2.30
C ASP A 16 27.37 -50.61 1.71
N THR A 17 28.32 -51.50 1.45
CA THR A 17 27.99 -52.83 0.96
C THR A 17 27.44 -53.71 2.07
N PHE A 18 27.97 -53.55 3.29
CA PHE A 18 27.52 -54.36 4.41
C PHE A 18 26.05 -54.13 4.73
N ILE A 19 25.61 -52.87 4.70
CA ILE A 19 24.23 -52.55 5.02
C ILE A 19 23.28 -53.09 3.94
N THR A 20 23.74 -53.15 2.69
CA THR A 20 22.92 -53.69 1.63
C THR A 20 22.69 -55.19 1.81
N ARG A 21 23.67 -55.89 2.38
CA ARG A 21 23.55 -57.33 2.58
C ARG A 21 22.72 -57.67 3.83
N ASN A 22 22.96 -56.95 4.93
CA ASN A 22 22.34 -57.28 6.20
C ASN A 22 20.89 -56.81 6.27
N PHE A 23 20.68 -55.51 6.08
CA PHE A 23 19.38 -54.90 6.35
C PHE A 23 18.48 -54.96 5.12
N GLN A 24 17.19 -54.72 5.34
CA GLN A 24 16.19 -54.72 4.29
C GLN A 24 16.20 -53.38 3.54
N THR A 25 15.40 -53.33 2.48
CA THR A 25 15.26 -52.09 1.71
C THR A 25 14.41 -51.07 2.47
N THR A 26 13.31 -51.53 3.09
CA THR A 26 12.44 -50.63 3.81
C THR A 26 13.19 -49.86 4.89
N ILE A 27 14.16 -50.52 5.54
CA ILE A 27 14.92 -49.87 6.60
C ILE A 27 15.90 -48.87 6.01
N ILE A 28 16.50 -49.20 4.87
CA ILE A 28 17.42 -48.27 4.22
C ILE A 28 16.67 -47.07 3.67
N GLN A 29 15.52 -47.30 3.04
CA GLN A 29 14.73 -46.20 2.49
C GLN A 29 14.30 -45.22 3.59
N LYS A 30 13.73 -45.75 4.67
CA LYS A 30 13.27 -44.89 5.75
C LYS A 30 14.42 -44.23 6.50
N ALA A 31 15.58 -44.90 6.56
CA ALA A 31 16.74 -44.30 7.19
C ALA A 31 17.30 -43.17 6.33
N LYS A 32 17.38 -43.37 5.01
CA LYS A 32 17.83 -42.31 4.12
C LYS A 32 16.82 -41.16 4.09
N ASN A 33 15.53 -41.46 4.28
CA ASN A 33 14.54 -40.39 4.39
C ASN A 33 14.73 -39.61 5.68
N THR A 34 15.11 -40.30 6.76
CA THR A 34 15.38 -39.61 8.02
C THR A 34 16.59 -38.70 7.88
N MET A 35 17.68 -39.20 7.30
CA MET A 35 18.86 -38.37 7.10
C MET A 35 18.60 -37.27 6.09
N ALA A 36 17.67 -37.48 5.16
CA ALA A 36 17.26 -36.42 4.24
C ALA A 36 16.48 -35.34 4.98
N GLU A 37 15.65 -35.73 5.95
CA GLU A 37 14.89 -34.76 6.72
C GLU A 37 15.81 -34.03 7.71
N PHE A 38 16.77 -34.73 8.29
CA PHE A 38 17.78 -34.08 9.13
C PHE A 38 18.90 -33.42 8.33
N SER A 39 18.85 -33.49 7.00
CA SER A 39 19.78 -32.76 6.13
C SER A 39 21.21 -33.27 6.31
N GLU A 40 21.39 -34.56 6.01
CA GLU A 40 22.71 -35.15 6.08
C GLU A 40 22.84 -36.24 5.01
N ASP A 41 24.04 -36.39 4.48
CA ASP A 41 24.30 -37.32 3.38
C ASP A 41 24.41 -38.73 3.91
N PRO A 42 23.62 -39.69 3.42
CA PRO A 42 23.78 -41.08 3.89
C PRO A 42 25.12 -41.69 3.52
N GLU A 43 25.59 -41.49 2.29
CA GLU A 43 26.79 -42.17 1.83
C GLU A 43 28.05 -41.62 2.49
N LEU A 44 28.08 -40.33 2.81
CA LEU A 44 29.25 -39.73 3.42
C LEU A 44 29.35 -40.00 4.93
N GLN A 45 28.28 -40.51 5.55
CA GLN A 45 28.26 -40.82 6.98
C GLN A 45 27.62 -42.19 7.17
N PRO A 46 28.38 -43.26 6.93
CA PRO A 46 27.80 -44.60 7.11
C PRO A 46 27.44 -44.92 8.55
N ALA A 47 28.23 -44.45 9.52
CA ALA A 47 27.97 -44.79 10.92
C ALA A 47 26.60 -44.30 11.35
N MET A 48 26.20 -43.11 10.92
CA MET A 48 24.89 -42.58 11.27
C MET A 48 23.78 -43.33 10.55
N LEU A 49 24.06 -43.86 9.36
CA LEU A 49 23.09 -44.67 8.65
C LEU A 49 22.88 -46.01 9.34
N PHE A 50 23.97 -46.63 9.83
CA PHE A 50 23.85 -47.90 10.51
C PHE A 50 23.14 -47.75 11.85
N ASN A 51 23.47 -46.70 12.61
CA ASN A 51 22.82 -46.49 13.91
C ASN A 51 21.32 -46.31 13.72
N ILE A 52 20.91 -45.56 12.70
CA ILE A 52 19.49 -45.37 12.44
C ILE A 52 18.86 -46.66 11.93
N CYS A 53 19.61 -47.45 11.15
CA CYS A 53 19.09 -48.72 10.66
C CYS A 53 18.81 -49.67 11.82
N VAL A 54 19.76 -49.79 12.75
CA VAL A 54 19.55 -50.66 13.90
C VAL A 54 18.47 -50.10 14.81
N HIS A 55 18.55 -48.79 15.10
CA HIS A 55 17.55 -48.16 15.95
C HIS A 55 16.16 -48.34 15.37
N LEU A 56 16.03 -48.32 14.05
CA LEU A 56 14.74 -48.47 13.40
C LEU A 56 14.32 -49.94 13.32
N GLU A 57 15.28 -50.84 13.10
CA GLU A 57 14.96 -52.26 13.02
C GLU A 57 14.51 -52.80 14.38
N VAL A 58 15.20 -52.42 15.45
CA VAL A 58 14.86 -52.92 16.78
C VAL A 58 13.41 -52.63 17.11
N CYS A 59 12.90 -51.47 16.66
CA CYS A 59 11.49 -51.16 16.89
C CYS A 59 10.58 -52.16 16.19
N TYR A 60 10.92 -52.52 14.94
CA TYR A 60 10.11 -53.50 14.23
C TYR A 60 10.31 -54.90 14.80
N VAL A 61 11.51 -55.22 15.29
CA VAL A 61 11.72 -56.52 15.92
C VAL A 61 10.86 -56.65 17.17
N ILE A 62 10.63 -55.55 17.87
CA ILE A 62 9.75 -55.57 19.04
C ILE A 62 8.28 -55.66 18.61
N SER A 63 7.95 -55.01 17.49
CA SER A 63 6.55 -54.87 17.10
C SER A 63 6.04 -56.08 16.32
N ASP A 64 6.68 -56.36 15.18
CA ASP A 64 6.20 -57.31 14.17
C ASP A 64 5.32 -58.43 14.73
N MET A 65 5.85 -59.23 15.66
CA MET A 65 5.14 -60.44 16.07
C MET A 65 3.90 -60.15 16.90
N ASN A 66 3.88 -59.03 17.63
CA ASN A 66 2.82 -58.77 18.59
C ASN A 66 1.56 -58.28 17.87
N PHE A 67 0.41 -58.79 18.32
CA PHE A 67 -0.88 -58.38 17.81
C PHE A 67 -1.91 -58.46 18.94
N LEU A 68 -2.93 -57.62 18.85
CA LEU A 68 -4.03 -57.60 19.81
C LEU A 68 -5.26 -58.22 19.19
N ASP A 69 -6.01 -58.97 19.98
CA ASP A 69 -7.26 -59.55 19.53
C ASP A 69 -8.42 -58.60 19.80
N GLU A 70 -9.60 -58.96 19.29
CA GLU A 70 -10.75 -58.06 19.36
C GLU A 70 -11.24 -57.84 20.79
N GLU A 71 -10.94 -58.75 21.71
CA GLU A 71 -11.27 -58.53 23.11
C GLU A 71 -10.35 -57.48 23.73
N GLY A 72 -9.05 -57.63 23.52
CA GLY A 72 -8.07 -56.70 24.06
C GLY A 72 -6.94 -57.39 24.79
N LYS A 73 -6.31 -58.37 24.14
CA LYS A 73 -5.23 -59.13 24.75
C LYS A 73 -4.18 -59.44 23.69
N ALA A 74 -2.94 -59.54 24.14
CA ALA A 74 -1.79 -59.69 23.24
C ALA A 74 -1.55 -61.17 22.90
N TYR A 75 -1.05 -61.39 21.69
CA TYR A 75 -0.70 -62.74 21.25
C TYR A 75 0.28 -62.64 20.09
N THR A 76 0.95 -63.75 19.81
CA THR A 76 1.96 -63.80 18.77
C THR A 76 1.34 -64.26 17.45
N ALA A 77 1.78 -63.63 16.36
CA ALA A 77 1.33 -63.99 15.02
C ALA A 77 2.43 -64.73 14.28
N GLN A 85 -2.88 -62.36 11.56
CA GLN A 85 -4.26 -62.82 11.37
C GLN A 85 -5.23 -61.65 11.52
N ASN A 86 -5.22 -61.05 12.71
CA ASN A 86 -6.06 -59.89 12.99
C ASN A 86 -5.36 -58.62 12.54
N LEU A 87 -6.15 -57.67 12.07
CA LEU A 87 -5.61 -56.46 11.43
C LEU A 87 -5.52 -55.31 12.44
N ARG A 88 -4.67 -55.50 13.45
CA ARG A 88 -4.44 -54.45 14.45
C ARG A 88 -3.29 -54.83 15.37
N PRO A 89 -2.07 -54.36 15.09
CA PRO A 89 -0.93 -54.68 15.96
C PRO A 89 -1.05 -54.04 17.33
N GLN A 90 -0.21 -54.51 18.25
CA GLN A 90 -0.17 -53.96 19.60
C GLN A 90 0.69 -52.70 19.66
N TYR A 91 1.83 -52.70 19.00
CA TYR A 91 2.74 -51.57 18.98
C TYR A 91 2.52 -50.74 17.71
N GLU A 92 2.55 -49.42 17.86
CA GLU A 92 2.43 -48.49 16.75
C GLU A 92 3.79 -47.86 16.50
N VAL A 93 4.35 -48.11 15.31
CA VAL A 93 5.72 -47.69 14.99
C VAL A 93 5.69 -46.21 14.61
N ILE A 94 6.37 -45.38 15.39
CA ILE A 94 6.49 -43.97 15.11
C ILE A 94 7.82 -43.65 14.43
N GLU A 95 8.91 -44.24 14.90
CA GLU A 95 10.22 -44.02 14.30
C GLU A 95 10.24 -44.59 12.89
N GLY A 96 10.94 -43.90 11.99
CA GLY A 96 11.05 -44.33 10.62
C GLY A 96 10.25 -43.49 9.65
N MET A 97 9.07 -43.05 10.08
CA MET A 97 8.19 -42.29 9.22
C MET A 97 8.66 -40.83 9.12
N PRO A 98 8.15 -40.09 8.14
CA PRO A 98 8.44 -38.65 8.07
C PRO A 98 8.01 -37.93 9.35
N ARG A 99 8.58 -36.74 9.53
CA ARG A 99 8.28 -35.95 10.73
C ARG A 99 6.80 -35.61 10.81
N THR A 100 6.27 -34.94 9.78
CA THR A 100 4.89 -34.46 9.84
C THR A 100 3.91 -35.60 9.99
N ILE A 101 4.22 -36.78 9.46
CA ILE A 101 3.37 -37.95 9.68
C ILE A 101 3.54 -38.46 11.10
N ALA A 102 4.80 -38.59 11.55
CA ALA A 102 5.07 -39.13 12.88
C ALA A 102 4.42 -38.27 13.96
N TRP A 103 4.49 -36.95 13.83
CA TRP A 103 3.86 -36.07 14.81
C TRP A 103 2.33 -36.17 14.72
N MET A 104 1.80 -36.28 13.50
CA MET A 104 0.36 -36.49 13.35
C MET A 104 -0.08 -37.77 14.02
N VAL A 105 0.72 -38.83 13.91
CA VAL A 105 0.42 -40.08 14.61
C VAL A 105 0.50 -39.86 16.12
N GLN A 106 1.59 -39.24 16.57
CA GLN A 106 1.80 -39.05 18.01
C GLN A 106 0.70 -38.18 18.62
N ARG A 107 0.32 -37.11 17.93
CA ARG A 107 -0.71 -36.22 18.47
C ARG A 107 -2.10 -36.86 18.40
N SER A 108 -2.38 -37.57 17.30
CA SER A 108 -3.69 -38.22 17.16
C SER A 108 -3.88 -39.29 18.23
N LEU A 109 -2.82 -40.04 18.54
CA LEU A 109 -2.90 -41.04 19.61
C LEU A 109 -3.10 -40.36 20.96
N ALA A 110 -2.25 -39.37 21.27
CA ALA A 110 -2.34 -38.71 22.57
C ALA A 110 -3.69 -38.02 22.75
N GLN A 111 -4.22 -37.40 21.69
CA GLN A 111 -5.47 -36.68 21.81
C GLN A 111 -6.65 -37.64 21.92
N GLU A 112 -6.61 -38.75 21.18
CA GLU A 112 -7.70 -39.71 21.22
C GLU A 112 -7.72 -40.46 22.55
N HIS A 113 -6.56 -40.90 23.01
CA HIS A 113 -6.47 -41.58 24.31
C HIS A 113 -6.67 -40.62 25.47
N GLY A 114 -6.52 -39.32 25.24
CA GLY A 114 -6.74 -38.34 26.29
C GLY A 114 -5.58 -38.20 27.25
N ILE A 115 -4.39 -37.91 26.72
CA ILE A 115 -3.17 -37.76 27.52
C ILE A 115 -2.34 -36.62 26.93
N GLU A 116 -1.30 -36.25 27.66
CA GLU A 116 -0.43 -35.16 27.23
C GLU A 116 0.48 -35.62 26.09
N THR A 117 0.77 -34.69 25.19
CA THR A 117 1.63 -34.96 24.05
C THR A 117 3.09 -34.88 24.46
N PRO A 118 3.90 -35.92 24.24
CA PRO A 118 5.33 -35.81 24.52
C PRO A 118 5.96 -34.65 23.75
N LYS A 119 6.88 -33.94 24.41
CA LYS A 119 7.52 -32.79 23.79
C LYS A 119 8.56 -33.18 22.76
N TYR A 120 9.08 -34.40 22.82
CA TYR A 120 9.97 -34.94 21.81
C TYR A 120 9.29 -36.08 21.06
N LEU A 121 9.91 -36.50 19.97
CA LEU A 121 9.33 -37.49 19.07
C LEU A 121 9.66 -38.90 19.57
N ALA A 122 8.63 -39.65 19.95
CA ALA A 122 8.80 -41.00 20.46
C ALA A 122 9.06 -41.98 19.31
N ASP A 123 9.37 -43.21 19.69
CA ASP A 123 9.67 -44.27 18.72
C ASP A 123 8.53 -45.27 18.55
N LEU A 124 7.87 -45.67 19.63
CA LEU A 124 6.81 -46.66 19.58
C LEU A 124 5.66 -46.21 20.48
N PHE A 125 4.57 -46.96 20.44
CA PHE A 125 3.43 -46.70 21.31
C PHE A 125 2.65 -47.99 21.49
N ASP A 126 2.48 -48.43 22.74
CA ASP A 126 1.73 -49.64 23.05
C ASP A 126 0.26 -49.28 23.21
N TYR A 127 -0.61 -49.97 22.46
CA TYR A 127 -2.04 -49.68 22.51
C TYR A 127 -2.68 -50.19 23.80
N LYS A 128 -2.20 -51.32 24.33
CA LYS A 128 -2.80 -51.88 25.53
C LYS A 128 -2.44 -51.07 26.78
N THR A 129 -1.20 -50.58 26.85
CA THR A 129 -0.76 -49.79 27.99
C THR A 129 -1.14 -48.32 27.89
N LYS A 130 -1.41 -47.83 26.68
CA LYS A 130 -1.61 -46.40 26.44
C LYS A 130 -0.41 -45.60 26.94
N ARG A 131 0.77 -45.97 26.43
CA ARG A 131 2.02 -45.37 26.86
C ARG A 131 2.97 -45.30 25.66
N PHE A 132 3.63 -44.15 25.51
CA PHE A 132 4.65 -44.00 24.49
C PHE A 132 5.95 -44.65 24.94
N ILE A 133 6.74 -45.09 23.97
CA ILE A 133 7.97 -45.83 24.22
C ILE A 133 9.11 -45.17 23.46
N GLU A 134 10.29 -45.15 24.07
CA GLU A 134 11.48 -44.55 23.48
C GLU A 134 12.61 -45.57 23.53
N VAL A 135 13.08 -45.99 22.36
CA VAL A 135 14.10 -47.02 22.25
C VAL A 135 15.47 -46.35 22.16
N GLY A 136 16.47 -47.00 22.77
CA GLY A 136 17.83 -46.50 22.74
C GLY A 136 18.85 -47.61 22.57
N ILE A 137 19.77 -47.44 21.62
CA ILE A 137 20.77 -48.45 21.30
C ILE A 137 22.12 -47.88 21.73
N THR A 138 22.61 -48.32 22.89
CA THR A 138 23.90 -47.89 23.41
C THR A 138 24.96 -48.93 23.11
N LYS A 139 26.21 -48.56 23.40
CA LYS A 139 27.37 -49.43 23.20
C LYS A 139 27.90 -49.99 24.51
N GLY A 140 28.26 -49.13 25.45
CA GLY A 140 28.79 -49.57 26.72
C GLY A 140 27.72 -50.04 27.68
N LEU A 141 27.53 -49.31 28.77
CA LEU A 141 26.58 -49.69 29.80
C LEU A 141 25.18 -49.16 29.47
N ALA A 142 24.17 -49.92 29.88
CA ALA A 142 22.79 -49.49 29.68
C ALA A 142 22.36 -48.48 30.73
N ASP A 143 22.91 -48.57 31.95
CA ASP A 143 22.54 -47.64 33.01
C ASP A 143 23.02 -46.23 32.71
N ASP A 144 24.14 -46.10 31.97
CA ASP A 144 24.62 -44.77 31.59
C ASP A 144 23.65 -44.09 30.63
N TYR A 145 23.20 -44.82 29.61
CA TYR A 145 22.27 -44.26 28.63
C TYR A 145 20.86 -44.13 29.18
N PHE A 146 20.55 -44.81 30.29
CA PHE A 146 19.19 -44.80 30.83
C PHE A 146 18.89 -43.48 31.53
N TRP A 147 19.68 -43.14 32.55
CA TRP A 147 19.40 -41.96 33.36
C TRP A 147 19.67 -40.66 32.62
N LYS A 148 20.41 -40.70 31.52
CA LYS A 148 20.57 -39.50 30.69
C LYS A 148 19.28 -39.17 29.96
N LYS A 149 18.54 -40.20 29.53
CA LYS A 149 17.25 -39.97 28.90
C LYS A 149 16.21 -39.49 29.92
N LYS A 150 16.34 -39.91 31.18
CA LYS A 150 15.42 -39.46 32.22
C LYS A 150 15.52 -37.96 32.46
N GLU A 151 16.63 -37.33 32.08
CA GLU A 151 16.74 -35.88 32.20
C GLU A 151 15.83 -35.17 31.21
N LYS A 152 15.79 -35.65 29.97
CA LYS A 152 15.01 -35.00 28.92
C LYS A 152 13.53 -35.37 29.01
N LEU A 153 13.23 -36.67 29.03
CA LEU A 153 11.86 -37.14 28.95
C LEU A 153 11.16 -37.19 30.31
N GLY A 154 11.91 -37.29 31.41
CA GLY A 154 11.30 -37.38 32.73
C GLY A 154 10.65 -38.72 32.97
N ASN A 155 9.34 -38.78 32.76
CA ASN A 155 8.61 -40.05 32.81
C ASN A 155 7.40 -39.97 31.87
N SER A 156 7.63 -39.47 30.66
CA SER A 156 6.60 -39.40 29.63
C SER A 156 6.60 -40.65 28.76
N MET A 157 7.77 -41.09 28.31
CA MET A 157 7.91 -42.26 27.47
C MET A 157 8.57 -43.39 28.26
N GLU A 158 8.13 -44.62 28.00
CA GLU A 158 8.75 -45.79 28.62
C GLU A 158 10.09 -46.06 27.95
N LEU A 159 11.18 -45.96 28.72
CA LEU A 159 12.53 -46.10 28.18
C LEU A 159 12.88 -47.58 28.07
N MET A 160 13.25 -48.01 26.86
CA MET A 160 13.69 -49.38 26.60
C MET A 160 15.11 -49.31 26.03
N ILE A 161 16.11 -49.44 26.90
CA ILE A 161 17.51 -49.32 26.52
C ILE A 161 18.08 -50.71 26.30
N PHE A 162 18.87 -50.86 25.23
CA PHE A 162 19.52 -52.12 24.90
C PHE A 162 20.95 -51.84 24.47
N SER A 163 21.77 -52.89 24.46
CA SER A 163 23.17 -52.77 24.08
C SER A 163 23.58 -54.03 23.33
N TYR A 164 24.82 -54.03 22.84
CA TYR A 164 25.34 -55.15 22.06
C TYR A 164 25.86 -56.27 22.95
N ASN A 165 26.35 -55.95 24.16
CA ASN A 165 26.97 -56.94 25.04
C ASN A 165 26.00 -57.47 26.09
N GLN A 166 24.76 -57.74 25.70
CA GLN A 166 23.78 -58.39 26.58
C GLN A 166 23.52 -57.56 27.84
N ASP A 167 23.48 -56.24 27.69
CA ASP A 167 23.20 -55.34 28.79
C ASP A 167 22.03 -54.44 28.41
N TYR A 168 21.04 -54.35 29.28
CA TYR A 168 19.81 -53.63 28.97
C TYR A 168 19.25 -53.01 30.25
N SER A 169 18.26 -52.13 30.06
CA SER A 169 17.60 -51.45 31.17
C SER A 169 16.21 -51.03 30.71
N LEU A 170 15.19 -51.77 31.14
CA LEU A 170 13.80 -51.46 30.83
C LEU A 170 13.21 -50.61 31.94
N SER A 171 12.43 -49.59 31.55
CA SER A 171 11.73 -48.78 32.55
C SER A 171 10.57 -49.55 33.15
N ASN A 172 9.82 -50.29 32.33
CA ASN A 172 8.73 -51.12 32.79
C ASN A 172 9.09 -52.59 32.55
N GLU A 173 8.84 -53.43 33.55
CA GLU A 173 9.23 -54.84 33.47
C GLU A 173 8.26 -55.63 32.59
N SER A 174 6.95 -55.48 32.83
CA SER A 174 5.95 -56.26 32.12
C SER A 174 5.71 -55.79 30.69
N SER A 175 6.37 -54.70 30.25
CA SER A 175 6.17 -54.21 28.90
C SER A 175 6.71 -55.18 27.86
N LEU A 176 7.95 -55.62 28.03
CA LEU A 176 8.61 -56.54 27.12
C LEU A 176 8.97 -57.80 27.90
N ASP A 177 8.32 -58.91 27.56
CA ASP A 177 8.57 -60.17 28.24
C ASP A 177 9.89 -60.77 27.77
N GLU A 178 10.29 -61.87 28.40
CA GLU A 178 11.53 -62.55 28.07
C GLU A 178 11.46 -63.27 26.72
N GLU A 179 10.60 -62.79 25.81
CA GLU A 179 10.46 -63.36 24.48
C GLU A 179 11.29 -62.58 23.47
N GLY A 180 10.77 -61.44 23.02
CA GLY A 180 11.52 -60.60 22.10
C GLY A 180 12.85 -60.16 22.69
N LYS A 181 12.92 -59.98 24.01
CA LYS A 181 14.18 -59.65 24.65
C LYS A 181 15.32 -60.56 24.16
N GLY A 182 15.02 -61.81 23.81
CA GLY A 182 16.06 -62.67 23.28
C GLY A 182 16.42 -62.35 21.84
N ARG A 183 15.41 -62.07 21.02
CA ARG A 183 15.67 -61.79 19.61
C ARG A 183 16.43 -60.48 19.43
N VAL A 184 16.09 -59.47 20.24
CA VAL A 184 16.77 -58.18 20.13
C VAL A 184 18.24 -58.33 20.49
N LEU A 185 18.53 -58.93 21.65
CA LEU A 185 19.91 -59.12 22.06
C LEU A 185 20.65 -60.08 21.14
N SER A 186 19.95 -61.04 20.53
CA SER A 186 20.58 -61.93 19.57
C SER A 186 20.90 -61.20 18.28
N ARG A 187 19.98 -60.37 17.79
CA ARG A 187 20.22 -59.60 16.58
C ARG A 187 21.36 -58.60 16.78
N LEU A 188 21.40 -57.95 17.94
CA LEU A 188 22.46 -56.98 18.22
C LEU A 188 23.81 -57.68 18.30
N THR A 189 23.90 -58.77 19.05
CA THR A 189 25.16 -59.49 19.18
C THR A 189 25.56 -60.16 17.87
N GLU A 190 24.59 -60.56 17.05
CA GLU A 190 24.89 -61.15 15.75
C GLU A 190 25.37 -60.08 14.77
N LEU A 191 24.77 -58.89 14.83
CA LEU A 191 25.24 -57.78 14.00
C LEU A 191 26.61 -57.30 14.46
N GLN A 192 26.80 -57.17 15.78
CA GLN A 192 28.08 -56.73 16.31
C GLN A 192 29.18 -57.76 16.00
N ALA A 193 28.82 -59.04 15.94
CA ALA A 193 29.80 -60.05 15.56
C ALA A 193 30.14 -59.95 14.08
N GLU A 194 29.15 -59.64 13.24
CA GLU A 194 29.39 -59.52 11.80
C GLU A 194 30.22 -58.29 11.48
N LEU A 195 30.04 -57.20 12.22
CA LEU A 195 30.87 -56.01 12.00
C LEU A 195 32.32 -56.26 12.42
N SER A 196 32.52 -56.77 13.64
CA SER A 196 33.87 -57.06 14.10
C SER A 196 34.54 -58.15 13.30
N LEU A 197 33.76 -59.03 12.66
CA LEU A 197 34.34 -60.08 11.82
C LEU A 197 34.97 -59.49 10.56
N LYS A 198 34.34 -58.46 9.98
CA LYS A 198 34.79 -57.86 8.73
C LYS A 198 35.43 -56.49 8.95
N ASN A 199 35.88 -56.20 10.17
CA ASN A 199 36.66 -55.00 10.48
C ASN A 199 35.86 -53.73 10.17
N LEU A 200 34.57 -53.75 10.50
CA LEU A 200 33.70 -52.59 10.36
C LEU A 200 33.36 -51.94 11.68
N TRP A 201 33.80 -52.52 12.80
CA TRP A 201 33.50 -51.95 14.11
C TRP A 201 34.39 -50.76 14.43
N GLN A 202 35.62 -50.74 13.90
CA GLN A 202 36.53 -49.63 14.18
C GLN A 202 36.02 -48.33 13.61
N VAL A 203 35.31 -48.38 12.48
CA VAL A 203 34.75 -47.16 11.89
C VAL A 203 33.57 -46.66 12.72
N LEU A 204 32.82 -47.57 13.32
CA LEU A 204 31.67 -47.17 14.13
C LEU A 204 32.13 -46.56 15.46
N ILE A 205 33.16 -47.15 16.08
CA ILE A 205 33.66 -46.63 17.34
C ILE A 205 34.36 -45.29 17.13
N GLY A 206 35.00 -45.10 15.98
CA GLY A 206 35.68 -43.84 15.71
C GLY A 206 34.72 -42.69 15.56
N GLU A 207 35.27 -41.48 15.69
CA GLU A 207 34.47 -40.27 15.62
C GLU A 207 34.08 -39.97 14.18
N GLU A 208 32.91 -39.34 14.03
CA GLU A 208 32.37 -39.01 12.71
C GLU A 208 31.55 -37.73 12.84
N ASP A 209 32.13 -36.60 12.44
CA ASP A 209 31.44 -35.32 12.46
C ASP A 209 31.96 -34.48 11.32
N VAL A 210 31.06 -33.70 10.71
CA VAL A 210 31.40 -32.89 9.53
C VAL A 210 30.59 -31.61 9.57
N GLU A 211 31.14 -30.56 8.96
CA GLU A 211 30.44 -29.29 8.86
C GLU A 211 29.42 -29.32 7.72
N LYS A 212 28.29 -28.65 7.94
CA LYS A 212 27.17 -28.68 7.01
C LYS A 212 27.12 -27.35 6.26
N GLY A 213 27.94 -27.24 5.20
CA GLY A 213 27.91 -26.06 4.38
C GLY A 213 26.80 -26.08 3.35
N ILE A 214 26.42 -24.90 2.88
CA ILE A 214 25.38 -24.77 1.87
C ILE A 214 25.98 -25.08 0.50
N ASP A 215 25.44 -26.11 -0.15
CA ASP A 215 25.97 -26.56 -1.43
C ASP A 215 25.33 -25.73 -2.55
N PHE A 216 26.15 -24.93 -3.23
CA PHE A 216 25.67 -24.16 -4.38
C PHE A 216 26.89 -23.72 -5.18
N LYS A 217 27.09 -24.34 -6.35
CA LYS A 217 28.26 -24.06 -7.18
C LYS A 217 27.81 -23.91 -8.63
N LEU A 218 28.57 -23.11 -9.38
CA LEU A 218 28.19 -22.71 -10.73
C LEU A 218 28.78 -23.65 -11.77
N GLY A 219 27.99 -23.94 -12.80
CA GLY A 219 28.45 -24.76 -13.91
C GLY A 219 29.23 -23.94 -14.92
N GLN A 220 29.62 -24.62 -16.01
CA GLN A 220 30.45 -23.97 -17.02
C GLN A 220 29.66 -22.92 -17.79
N THR A 221 28.42 -23.21 -18.15
CA THR A 221 27.64 -22.28 -18.96
C THR A 221 27.37 -20.98 -18.21
N ILE A 222 26.82 -21.09 -17.00
CA ILE A 222 26.52 -19.88 -16.23
C ILE A 222 27.80 -19.16 -15.85
N SER A 223 28.86 -19.91 -15.56
CA SER A 223 30.15 -19.28 -15.27
C SER A 223 30.68 -18.56 -16.50
N ARG A 224 30.54 -19.17 -17.69
CA ARG A 224 31.00 -18.50 -18.91
C ARG A 224 30.16 -17.27 -19.22
N LEU A 225 28.87 -17.29 -18.88
CA LEU A 225 28.06 -16.09 -18.98
C LEU A 225 28.57 -15.01 -18.04
N ARG A 226 28.89 -15.38 -16.81
CA ARG A 226 29.36 -14.40 -15.84
C ARG A 226 30.69 -13.79 -16.25
N ASP A 227 31.55 -14.57 -16.93
CA ASP A 227 32.86 -14.05 -17.34
C ASP A 227 32.72 -12.97 -18.39
N ILE A 228 31.70 -13.04 -19.24
CA ILE A 228 31.47 -12.02 -20.27
C ILE A 228 30.49 -10.95 -19.82
N SER A 229 30.09 -10.97 -18.54
CA SER A 229 29.19 -9.97 -17.99
C SER A 229 29.95 -9.00 -17.11
N VAL A 230 31.07 -8.48 -17.61
CA VAL A 230 31.97 -7.68 -16.79
C VAL A 230 32.19 -6.33 -17.47
N PRO A 231 32.60 -5.31 -16.71
CA PRO A 231 32.93 -4.02 -17.33
C PRO A 231 34.13 -4.14 -18.25
N ALA A 232 34.36 -3.07 -19.02
CA ALA A 232 35.49 -3.04 -19.93
C ALA A 232 36.80 -2.90 -19.16
N GLY A 233 37.80 -3.69 -19.55
CA GLY A 233 39.08 -3.69 -18.88
C GLY A 233 39.20 -4.79 -17.85
N PHE A 234 38.61 -5.94 -18.15
CA PHE A 234 38.65 -7.09 -17.24
C PHE A 234 38.69 -8.35 -18.07
N SER A 235 39.60 -9.27 -17.72
CA SER A 235 39.73 -10.51 -18.48
C SER A 235 38.66 -11.53 -18.11
N ASN A 236 38.16 -11.50 -16.88
CA ASN A 236 37.15 -12.45 -16.45
C ASN A 236 36.48 -11.92 -15.18
N PHE A 237 35.56 -12.72 -14.64
CA PHE A 237 34.82 -12.31 -13.46
C PHE A 237 35.71 -12.27 -12.21
N GLU A 238 36.54 -13.29 -12.03
CA GLU A 238 37.43 -13.31 -10.87
C GLU A 238 38.23 -12.01 -10.78
N GLY A 239 38.62 -11.46 -11.94
CA GLY A 239 39.29 -10.17 -11.94
C GLY A 239 38.44 -9.08 -11.34
N MET A 240 37.17 -9.03 -11.73
CA MET A 240 36.26 -8.05 -11.14
C MET A 240 36.01 -8.35 -9.67
N ARG A 241 35.91 -9.63 -9.31
CA ARG A 241 35.67 -10.01 -7.92
C ARG A 241 36.81 -9.55 -7.03
N SER A 242 38.05 -9.81 -7.43
CA SER A 242 39.20 -9.39 -6.64
C SER A 242 39.37 -7.88 -6.66
N TYR A 243 39.13 -7.26 -7.82
CA TYR A 243 39.25 -5.80 -7.92
C TYR A 243 38.31 -5.11 -6.95
N ILE A 244 37.04 -5.55 -6.91
CA ILE A 244 36.06 -4.93 -6.03
C ILE A 244 36.43 -5.16 -4.57
N ASP A 245 36.83 -6.40 -4.23
CA ASP A 245 37.08 -6.75 -2.83
C ASP A 245 38.37 -6.15 -2.29
N ASN A 246 39.26 -5.64 -3.14
CA ASN A 246 40.58 -5.21 -2.71
C ASN A 246 40.78 -3.70 -2.85
N ILE A 247 40.76 -3.16 -4.06
CA ILE A 247 41.26 -1.81 -4.30
C ILE A 247 40.35 -0.78 -3.65
N ASP A 248 40.94 0.36 -3.28
CA ASP A 248 40.21 1.49 -2.71
C ASP A 248 40.13 2.60 -3.74
N PRO A 249 38.94 2.99 -4.21
CA PRO A 249 38.85 3.97 -5.30
C PRO A 249 38.76 5.42 -4.87
N LYS A 250 38.84 5.72 -3.57
CA LYS A 250 38.61 7.07 -3.07
C LYS A 250 39.35 8.09 -3.93
N GLY A 251 38.64 9.14 -4.32
CA GLY A 251 39.15 10.13 -5.25
C GLY A 251 38.69 9.96 -6.67
N ALA A 252 38.11 8.81 -7.02
CA ALA A 252 37.73 8.54 -8.40
C ALA A 252 36.63 9.50 -8.87
N ILE A 253 35.63 9.74 -8.03
CA ILE A 253 34.56 10.67 -8.41
C ILE A 253 35.15 12.02 -8.78
N GLU A 254 35.97 12.59 -7.90
CA GLU A 254 36.55 13.89 -8.16
C GLU A 254 37.54 13.86 -9.32
N ARG A 255 38.26 12.75 -9.48
CA ARG A 255 39.21 12.63 -10.58
C ARG A 255 38.50 12.48 -11.92
N ASN A 256 37.32 11.85 -11.93
CA ASN A 256 36.54 11.77 -13.16
C ASN A 256 35.90 13.11 -13.48
N LEU A 257 35.37 13.80 -12.47
CA LEU A 257 34.77 15.11 -12.68
C LEU A 257 35.77 16.14 -13.20
N ALA A 258 37.06 15.93 -12.94
CA ALA A 258 38.08 16.84 -13.48
C ALA A 258 38.23 16.66 -14.98
N ARG A 259 38.32 15.40 -15.44
CA ARG A 259 38.57 15.12 -16.85
C ARG A 259 37.31 15.15 -17.70
N MET A 260 36.12 15.21 -17.09
CA MET A 260 34.89 15.28 -17.85
C MET A 260 34.74 16.66 -18.49
N SER A 261 34.05 16.69 -19.63
CA SER A 261 33.98 17.90 -20.43
C SER A 261 33.11 18.95 -19.72
N PRO A 262 33.40 20.24 -19.91
CA PRO A 262 32.50 21.27 -19.37
C PRO A 262 31.15 21.31 -20.03
N LEU A 263 31.03 20.83 -21.27
CA LEU A 263 29.75 20.85 -21.97
C LEU A 263 28.68 20.08 -21.22
N VAL A 264 29.08 19.08 -20.44
CA VAL A 264 28.14 18.34 -19.60
C VAL A 264 27.76 19.24 -18.43
N SER A 265 26.53 19.74 -18.43
CA SER A 265 26.07 20.64 -17.38
C SER A 265 24.55 20.67 -17.38
N VAL A 266 23.99 21.39 -16.40
CA VAL A 266 22.54 21.54 -16.31
C VAL A 266 22.05 22.83 -16.93
N THR A 267 22.96 23.76 -17.25
CA THR A 267 22.62 25.04 -17.86
C THR A 267 21.43 25.69 -17.13
N PRO A 268 21.55 25.95 -15.84
CA PRO A 268 20.44 26.53 -15.10
C PRO A 268 20.27 28.02 -15.39
N LYS A 269 19.01 28.45 -15.38
CA LYS A 269 18.66 29.85 -15.57
C LYS A 269 17.52 30.21 -14.62
N LYS A 270 17.62 31.38 -14.00
CA LYS A 270 16.56 31.82 -13.10
C LYS A 270 15.35 32.24 -13.90
N LEU A 271 14.17 31.84 -13.41
CA LEU A 271 12.94 32.06 -14.15
C LEU A 271 12.39 33.46 -13.89
N THR A 272 12.08 34.17 -14.97
CA THR A 272 11.40 35.46 -14.90
C THR A 272 10.11 35.39 -15.71
N TRP A 273 9.23 36.35 -15.45
CA TRP A 273 7.88 36.27 -16.02
C TRP A 273 7.89 36.41 -17.54
N GLU A 274 8.79 37.23 -18.09
CA GLU A 274 8.82 37.37 -19.54
C GLU A 274 9.34 36.11 -20.22
N ASP A 275 9.96 35.20 -19.48
CA ASP A 275 10.36 33.91 -20.04
C ASP A 275 9.16 33.00 -20.25
N LEU A 276 8.03 33.28 -19.61
CA LEU A 276 6.81 32.47 -19.76
C LEU A 276 6.03 32.99 -20.95
N ARG A 277 6.33 32.44 -22.12
CA ARG A 277 5.61 32.78 -23.35
C ARG A 277 4.30 31.99 -23.41
N PRO A 278 3.23 32.59 -23.94
CA PRO A 278 1.95 31.86 -24.03
C PRO A 278 2.11 30.50 -24.69
N ILE A 279 1.48 29.49 -24.09
CA ILE A 279 1.60 28.12 -24.57
C ILE A 279 0.66 27.92 -25.77
N GLY A 280 1.13 27.18 -26.76
CA GLY A 280 0.33 26.88 -27.93
C GLY A 280 0.10 28.09 -28.79
N PRO A 281 1.15 28.52 -29.51
CA PRO A 281 0.98 29.68 -30.40
C PRO A 281 0.06 29.42 -31.58
N HIS A 282 -0.11 28.17 -31.98
CA HIS A 282 -0.88 27.87 -33.19
C HIS A 282 -2.39 27.93 -32.98
N ILE A 283 -2.86 27.91 -31.74
CA ILE A 283 -4.30 27.89 -31.50
C ILE A 283 -4.93 29.24 -31.83
N TYR A 284 -4.14 30.31 -31.85
CA TYR A 284 -4.65 31.63 -32.21
C TYR A 284 -4.62 31.88 -33.71
N ASN A 285 -3.99 30.99 -34.48
CA ASN A 285 -3.83 31.19 -35.92
C ASN A 285 -5.13 30.85 -36.64
N HIS A 286 -5.66 31.81 -37.39
CA HIS A 286 -6.91 31.62 -38.12
C HIS A 286 -6.73 30.77 -39.37
N GLU A 287 -5.50 30.52 -39.81
CA GLU A 287 -5.28 29.67 -40.97
C GLU A 287 -5.72 28.23 -40.72
N LEU A 288 -5.83 27.82 -39.47
CA LEU A 288 -6.28 26.48 -39.12
C LEU A 288 -7.80 26.43 -39.00
N PRO A 289 -8.39 25.24 -39.05
CA PRO A 289 -9.82 25.11 -38.81
C PRO A 289 -10.12 25.03 -37.32
N GLU A 290 -11.21 25.69 -36.92
CA GLU A 290 -11.56 25.72 -35.50
C GLU A 290 -12.03 24.34 -35.03
N VAL A 291 -11.78 24.07 -33.76
CA VAL A 291 -11.98 22.71 -33.23
C VAL A 291 -13.47 22.37 -33.26
N PRO A 292 -13.87 21.18 -33.68
CA PRO A 292 -15.28 20.83 -33.72
C PRO A 292 -15.76 20.16 -32.44
N TYR A 293 -17.07 20.28 -32.21
CA TYR A 293 -17.72 19.57 -31.12
C TYR A 293 -17.62 18.07 -31.35
N ASN A 294 -17.07 17.35 -30.36
CA ASN A 294 -16.80 15.92 -30.52
C ASN A 294 -17.24 15.11 -29.32
N ALA A 295 -18.16 15.63 -28.50
CA ALA A 295 -18.63 14.88 -27.36
C ALA A 295 -19.57 13.76 -27.80
N PHE A 296 -19.86 12.85 -26.88
CA PHE A 296 -20.72 11.72 -27.19
C PHE A 296 -22.17 12.17 -27.31
N LEU A 297 -22.63 12.99 -26.37
CA LEU A 297 -23.96 13.58 -26.42
C LEU A 297 -23.86 15.09 -26.36
N LEU A 298 -24.97 15.75 -26.66
CA LEU A 298 -25.05 17.20 -26.49
C LEU A 298 -25.08 17.54 -25.01
N MET A 299 -24.62 18.76 -24.70
CA MET A 299 -24.57 19.22 -23.31
C MET A 299 -25.42 20.47 -23.13
N SER A 300 -24.99 21.63 -23.62
CA SER A 300 -25.77 22.85 -23.43
C SER A 300 -26.94 22.92 -24.41
N ASP A 301 -26.74 22.46 -25.64
CA ASP A 301 -27.74 22.58 -26.69
C ASP A 301 -28.86 21.56 -26.56
N GLU A 302 -28.81 20.68 -25.55
CA GLU A 302 -29.81 19.62 -25.43
C GLU A 302 -31.22 20.21 -25.30
N LEU A 303 -32.21 19.36 -25.54
CA LEU A 303 -33.61 19.76 -25.41
C LEU A 303 -34.38 18.53 -24.96
N GLY A 304 -34.81 18.51 -23.71
CA GLY A 304 -35.51 17.36 -23.15
C GLY A 304 -37.02 17.50 -23.21
N LEU A 305 -37.68 16.52 -23.84
CA LEU A 305 -39.14 16.49 -23.88
C LEU A 305 -39.66 16.01 -22.52
N ALA A 306 -40.39 16.86 -21.84
CA ALA A 306 -40.83 16.57 -20.48
C ALA A 306 -42.10 15.71 -20.47
N ASN A 307 -42.34 15.09 -19.32
CA ASN A 307 -43.54 14.27 -19.13
C ASN A 307 -43.76 14.09 -17.63
N MET A 308 -44.85 14.63 -17.11
CA MET A 308 -45.14 14.51 -15.69
C MET A 308 -45.59 13.09 -15.37
N THR A 309 -44.97 12.48 -14.36
CA THR A 309 -45.24 11.10 -13.98
C THR A 309 -45.43 11.03 -12.47
N GLU A 310 -45.69 9.81 -11.98
CA GLU A 310 -45.79 9.57 -10.55
C GLU A 310 -44.47 9.83 -9.85
N GLY A 311 -43.35 9.65 -10.55
CA GLY A 311 -42.04 9.72 -9.97
C GLY A 311 -41.42 8.37 -9.66
N LYS A 312 -41.77 7.33 -10.40
CA LYS A 312 -41.25 5.99 -10.16
C LYS A 312 -40.89 5.35 -11.49
N SER A 313 -40.00 4.36 -11.43
CA SER A 313 -39.40 3.81 -12.63
C SER A 313 -40.43 3.11 -13.50
N LYS A 314 -40.30 3.32 -14.81
CA LYS A 314 -41.09 2.62 -15.83
C LYS A 314 -40.13 2.07 -16.87
N LYS A 315 -40.68 1.33 -17.84
CA LYS A 315 -39.82 0.75 -18.88
C LYS A 315 -39.38 1.83 -19.85
N PRO A 316 -38.15 1.74 -20.39
CA PRO A 316 -37.63 2.84 -21.20
C PRO A 316 -38.41 3.07 -22.48
N LYS A 317 -38.89 1.99 -23.11
CA LYS A 317 -39.71 2.15 -24.31
C LYS A 317 -41.02 2.82 -23.98
N THR A 318 -41.70 2.37 -22.91
CA THR A 318 -42.96 2.98 -22.52
C THR A 318 -42.77 4.45 -22.15
N LEU A 319 -41.63 4.80 -21.57
CA LEU A 319 -41.37 6.20 -21.24
C LEU A 319 -41.25 7.04 -22.50
N ALA A 320 -40.43 6.60 -23.45
CA ALA A 320 -40.28 7.34 -24.71
C ALA A 320 -41.59 7.35 -25.50
N LYS A 321 -42.43 6.34 -25.34
CA LYS A 321 -43.72 6.32 -26.02
C LYS A 321 -44.66 7.37 -25.45
N GLU A 322 -44.74 7.46 -24.12
CA GLU A 322 -45.62 8.44 -23.49
C GLU A 322 -45.07 9.85 -23.62
N CYS A 323 -43.74 9.99 -23.72
CA CYS A 323 -43.16 11.31 -24.00
C CYS A 323 -43.52 11.76 -25.41
N LEU A 324 -43.39 10.86 -26.38
CA LEU A 324 -43.77 11.18 -27.75
C LEU A 324 -45.29 11.26 -27.91
N GLU A 325 -46.04 10.59 -27.02
CA GLU A 325 -47.49 10.76 -27.01
C GLU A 325 -47.87 12.20 -26.67
N LYS A 326 -47.19 12.78 -25.68
CA LYS A 326 -47.45 14.17 -25.32
C LYS A 326 -47.05 15.12 -26.44
N TYR A 327 -45.83 14.97 -26.96
CA TYR A 327 -45.32 15.82 -28.02
C TYR A 327 -45.37 15.07 -29.35
N SER A 328 -46.60 14.83 -29.81
CA SER A 328 -46.83 14.06 -31.03
C SER A 328 -46.59 14.87 -32.30
N THR A 329 -46.67 16.20 -32.23
CA THR A 329 -46.42 17.02 -33.41
C THR A 329 -45.04 16.74 -33.98
N LEU A 330 -44.05 16.52 -33.11
CA LEU A 330 -42.70 16.21 -33.58
C LEU A 330 -42.57 14.73 -33.94
N ARG A 331 -43.23 13.85 -33.18
CA ARG A 331 -43.14 12.42 -33.44
C ARG A 331 -43.71 12.08 -34.81
N ASP A 332 -44.86 12.67 -35.15
CA ASP A 332 -45.54 12.35 -36.40
C ASP A 332 -44.91 13.02 -37.61
N GLN A 333 -43.96 13.94 -37.42
CA GLN A 333 -43.33 14.65 -38.53
C GLN A 333 -42.49 13.66 -39.34
N THR A 334 -43.02 13.24 -40.48
CA THR A 334 -42.29 12.40 -41.42
C THR A 334 -41.65 13.18 -42.56
N ASP A 335 -41.91 14.49 -42.64
CA ASP A 335 -41.36 15.32 -43.71
C ASP A 335 -40.00 15.85 -43.28
N PRO A 336 -38.91 15.46 -43.93
CA PRO A 336 -37.58 15.90 -43.50
C PRO A 336 -37.24 17.28 -44.03
N ILE A 337 -36.97 18.21 -43.12
CA ILE A 337 -36.50 19.54 -43.49
C ILE A 337 -35.03 19.64 -43.10
N LEU A 338 -34.14 19.36 -44.05
CA LEU A 338 -32.72 19.25 -43.76
C LEU A 338 -32.07 20.62 -43.72
N ILE A 339 -31.45 20.95 -42.59
CA ILE A 339 -30.80 22.24 -42.39
C ILE A 339 -29.31 22.17 -42.69
N MET A 340 -28.61 21.22 -42.08
CA MET A 340 -27.18 21.06 -42.26
C MET A 340 -26.84 19.58 -42.33
N LYS A 341 -25.73 19.27 -43.00
CA LYS A 341 -25.41 17.88 -43.35
C LYS A 341 -23.93 17.61 -43.16
N SER A 342 -23.61 16.53 -42.45
CA SER A 342 -22.22 16.13 -42.26
C SER A 342 -21.64 15.65 -43.59
N GLU A 343 -20.34 15.93 -43.77
CA GLU A 343 -19.70 15.71 -45.07
C GLU A 343 -19.99 14.31 -45.61
N LYS A 344 -19.80 13.28 -44.79
CA LYS A 344 -19.90 11.90 -45.25
C LYS A 344 -21.09 11.19 -44.66
N ALA A 345 -22.27 11.81 -44.71
CA ALA A 345 -23.50 11.25 -44.15
C ALA A 345 -24.50 11.01 -45.27
N ASN A 346 -25.61 10.34 -44.92
CA ASN A 346 -26.64 9.95 -45.88
C ASN A 346 -28.00 10.38 -45.33
N GLU A 347 -28.44 11.58 -45.74
CA GLU A 347 -29.76 12.09 -45.36
C GLU A 347 -30.80 10.99 -45.29
N ASN A 348 -30.97 10.26 -46.38
CA ASN A 348 -32.02 9.25 -46.47
C ASN A 348 -31.87 8.20 -45.38
N PHE A 349 -30.71 7.54 -45.34
CA PHE A 349 -30.49 6.50 -44.34
C PHE A 349 -30.76 7.02 -42.93
N LEU A 350 -30.17 8.17 -42.59
CA LEU A 350 -30.32 8.70 -41.24
C LEU A 350 -31.79 8.97 -40.92
N TRP A 351 -32.50 9.64 -41.83
CA TRP A 351 -33.90 9.94 -41.58
C TRP A 351 -34.74 8.67 -41.53
N LYS A 352 -34.45 7.72 -42.43
CA LYS A 352 -35.10 6.42 -42.34
C LYS A 352 -34.83 5.78 -40.99
N LEU A 353 -33.61 5.91 -40.49
CA LEU A 353 -33.29 5.37 -39.17
C LEU A 353 -34.11 6.08 -38.09
N TRP A 354 -34.13 7.42 -38.12
CA TRP A 354 -34.90 8.17 -37.14
C TRP A 354 -36.37 7.74 -37.17
N ARG A 355 -36.95 7.60 -38.36
CA ARG A 355 -38.33 7.14 -38.45
C ARG A 355 -38.48 5.71 -37.95
N ASP A 356 -37.49 4.85 -38.26
CA ASP A 356 -37.55 3.48 -37.76
C ASP A 356 -37.48 3.46 -36.24
N CYS A 357 -36.61 4.27 -35.65
CA CYS A 357 -36.57 4.37 -34.19
C CYS A 357 -37.89 4.86 -33.64
N VAL A 358 -38.35 6.01 -34.13
CA VAL A 358 -39.59 6.61 -33.63
C VAL A 358 -40.72 5.60 -33.68
N ASN A 359 -40.91 4.96 -34.84
CA ASN A 359 -42.02 4.03 -35.00
C ASN A 359 -41.81 2.76 -34.16
N THR A 360 -40.59 2.25 -34.11
CA THR A 360 -40.33 1.05 -33.33
C THR A 360 -40.65 1.28 -31.86
N ILE A 361 -40.22 2.42 -31.31
CA ILE A 361 -40.50 2.73 -29.91
C ILE A 361 -41.98 3.00 -29.71
N SER A 362 -42.65 3.58 -30.71
CA SER A 362 -44.05 3.92 -30.58
C SER A 362 -44.98 2.72 -30.68
N ASN A 363 -44.49 1.59 -31.18
CA ASN A 363 -45.38 0.46 -31.45
C ASN A 363 -45.82 -0.22 -30.15
N GLU A 364 -46.76 -1.15 -30.30
CA GLU A 364 -47.38 -1.79 -29.15
C GLU A 364 -46.59 -2.96 -28.58
N GLU A 365 -45.62 -3.49 -29.33
CA GLU A 365 -44.93 -4.70 -28.90
C GLU A 365 -43.83 -4.37 -27.89
N MET A 366 -43.30 -5.43 -27.28
CA MET A 366 -42.32 -5.28 -26.21
C MET A 366 -40.94 -4.91 -26.76
N SER A 367 -40.44 -5.68 -27.71
CA SER A 367 -39.04 -5.58 -28.10
C SER A 367 -38.71 -4.20 -28.64
N ASN A 368 -37.54 -3.70 -28.27
CA ASN A 368 -36.98 -2.48 -28.82
C ASN A 368 -35.95 -2.76 -29.91
N GLU A 369 -36.02 -3.94 -30.52
CA GLU A 369 -35.06 -4.32 -31.55
C GLU A 369 -35.39 -3.65 -32.87
N LEU A 370 -34.34 -3.36 -33.63
CA LEU A 370 -34.47 -2.66 -34.90
C LEU A 370 -34.08 -3.58 -36.04
N GLN A 371 -34.85 -3.53 -37.14
CA GLN A 371 -34.59 -4.40 -38.27
C GLN A 371 -33.25 -4.06 -38.90
N LYS A 372 -32.49 -5.10 -39.26
CA LYS A 372 -31.13 -4.93 -39.77
C LYS A 372 -31.19 -4.54 -41.25
N THR A 373 -31.56 -3.28 -41.47
CA THR A 373 -31.82 -2.76 -42.81
C THR A 373 -30.52 -2.33 -43.49
N ASN A 374 -30.65 -1.84 -44.72
CA ASN A 374 -29.49 -1.32 -45.44
C ASN A 374 -29.07 0.05 -44.91
N TYR A 375 -30.02 0.84 -44.39
CA TYR A 375 -29.66 2.11 -43.78
C TYR A 375 -29.12 1.91 -42.37
N ALA A 376 -29.64 0.92 -41.63
CA ALA A 376 -29.07 0.60 -40.32
C ALA A 376 -27.69 -0.02 -40.45
N LYS A 377 -27.46 -0.80 -41.52
CA LYS A 377 -26.16 -1.41 -41.75
C LYS A 377 -25.11 -0.39 -42.16
N TRP A 378 -25.52 0.75 -42.71
CA TRP A 378 -24.57 1.82 -43.00
C TRP A 378 -24.28 2.64 -41.75
N ALA A 379 -25.32 3.03 -41.01
CA ALA A 379 -25.12 3.86 -39.82
C ALA A 379 -24.43 3.08 -38.72
N THR A 380 -24.60 1.76 -38.68
CA THR A 380 -23.87 0.93 -37.74
C THR A 380 -22.48 0.56 -38.26
N GLY A 381 -22.31 0.52 -39.57
CA GLY A 381 -21.03 0.12 -40.15
C GLY A 381 -20.88 -1.38 -40.20
N ASP A 382 -21.84 -2.04 -40.84
CA ASP A 382 -21.83 -3.50 -40.90
C ASP A 382 -20.72 -3.98 -41.83
N GLY A 383 -20.09 -5.09 -41.44
CA GLY A 383 -19.11 -5.75 -42.28
C GLY A 383 -17.89 -4.92 -42.66
N LEU A 384 -17.73 -3.75 -42.04
CA LEU A 384 -16.63 -2.86 -42.41
C LEU A 384 -15.29 -3.35 -41.92
N THR A 385 -15.23 -4.36 -41.06
CA THR A 385 -13.95 -4.88 -40.62
C THR A 385 -13.25 -5.60 -41.76
N TYR A 386 -11.93 -5.56 -41.74
CA TYR A 386 -11.15 -6.19 -42.79
C TYR A 386 -11.01 -7.69 -42.49
N GLN A 387 -10.75 -8.46 -43.55
CA GLN A 387 -10.64 -9.90 -43.44
C GLN A 387 -9.21 -10.28 -43.09
N LYS A 388 -9.07 -11.16 -42.10
CA LYS A 388 -7.76 -11.67 -41.70
C LYS A 388 -7.33 -12.79 -42.64
N ILE A 389 -6.05 -12.79 -43.02
CA ILE A 389 -5.51 -13.79 -43.93
C ILE A 389 -4.16 -14.27 -43.39
N MET A 390 -3.66 -15.34 -44.00
CA MET A 390 -2.39 -15.92 -43.58
C MET A 390 -1.24 -14.96 -43.84
N LYS A 391 -0.19 -15.09 -43.02
CA LYS A 391 1.01 -14.30 -43.25
C LYS A 391 1.67 -14.66 -44.57
N GLU A 392 1.59 -15.93 -44.97
CA GLU A 392 2.21 -16.36 -46.22
C GLU A 392 1.61 -15.63 -47.42
N VAL A 393 0.31 -15.35 -47.38
CA VAL A 393 -0.33 -14.64 -48.48
C VAL A 393 0.09 -13.17 -48.47
N ALA A 394 -0.01 -12.51 -47.31
CA ALA A 394 0.28 -11.08 -47.24
C ALA A 394 1.73 -10.79 -47.60
N ILE A 395 2.65 -11.70 -47.29
CA ILE A 395 4.05 -11.52 -47.67
C ILE A 395 4.19 -11.50 -49.18
N ASP A 396 3.44 -12.37 -49.87
CA ASP A 396 3.51 -12.41 -51.34
C ASP A 396 2.78 -11.22 -51.95
N ASP A 397 1.63 -10.84 -51.39
CA ASP A 397 0.83 -9.75 -51.93
C ASP A 397 1.58 -8.43 -51.73
N GLU A 398 2.11 -7.87 -52.82
CA GLU A 398 2.93 -6.67 -52.73
C GLU A 398 2.12 -5.39 -52.64
N THR A 399 0.80 -5.46 -52.85
CA THR A 399 -0.04 -4.29 -52.67
C THR A 399 -0.31 -3.98 -51.20
N MET A 400 -0.13 -4.95 -50.31
CA MET A 400 -0.37 -4.75 -48.89
C MET A 400 0.81 -4.04 -48.24
N CYS A 401 0.50 -3.08 -47.38
CA CYS A 401 1.52 -2.28 -46.73
C CYS A 401 1.07 -1.89 -45.34
N GLN A 402 2.02 -1.44 -44.52
CA GLN A 402 1.73 -0.90 -43.21
C GLN A 402 1.14 0.49 -43.36
N GLU A 403 -0.04 0.71 -42.79
CA GLU A 403 -0.71 2.00 -42.92
C GLU A 403 0.09 3.09 -42.20
N GLU A 404 0.19 4.25 -42.83
CA GLU A 404 0.67 5.42 -42.13
C GLU A 404 -0.36 5.85 -41.10
N PRO A 405 0.06 6.18 -39.88
CA PRO A 405 -0.91 6.41 -38.81
C PRO A 405 -1.60 7.76 -38.94
N LYS A 406 -2.86 7.79 -38.54
CA LYS A 406 -3.64 9.02 -38.51
C LYS A 406 -3.20 9.84 -37.30
N ILE A 407 -2.67 11.03 -37.55
CA ILE A 407 -2.28 11.94 -36.48
C ILE A 407 -3.37 12.99 -36.32
N PRO A 408 -3.74 13.36 -35.09
CA PRO A 408 -4.79 14.37 -34.91
C PRO A 408 -4.46 15.67 -35.63
N ASN A 409 -5.52 16.34 -36.09
CA ASN A 409 -5.38 17.60 -36.79
C ASN A 409 -5.08 18.73 -35.82
N LYS A 410 -4.49 19.80 -36.35
CA LYS A 410 -4.16 21.00 -35.57
C LYS A 410 -5.33 21.97 -35.68
N CYS A 411 -6.12 22.06 -34.62
CA CYS A 411 -7.29 22.93 -34.59
C CYS A 411 -6.98 24.21 -33.84
N ARG A 412 -7.76 25.24 -34.15
CA ARG A 412 -7.63 26.53 -33.46
C ARG A 412 -8.79 26.71 -32.48
N VAL A 413 -8.70 27.80 -31.71
CA VAL A 413 -9.67 28.04 -30.63
C VAL A 413 -11.05 28.25 -31.21
N ALA A 414 -12.06 27.73 -30.51
CA ALA A 414 -13.45 27.89 -30.90
C ALA A 414 -14.24 28.40 -29.69
N ALA A 415 -15.16 29.34 -29.95
CA ALA A 415 -15.89 29.99 -28.87
C ALA A 415 -17.04 29.16 -28.32
N TRP A 416 -17.39 28.04 -28.96
CA TRP A 416 -18.46 27.21 -28.43
C TRP A 416 -18.04 26.54 -27.12
N VAL A 417 -16.74 26.26 -26.97
CA VAL A 417 -16.25 25.75 -25.69
C VAL A 417 -16.49 26.78 -24.60
N GLN A 418 -16.03 28.01 -24.83
CA GLN A 418 -16.26 29.10 -23.89
C GLN A 418 -17.73 29.19 -23.50
N THR A 419 -18.63 29.09 -24.49
CA THR A 419 -20.04 29.22 -24.21
C THR A 419 -20.58 28.00 -23.50
N GLU A 420 -20.08 26.81 -23.85
CA GLU A 420 -20.42 25.60 -23.10
C GLU A 420 -20.08 25.79 -21.62
N MET A 421 -18.87 26.26 -21.34
CA MET A 421 -18.45 26.51 -19.97
C MET A 421 -19.37 27.53 -19.31
N ASN A 422 -19.65 28.63 -20.00
CA ASN A 422 -20.48 29.68 -19.42
C ASN A 422 -21.86 29.15 -19.05
N LEU A 423 -22.44 28.30 -19.92
CA LEU A 423 -23.82 27.87 -19.73
C LEU A 423 -23.92 26.68 -18.78
N LEU A 424 -23.00 25.71 -18.91
CA LEU A 424 -23.04 24.53 -18.04
C LEU A 424 -22.86 24.90 -16.57
N SER A 425 -22.25 26.05 -16.27
CA SER A 425 -21.99 26.45 -14.90
C SER A 425 -23.15 27.21 -14.27
N THR A 426 -24.20 27.51 -15.01
CA THR A 426 -25.26 28.38 -14.53
C THR A 426 -26.38 27.57 -13.88
N LEU A 427 -27.19 28.27 -13.08
CA LEU A 427 -28.29 27.65 -12.34
C LEU A 427 -29.52 27.48 -13.23
N THR A 428 -30.38 26.55 -12.82
CA THR A 428 -31.67 26.33 -13.46
C THR A 428 -32.70 26.20 -12.34
N SER A 429 -33.87 25.67 -12.68
CA SER A 429 -34.92 25.35 -11.72
C SER A 429 -35.19 23.85 -11.67
N LYS A 430 -34.23 23.02 -12.11
CA LYS A 430 -34.48 21.60 -12.33
C LYS A 430 -33.35 20.81 -11.69
N ARG A 431 -33.70 19.97 -10.72
CA ARG A 431 -32.75 19.09 -10.05
C ARG A 431 -32.78 17.71 -10.70
N ALA A 432 -31.60 17.18 -11.03
CA ALA A 432 -31.50 15.94 -11.78
C ALA A 432 -30.89 14.78 -11.01
N LEU A 433 -30.16 15.04 -9.93
CA LEU A 433 -29.41 13.99 -9.25
C LEU A 433 -30.35 12.96 -8.63
N ASP A 434 -29.82 11.74 -8.45
CA ASP A 434 -30.57 10.59 -7.96
C ASP A 434 -30.01 10.09 -6.64
N LEU A 435 -29.56 10.99 -5.79
CA LEU A 435 -28.80 10.61 -4.60
C LEU A 435 -29.65 9.78 -3.65
N PRO A 436 -29.25 8.56 -3.32
CA PRO A 436 -30.06 7.69 -2.46
C PRO A 436 -29.93 8.08 -0.99
N GLU A 437 -30.62 7.31 -0.15
CA GLU A 437 -30.68 7.61 1.28
C GLU A 437 -29.42 7.12 1.99
N ILE A 438 -29.27 7.57 3.23
CA ILE A 438 -28.18 7.15 4.11
C ILE A 438 -28.76 6.91 5.50
N GLY A 439 -27.89 6.48 6.41
CA GLY A 439 -28.29 6.21 7.78
C GLY A 439 -28.60 7.48 8.54
N PRO A 440 -29.20 7.36 9.71
CA PRO A 440 -29.57 8.54 10.50
C PRO A 440 -28.36 9.17 11.17
N ASP A 441 -28.44 10.49 11.36
CA ASP A 441 -27.36 11.23 11.98
C ASP A 441 -27.43 11.09 13.50
N VAL A 442 -26.27 10.88 14.11
CA VAL A 442 -26.16 10.78 15.57
C VAL A 442 -25.09 11.73 16.05
N ALA A 443 -23.86 11.55 15.56
CA ALA A 443 -22.75 12.37 16.01
C ALA A 443 -22.85 13.77 15.42
N PRO A 444 -22.39 14.80 16.17
CA PRO A 444 -22.43 16.16 15.62
C PRO A 444 -21.74 16.30 14.27
N VAL A 445 -20.68 15.53 14.03
CA VAL A 445 -20.01 15.59 12.73
C VAL A 445 -21.00 15.27 11.62
N GLU A 446 -21.87 14.29 11.86
CA GLU A 446 -22.85 13.89 10.85
C GLU A 446 -23.92 14.96 10.66
N HIS A 447 -24.26 15.69 11.73
CA HIS A 447 -25.21 16.79 11.59
C HIS A 447 -24.59 18.00 10.91
N VAL A 448 -23.29 18.22 11.13
CA VAL A 448 -22.58 19.26 10.40
C VAL A 448 -22.48 18.91 8.92
N GLY A 449 -22.18 17.64 8.62
CA GLY A 449 -22.09 17.22 7.24
C GLY A 449 -23.41 17.30 6.53
N SER A 450 -24.48 16.83 7.19
CA SER A 450 -25.81 16.90 6.57
C SER A 450 -26.23 18.34 6.32
N GLU A 451 -25.98 19.22 7.29
CA GLU A 451 -26.27 20.64 7.09
C GLU A 451 -25.40 21.24 5.99
N ARG A 452 -24.17 20.76 5.85
CA ARG A 452 -23.30 21.25 4.79
C ARG A 452 -23.79 20.80 3.42
N ARG A 453 -24.35 19.59 3.33
CA ARG A 453 -24.81 19.08 2.04
C ARG A 453 -25.93 19.94 1.48
N LYS A 454 -26.80 20.47 2.34
CA LYS A 454 -27.89 21.32 1.87
C LYS A 454 -27.36 22.52 1.10
N TYR A 455 -26.17 23.01 1.46
CA TYR A 455 -25.56 24.12 0.75
C TYR A 455 -24.70 23.65 -0.41
N PHE A 456 -23.86 22.63 -0.18
CA PHE A 456 -22.94 22.18 -1.22
C PHE A 456 -23.69 21.44 -2.33
N VAL A 457 -24.50 20.46 -1.97
CA VAL A 457 -25.09 19.58 -2.99
C VAL A 457 -26.07 20.35 -3.87
N ASN A 458 -27.05 21.01 -3.26
CA ASN A 458 -28.07 21.70 -4.04
C ASN A 458 -27.51 22.85 -4.86
N GLU A 459 -26.30 23.33 -4.55
CA GLU A 459 -25.64 24.30 -5.41
C GLU A 459 -25.32 23.67 -6.76
N ILE A 460 -24.84 22.43 -6.75
CA ILE A 460 -24.58 21.70 -7.99
C ILE A 460 -25.86 21.16 -8.60
N ASN A 461 -26.72 20.57 -7.76
CA ASN A 461 -27.91 19.88 -8.26
C ASN A 461 -28.75 20.78 -9.15
N TYR A 462 -28.92 22.05 -8.75
CA TYR A 462 -29.76 22.97 -9.50
C TYR A 462 -29.11 23.51 -10.76
N CYS A 463 -27.82 23.26 -10.99
CA CYS A 463 -27.15 23.83 -12.15
C CYS A 463 -27.28 22.90 -13.35
N LYS A 464 -26.81 23.41 -14.50
CA LYS A 464 -26.98 22.69 -15.77
C LYS A 464 -26.11 21.45 -15.82
N ALA A 465 -24.83 21.58 -15.46
CA ALA A 465 -23.91 20.46 -15.60
C ALA A 465 -24.38 19.23 -14.83
N SER A 466 -25.17 19.42 -13.77
CA SER A 466 -25.67 18.27 -13.02
C SER A 466 -26.59 17.41 -13.88
N THR A 467 -27.45 18.05 -14.68
CA THR A 467 -28.36 17.30 -15.53
C THR A 467 -27.62 16.66 -16.70
N VAL A 468 -26.67 17.39 -17.29
CA VAL A 468 -25.87 16.82 -18.37
C VAL A 468 -25.12 15.59 -17.87
N MET A 469 -24.54 15.67 -16.68
CA MET A 469 -23.83 14.53 -16.11
C MET A 469 -24.77 13.34 -15.94
N MET A 470 -25.88 13.54 -15.23
CA MET A 470 -26.82 12.45 -15.01
C MET A 470 -27.31 11.85 -16.33
N LYS A 471 -27.38 12.67 -17.39
CA LYS A 471 -27.75 12.14 -18.70
C LYS A 471 -26.70 11.17 -19.21
N TYR A 472 -25.44 11.57 -19.16
CA TYR A 472 -24.34 10.68 -19.56
C TYR A 472 -24.35 9.40 -18.74
N VAL A 473 -24.54 9.52 -17.42
CA VAL A 473 -24.47 8.35 -16.54
C VAL A 473 -25.56 7.36 -16.91
N LEU A 474 -26.82 7.78 -16.79
CA LEU A 474 -27.93 6.85 -16.98
C LEU A 474 -27.95 6.28 -18.39
N PHE A 475 -27.52 7.07 -19.38
CA PHE A 475 -27.45 6.56 -20.74
C PHE A 475 -26.40 5.47 -20.87
N HIS A 476 -25.16 5.75 -20.45
CA HIS A 476 -24.11 4.74 -20.48
C HIS A 476 -24.50 3.50 -19.68
N THR A 477 -25.26 3.68 -18.60
CA THR A 477 -25.66 2.54 -17.77
C THR A 477 -26.49 1.55 -18.57
N SER A 478 -27.48 2.04 -19.33
CA SER A 478 -28.30 1.17 -20.16
C SER A 478 -27.60 0.79 -21.44
N LEU A 479 -26.75 1.67 -21.98
CA LEU A 479 -26.01 1.37 -23.21
C LEU A 479 -25.01 0.24 -23.00
N LEU A 480 -24.45 0.12 -21.79
CA LEU A 480 -23.58 -1.03 -21.50
C LEU A 480 -24.39 -2.30 -21.33
N ASN A 481 -25.60 -2.19 -20.76
CA ASN A 481 -26.42 -3.38 -20.54
C ASN A 481 -26.88 -3.98 -21.86
N GLU A 482 -27.33 -3.14 -22.79
CA GLU A 482 -27.70 -3.66 -24.11
C GLU A 482 -26.49 -4.23 -24.82
N SER A 483 -25.31 -3.61 -24.64
CA SER A 483 -24.14 -4.02 -25.39
C SER A 483 -23.68 -5.43 -25.03
N ASN A 484 -24.03 -5.93 -23.84
CA ASN A 484 -23.69 -7.29 -23.47
C ASN A 484 -24.87 -8.25 -23.59
N ALA A 485 -26.08 -7.78 -23.28
CA ALA A 485 -27.25 -8.66 -23.36
C ALA A 485 -27.61 -8.95 -24.82
N SER A 486 -27.86 -7.90 -25.60
CA SER A 486 -28.26 -8.03 -27.00
C SER A 486 -27.07 -7.66 -27.88
N MET A 487 -26.17 -8.62 -28.07
CA MET A 487 -24.94 -8.35 -28.81
C MET A 487 -25.22 -8.20 -30.31
N GLY A 488 -25.73 -9.26 -30.93
CA GLY A 488 -25.94 -9.24 -32.38
C GLY A 488 -27.11 -8.39 -32.81
N LYS A 489 -28.00 -8.04 -31.89
CA LYS A 489 -29.24 -7.33 -32.22
C LYS A 489 -29.02 -5.83 -32.23
N TYR A 490 -29.40 -5.18 -33.33
CA TYR A 490 -29.46 -3.72 -33.35
C TYR A 490 -30.63 -3.28 -32.49
N LYS A 491 -30.38 -2.37 -31.54
CA LYS A 491 -31.42 -1.94 -30.62
C LYS A 491 -31.46 -0.43 -30.49
N VAL A 492 -32.64 0.08 -30.19
CA VAL A 492 -32.89 1.51 -30.00
C VAL A 492 -32.98 1.78 -28.52
N ILE A 493 -32.21 2.77 -28.05
CA ILE A 493 -32.12 3.10 -26.63
C ILE A 493 -32.48 4.56 -26.48
N PRO A 494 -33.36 4.93 -25.54
CA PRO A 494 -33.68 6.34 -25.34
C PRO A 494 -32.69 7.05 -24.42
N ILE A 495 -32.55 8.35 -24.65
CA ILE A 495 -31.68 9.20 -23.83
C ILE A 495 -32.56 9.72 -22.69
N THR A 496 -32.56 9.01 -21.58
CA THR A 496 -33.48 9.24 -20.48
C THR A 496 -32.81 10.04 -19.37
N ASN A 497 -33.64 10.75 -18.60
CA ASN A 497 -33.22 11.36 -17.34
C ASN A 497 -34.42 11.89 -16.59
N ARG A 498 -34.64 11.42 -15.36
CA ARG A 498 -35.72 11.93 -14.53
C ARG A 498 -35.28 13.23 -13.87
N VAL A 499 -36.23 14.16 -13.73
CA VAL A 499 -35.95 15.51 -13.26
C VAL A 499 -37.07 15.94 -12.31
N VAL A 500 -36.73 16.82 -11.38
CA VAL A 500 -37.68 17.39 -10.44
C VAL A 500 -37.52 18.90 -10.45
N ASN A 501 -38.63 19.62 -10.49
CA ASN A 501 -38.62 21.07 -10.49
C ASN A 501 -38.71 21.59 -9.06
N GLU A 502 -38.64 22.92 -8.91
CA GLU A 502 -38.62 23.52 -7.58
C GLU A 502 -39.92 23.29 -6.82
N LYS A 503 -41.04 23.05 -7.52
CA LYS A 503 -42.30 22.74 -6.85
C LYS A 503 -42.35 21.29 -6.36
N GLY A 504 -41.54 20.41 -6.94
CA GLY A 504 -41.47 19.03 -6.48
C GLY A 504 -42.34 18.09 -7.28
N GLU A 505 -42.21 18.15 -8.61
CA GLU A 505 -42.98 17.31 -9.52
C GLU A 505 -42.02 16.57 -10.42
N SER A 506 -42.22 15.26 -10.56
CA SER A 506 -41.28 14.42 -11.30
C SER A 506 -41.51 14.57 -12.80
N PHE A 507 -40.57 15.22 -13.48
CA PHE A 507 -40.56 15.32 -14.93
C PHE A 507 -39.60 14.28 -15.50
N ASP A 508 -40.11 13.45 -16.40
CA ASP A 508 -39.26 12.49 -17.12
C ASP A 508 -38.85 13.11 -18.45
N MET A 509 -37.56 13.41 -18.59
CA MET A 509 -37.05 14.09 -19.77
C MET A 509 -36.55 13.08 -20.80
N LEU A 510 -36.72 13.44 -22.07
CA LEU A 510 -36.24 12.65 -23.20
C LEU A 510 -35.50 13.60 -24.13
N TYR A 511 -34.19 13.47 -24.19
CA TYR A 511 -33.36 14.35 -25.00
C TYR A 511 -33.14 13.85 -26.42
N GLY A 512 -33.50 12.61 -26.71
CA GLY A 512 -33.35 12.08 -28.05
C GLY A 512 -33.46 10.56 -28.05
N LEU A 513 -33.03 9.98 -29.17
CA LEU A 513 -33.02 8.54 -29.35
C LEU A 513 -31.72 8.12 -30.02
N ALA A 514 -31.25 6.93 -29.65
CA ALA A 514 -29.95 6.45 -30.08
C ALA A 514 -30.06 5.03 -30.62
N VAL A 515 -29.21 4.71 -31.57
CA VAL A 515 -29.17 3.39 -32.21
C VAL A 515 -27.92 2.67 -31.75
N LYS A 516 -28.12 1.52 -31.11
CA LYS A 516 -27.01 0.66 -30.73
C LYS A 516 -26.56 -0.17 -31.92
N GLY A 517 -25.25 -0.28 -32.09
CA GLY A 517 -24.68 -1.06 -33.16
C GLY A 517 -24.51 -2.52 -32.79
N GLN A 518 -23.69 -3.21 -33.55
CA GLN A 518 -23.36 -4.60 -33.27
C GLN A 518 -22.26 -4.64 -32.21
N SER A 519 -22.52 -5.34 -31.10
CA SER A 519 -21.67 -5.25 -29.91
C SER A 519 -21.23 -6.66 -29.49
N HIS A 520 -20.36 -7.26 -30.28
CA HIS A 520 -19.64 -8.47 -29.88
C HIS A 520 -18.26 -8.05 -29.38
N LEU A 521 -18.27 -7.32 -28.26
CA LEU A 521 -17.08 -6.65 -27.75
C LEU A 521 -16.23 -7.64 -26.96
N ARG A 522 -15.16 -8.13 -27.59
CA ARG A 522 -14.22 -9.02 -26.93
C ARG A 522 -13.28 -8.20 -26.04
N GLY A 523 -12.32 -7.52 -26.64
CA GLY A 523 -11.41 -6.69 -25.89
C GLY A 523 -12.09 -5.47 -25.30
N ASP A 524 -11.40 -4.86 -24.34
CA ASP A 524 -11.93 -3.67 -23.69
C ASP A 524 -12.01 -2.50 -24.66
N THR A 525 -11.04 -2.37 -25.56
CA THR A 525 -10.98 -1.25 -26.49
C THR A 525 -11.82 -1.47 -27.75
N ASP A 526 -12.50 -2.61 -27.86
CA ASP A 526 -13.35 -2.86 -29.02
C ASP A 526 -14.49 -1.86 -29.07
N VAL A 527 -14.85 -1.43 -30.27
CA VAL A 527 -15.79 -0.34 -30.47
C VAL A 527 -17.15 -0.89 -30.83
N VAL A 528 -18.19 -0.24 -30.32
CA VAL A 528 -19.56 -0.42 -30.80
C VAL A 528 -20.04 0.95 -31.25
N THR A 529 -20.33 1.08 -32.54
CA THR A 529 -20.77 2.35 -33.08
C THR A 529 -22.20 2.65 -32.65
N VAL A 530 -22.43 3.87 -32.18
CA VAL A 530 -23.74 4.30 -31.70
C VAL A 530 -24.14 5.55 -32.49
N VAL A 531 -25.40 5.59 -32.92
CA VAL A 531 -25.92 6.68 -33.74
C VAL A 531 -26.90 7.49 -32.89
N THR A 532 -26.62 8.78 -32.74
CA THR A 532 -27.40 9.64 -31.85
C THR A 532 -28.34 10.53 -32.66
N PHE A 533 -29.61 10.51 -32.29
CA PHE A 533 -30.61 11.45 -32.80
C PHE A 533 -31.11 12.25 -31.60
N GLU A 534 -30.71 13.52 -31.52
CA GLU A 534 -30.94 14.33 -30.34
C GLU A 534 -31.72 15.60 -30.69
N PHE A 535 -32.68 15.94 -29.83
CA PHE A 535 -33.43 17.18 -29.98
C PHE A 535 -32.56 18.37 -29.64
N SER A 536 -33.02 19.56 -30.04
CA SER A 536 -32.26 20.78 -29.82
C SER A 536 -33.12 21.97 -30.16
N SER A 537 -32.72 23.13 -29.63
CA SER A 537 -33.29 24.42 -29.99
C SER A 537 -32.29 25.29 -30.75
N THR A 538 -31.06 24.82 -30.94
CA THR A 538 -30.00 25.63 -31.52
C THR A 538 -30.00 25.49 -33.03
N ASP A 539 -29.93 26.63 -33.72
CA ASP A 539 -29.83 26.66 -35.17
C ASP A 539 -28.37 26.44 -35.56
N PRO A 540 -28.03 25.33 -36.22
CA PRO A 540 -26.61 25.04 -36.49
C PRO A 540 -25.94 26.08 -37.38
N ARG A 541 -26.70 26.80 -38.20
CA ARG A 541 -26.10 27.80 -39.07
C ARG A 541 -25.50 28.97 -38.29
N VAL A 542 -25.89 29.15 -37.03
CA VAL A 542 -25.30 30.21 -36.21
C VAL A 542 -23.81 29.94 -35.99
N ASP A 543 -23.48 28.75 -35.51
CA ASP A 543 -22.10 28.34 -35.24
C ASP A 543 -21.81 27.08 -36.06
N SER A 544 -21.65 27.26 -37.37
CA SER A 544 -21.47 26.11 -38.26
C SER A 544 -20.16 25.38 -38.01
N GLY A 545 -19.12 26.11 -37.58
CA GLY A 545 -17.85 25.48 -37.26
C GLY A 545 -17.95 24.50 -36.10
N LYS A 546 -19.04 24.56 -35.33
CA LYS A 546 -19.21 23.66 -34.21
C LYS A 546 -19.75 22.30 -34.63
N TRP A 547 -20.44 22.22 -35.77
CA TRP A 547 -21.19 21.01 -36.11
C TRP A 547 -20.80 20.39 -37.44
N PRO A 548 -19.50 20.25 -37.76
CA PRO A 548 -19.16 19.54 -39.00
C PRO A 548 -19.33 18.04 -38.89
N LYS A 549 -19.44 17.48 -37.69
CA LYS A 549 -19.69 16.05 -37.51
C LYS A 549 -21.16 15.70 -37.44
N TYR A 550 -22.05 16.70 -37.41
CA TYR A 550 -23.47 16.49 -37.19
C TYR A 550 -24.28 16.73 -38.46
N THR A 551 -25.44 16.08 -38.53
CA THR A 551 -26.42 16.27 -39.60
C THR A 551 -27.73 16.69 -38.96
N VAL A 552 -28.22 17.87 -39.32
CA VAL A 552 -29.32 18.53 -38.60
C VAL A 552 -30.56 18.57 -39.48
N PHE A 553 -31.71 18.26 -38.88
CA PHE A 553 -33.02 18.42 -39.50
C PHE A 553 -33.80 19.49 -38.74
N ARG A 554 -35.04 19.72 -39.19
CA ARG A 554 -35.95 20.66 -38.54
C ARG A 554 -37.32 20.01 -38.52
N ILE A 555 -37.80 19.65 -37.33
CA ILE A 555 -38.96 18.76 -37.21
C ILE A 555 -40.11 19.38 -36.41
N GLY A 556 -40.21 20.70 -36.37
CA GLY A 556 -41.35 21.32 -35.75
C GLY A 556 -40.93 22.50 -34.90
N SER A 557 -41.77 22.82 -33.92
CA SER A 557 -41.59 23.95 -33.03
C SER A 557 -42.32 23.69 -31.72
N LEU A 558 -41.90 24.42 -30.68
CA LEU A 558 -42.47 24.27 -29.34
C LEU A 558 -42.50 25.63 -28.64
N PHE A 559 -43.38 25.75 -27.65
CA PHE A 559 -43.44 26.93 -26.79
C PHE A 559 -42.51 26.69 -25.61
N VAL A 560 -41.27 27.15 -25.73
CA VAL A 560 -40.25 26.93 -24.71
C VAL A 560 -40.44 27.92 -23.57
N SER A 561 -39.95 29.14 -23.76
CA SER A 561 -40.08 30.19 -22.74
C SER A 561 -41.22 31.14 -23.12
N GLY A 562 -42.41 30.57 -23.25
CA GLY A 562 -43.57 31.32 -23.67
C GLY A 562 -43.68 31.41 -25.18
N ARG A 563 -42.65 31.97 -25.81
CA ARG A 563 -42.64 32.16 -27.25
C ARG A 563 -42.29 30.85 -27.96
N GLU A 564 -42.44 30.88 -29.28
CA GLU A 564 -42.14 29.71 -30.12
C GLU A 564 -40.64 29.56 -30.33
N LYS A 565 -40.20 28.30 -30.40
CA LYS A 565 -38.81 27.98 -30.69
C LYS A 565 -38.76 26.81 -31.65
N SER A 566 -37.88 26.90 -32.64
CA SER A 566 -37.75 25.86 -33.66
C SER A 566 -37.03 24.65 -33.08
N VAL A 567 -37.63 23.48 -33.23
CA VAL A 567 -37.04 22.23 -32.78
C VAL A 567 -36.24 21.62 -33.92
N TYR A 568 -34.97 21.30 -33.66
CA TYR A 568 -34.11 20.65 -34.63
C TYR A 568 -33.82 19.22 -34.16
N LEU A 569 -33.31 18.41 -35.08
CA LEU A 569 -32.91 17.04 -34.78
C LEU A 569 -31.45 16.87 -35.20
N TYR A 570 -30.56 16.79 -34.21
CA TYR A 570 -29.12 16.64 -34.45
C TYR A 570 -28.80 15.15 -34.57
N CYS A 571 -28.46 14.72 -35.78
CA CYS A 571 -28.16 13.33 -36.08
C CYS A 571 -26.65 13.15 -36.29
N ARG A 572 -26.11 12.05 -35.79
CA ARG A 572 -24.68 11.82 -35.87
C ARG A 572 -24.37 10.36 -35.63
N VAL A 573 -23.39 9.84 -36.38
CA VAL A 573 -22.84 8.53 -36.14
C VAL A 573 -21.69 8.68 -35.16
N ASN A 574 -21.72 7.92 -34.07
CA ASN A 574 -20.75 8.06 -33.00
C ASN A 574 -20.21 6.69 -32.57
N GLY A 575 -19.53 6.60 -31.42
CA GLY A 575 -19.00 5.32 -30.98
C GLY A 575 -18.45 5.35 -29.57
N THR A 576 -18.48 4.21 -28.90
CA THR A 576 -17.94 4.08 -27.55
C THR A 576 -17.40 2.66 -27.40
N ASN A 577 -16.90 2.35 -26.20
CA ASN A 577 -16.38 1.02 -25.92
C ASN A 577 -16.61 0.66 -24.47
N LYS A 578 -16.26 -0.58 -24.12
CA LYS A 578 -16.49 -1.08 -22.75
C LYS A 578 -15.89 -0.15 -21.71
N ILE A 579 -14.66 0.33 -21.94
CA ILE A 579 -13.99 1.21 -20.98
C ILE A 579 -14.81 2.47 -20.77
N GLN A 580 -15.04 3.22 -21.86
CA GLN A 580 -15.67 4.52 -21.74
C GLN A 580 -17.12 4.45 -21.27
N MET A 581 -17.79 3.31 -21.48
CA MET A 581 -19.12 3.16 -20.91
C MET A 581 -19.05 2.98 -19.39
N LYS A 582 -18.02 2.28 -18.92
CA LYS A 582 -17.83 2.13 -17.48
C LYS A 582 -17.54 3.48 -16.84
N TRP A 583 -16.56 4.22 -17.38
CA TRP A 583 -16.24 5.53 -16.84
C TRP A 583 -17.43 6.49 -16.93
N GLY A 584 -18.39 6.21 -17.81
CA GLY A 584 -19.63 6.96 -17.79
C GLY A 584 -20.51 6.59 -16.61
N MET A 585 -20.58 5.30 -16.30
CA MET A 585 -21.32 4.86 -15.12
C MET A 585 -20.69 5.40 -13.84
N GLU A 586 -19.37 5.57 -13.83
CA GLU A 586 -18.65 6.15 -12.70
C GLU A 586 -18.32 7.62 -12.97
N ALA A 587 -19.31 8.40 -13.37
CA ALA A 587 -19.14 9.82 -13.63
C ALA A 587 -19.87 10.70 -12.62
N ARG A 588 -20.63 10.10 -11.69
CA ARG A 588 -21.15 10.89 -10.58
C ARG A 588 -20.04 11.39 -9.67
N ARG A 589 -18.87 10.76 -9.71
CA ARG A 589 -17.75 11.19 -8.88
C ARG A 589 -17.24 12.57 -9.24
N CYS A 590 -17.76 13.20 -10.30
CA CYS A 590 -17.46 14.60 -10.56
C CYS A 590 -17.97 15.51 -9.45
N LEU A 591 -18.89 15.02 -8.61
CA LEU A 591 -19.28 15.76 -7.42
C LEU A 591 -18.15 15.82 -6.41
N LEU A 592 -17.61 14.65 -6.04
CA LEU A 592 -16.64 14.60 -4.94
C LEU A 592 -15.42 15.45 -5.24
N GLN A 593 -14.94 15.44 -6.49
CA GLN A 593 -13.72 16.18 -6.80
C GLN A 593 -13.90 17.68 -6.62
N SER A 594 -15.11 18.19 -6.87
CA SER A 594 -15.38 19.62 -6.68
C SER A 594 -15.94 19.93 -5.30
N MET A 595 -16.64 18.98 -4.68
CA MET A 595 -17.20 19.22 -3.36
C MET A 595 -16.12 19.17 -2.29
N GLN A 596 -15.18 18.23 -2.39
CA GLN A 596 -14.05 18.19 -1.46
C GLN A 596 -13.22 19.46 -1.55
N GLN A 597 -12.92 19.90 -2.78
CA GLN A 597 -12.02 21.04 -2.95
C GLN A 597 -12.56 22.28 -2.26
N MET A 598 -13.88 22.47 -2.28
CA MET A 598 -14.47 23.65 -1.67
C MET A 598 -14.84 23.45 -0.22
N GLU A 599 -15.15 22.22 0.21
CA GLU A 599 -15.31 21.98 1.63
C GLU A 599 -14.00 22.18 2.38
N ALA A 600 -12.87 21.98 1.70
CA ALA A 600 -11.59 22.32 2.31
C ALA A 600 -11.51 23.80 2.64
N ILE A 601 -12.04 24.65 1.76
CA ILE A 601 -12.03 26.09 2.01
C ILE A 601 -13.02 26.44 3.12
N VAL A 602 -14.12 25.70 3.23
CA VAL A 602 -15.06 25.96 4.32
C VAL A 602 -14.45 25.53 5.66
N GLU A 603 -13.73 24.40 5.67
CA GLU A 603 -13.11 23.94 6.90
C GLU A 603 -11.95 24.84 7.31
N GLN A 604 -11.15 25.29 6.34
CA GLN A 604 -10.09 26.24 6.66
C GLN A 604 -10.66 27.54 7.20
N GLU A 605 -11.78 28.00 6.65
CA GLU A 605 -12.40 29.21 7.16
C GLU A 605 -13.03 28.99 8.53
N SER A 606 -13.53 27.78 8.79
CA SER A 606 -14.04 27.47 10.12
C SER A 606 -12.91 27.40 11.14
N SER A 607 -11.72 26.98 10.72
CA SER A 607 -10.56 27.00 11.61
C SER A 607 -10.24 28.42 12.06
N ILE A 608 -10.34 29.38 11.13
CA ILE A 608 -9.94 30.76 11.42
C ILE A 608 -10.91 31.40 12.40
N GLN A 609 -12.20 31.14 12.26
CA GLN A 609 -13.22 31.82 13.05
C GLN A 609 -13.95 30.88 14.01
N GLY A 610 -13.60 29.61 14.06
CA GLY A 610 -14.06 28.73 15.12
C GLY A 610 -15.54 28.42 15.12
N TYR A 611 -16.21 28.48 13.97
CA TYR A 611 -17.57 27.99 13.86
C TYR A 611 -17.85 27.63 12.40
N ASP A 612 -18.98 26.96 12.18
CA ASP A 612 -19.30 26.46 10.86
C ASP A 612 -19.45 27.62 9.88
N MET A 613 -18.42 27.83 9.06
CA MET A 613 -18.39 28.93 8.10
C MET A 613 -18.99 28.57 6.75
N THR A 614 -19.86 27.56 6.71
CA THR A 614 -20.52 27.23 5.45
C THR A 614 -21.49 28.33 5.03
N LYS A 615 -22.47 28.62 5.88
CA LYS A 615 -23.44 29.67 5.57
C LYS A 615 -22.72 30.99 5.28
N ALA A 616 -21.64 31.27 6.01
CA ALA A 616 -20.93 32.52 5.80
C ALA A 616 -20.30 32.58 4.42
N CYS A 617 -19.65 31.49 4.00
CA CYS A 617 -19.02 31.48 2.69
C CYS A 617 -20.04 31.69 1.58
N PHE A 618 -21.15 30.96 1.64
CA PHE A 618 -22.17 31.07 0.59
C PHE A 618 -22.90 32.42 0.66
N LYS A 619 -23.62 32.65 1.76
CA LYS A 619 -24.54 33.78 1.87
C LYS A 619 -23.94 34.99 2.58
N GLY A 620 -22.95 34.79 3.44
CA GLY A 620 -22.59 35.79 4.42
C GLY A 620 -23.52 35.69 5.63
N ASP A 621 -23.16 36.43 6.68
CA ASP A 621 -23.89 36.33 7.93
C ASP A 621 -23.68 37.60 8.74
N ARG A 622 -24.12 37.57 10.00
CA ARG A 622 -24.03 38.72 10.88
C ARG A 622 -22.62 39.30 10.88
N VAL A 623 -21.61 38.45 11.02
CA VAL A 623 -20.23 38.90 11.20
C VAL A 623 -19.54 39.12 9.86
N ASN A 624 -19.56 38.12 8.99
CA ASN A 624 -18.72 38.09 7.81
C ASN A 624 -19.51 38.33 6.54
N SER A 625 -18.78 38.68 5.48
CA SER A 625 -19.34 38.83 4.15
C SER A 625 -19.23 37.50 3.41
N PRO A 626 -19.86 37.40 2.24
CA PRO A 626 -19.77 36.15 1.47
C PRO A 626 -18.42 36.00 0.78
N LYS A 627 -17.94 34.77 0.70
CA LYS A 627 -16.71 34.48 0.00
C LYS A 627 -16.86 34.83 -1.48
N THR A 628 -15.87 35.54 -2.03
CA THR A 628 -15.87 35.94 -3.42
C THR A 628 -14.58 35.50 -4.08
N PHE A 629 -14.70 35.05 -5.33
CA PHE A 629 -13.56 34.55 -6.10
C PHE A 629 -13.50 35.28 -7.43
N SER A 630 -12.28 35.36 -7.99
CA SER A 630 -12.12 35.78 -9.38
C SER A 630 -12.63 34.66 -10.27
N ILE A 631 -13.78 34.89 -10.92
CA ILE A 631 -14.48 33.81 -11.60
C ILE A 631 -14.16 33.84 -13.10
N GLY A 632 -13.98 35.03 -13.66
CA GLY A 632 -13.69 35.12 -15.08
C GLY A 632 -13.51 36.56 -15.53
N THR A 633 -13.41 36.74 -16.84
CA THR A 633 -13.16 38.03 -17.46
C THR A 633 -14.43 38.63 -18.05
N GLN A 634 -14.36 39.92 -18.35
CA GLN A 634 -15.45 40.64 -19.00
C GLN A 634 -14.88 41.92 -19.58
N GLU A 635 -14.83 42.01 -20.91
CA GLU A 635 -14.19 43.11 -21.62
C GLU A 635 -12.87 43.49 -20.97
N GLY A 636 -12.02 42.48 -20.76
CA GLY A 636 -10.65 42.71 -20.36
C GLY A 636 -10.44 43.06 -18.91
N LYS A 637 -11.33 42.64 -18.02
CA LYS A 637 -11.16 42.90 -16.59
C LYS A 637 -11.81 41.78 -15.79
N LEU A 638 -11.39 41.67 -14.53
CA LEU A 638 -11.83 40.57 -13.67
C LEU A 638 -13.31 40.71 -13.30
N VAL A 639 -13.87 39.61 -12.80
CA VAL A 639 -15.24 39.57 -12.31
C VAL A 639 -15.26 38.70 -11.06
N LYS A 640 -16.00 39.16 -10.05
CA LYS A 640 -16.09 38.47 -8.77
C LYS A 640 -17.34 37.59 -8.76
N GLY A 641 -17.14 36.28 -8.70
CA GLY A 641 -18.23 35.34 -8.56
C GLY A 641 -18.33 34.81 -7.12
N SER A 642 -19.52 34.35 -6.77
CA SER A 642 -19.78 33.91 -5.41
C SER A 642 -19.21 32.51 -5.17
N PHE A 643 -19.30 32.07 -3.91
CA PHE A 643 -18.81 30.75 -3.55
C PHE A 643 -19.54 29.66 -4.33
N GLY A 644 -20.86 29.83 -4.51
CA GLY A 644 -21.62 28.87 -5.28
C GLY A 644 -21.09 28.70 -6.68
N LYS A 645 -20.79 29.82 -7.34
CA LYS A 645 -20.31 29.76 -8.73
C LYS A 645 -18.95 29.07 -8.81
N ALA A 646 -18.04 29.42 -7.91
CA ALA A 646 -16.74 28.77 -7.89
C ALA A 646 -16.87 27.28 -7.66
N LEU A 647 -17.90 26.86 -6.92
CA LEU A 647 -18.16 25.44 -6.73
C LEU A 647 -18.55 24.80 -8.05
N ARG A 648 -19.49 25.41 -8.75
CA ARG A 648 -19.98 24.84 -10.01
C ARG A 648 -18.91 24.88 -11.10
N VAL A 649 -18.10 25.94 -11.13
CA VAL A 649 -17.05 26.04 -12.15
C VAL A 649 -16.11 24.85 -12.06
N ILE A 650 -15.78 24.43 -10.83
CA ILE A 650 -14.93 23.25 -10.67
C ILE A 650 -15.69 21.98 -11.06
N PHE A 651 -16.96 21.89 -10.64
CA PHE A 651 -17.77 20.73 -10.99
C PHE A 651 -17.90 20.60 -12.51
N THR A 652 -18.09 21.72 -13.20
CA THR A 652 -18.10 21.71 -14.66
C THR A 652 -16.74 21.30 -15.19
N LYS A 653 -15.67 21.88 -14.66
CA LYS A 653 -14.33 21.51 -15.10
C LYS A 653 -14.07 20.03 -14.89
N CYS A 654 -14.61 19.46 -13.80
CA CYS A 654 -14.44 18.04 -13.56
C CYS A 654 -15.28 17.20 -14.51
N LEU A 655 -16.44 17.71 -14.92
CA LEU A 655 -17.25 17.00 -15.92
C LEU A 655 -16.60 17.07 -17.29
N MET A 656 -16.05 18.23 -17.66
CA MET A 656 -15.37 18.37 -18.93
C MET A 656 -14.10 17.55 -18.99
N HIS A 657 -13.50 17.23 -17.84
CA HIS A 657 -12.35 16.33 -17.82
C HIS A 657 -12.75 14.93 -18.28
N TYR A 658 -13.99 14.53 -18.01
CA TYR A 658 -14.47 13.23 -18.48
C TYR A 658 -14.96 13.29 -19.92
N VAL A 659 -15.84 14.26 -20.23
CA VAL A 659 -16.47 14.31 -21.54
C VAL A 659 -15.42 14.46 -22.64
N PHE A 660 -14.26 15.06 -22.32
CA PHE A 660 -13.18 15.23 -23.28
C PHE A 660 -11.90 14.56 -22.78
N GLY A 661 -12.03 13.44 -22.06
CA GLY A 661 -10.90 12.77 -21.46
C GLY A 661 -10.18 11.83 -22.41
N ASN A 662 -8.92 12.12 -22.70
CA ASN A 662 -8.11 11.29 -23.60
C ASN A 662 -6.64 11.56 -23.30
N ALA A 663 -5.76 11.01 -24.14
CA ALA A 663 -4.33 11.17 -23.92
C ALA A 663 -3.87 12.61 -24.06
N GLN A 664 -4.52 13.39 -24.93
CA GLN A 664 -4.15 14.80 -25.06
C GLN A 664 -4.42 15.55 -23.76
N LEU A 665 -5.49 15.18 -23.05
CA LEU A 665 -5.80 15.82 -21.78
C LEU A 665 -4.80 15.41 -20.70
N GLU A 666 -4.54 14.11 -20.58
CA GLU A 666 -3.58 13.63 -19.59
C GLU A 666 -2.21 14.25 -19.83
N GLY A 667 -1.73 14.20 -21.07
CA GLY A 667 -0.42 14.74 -21.38
C GLY A 667 -0.34 16.24 -21.15
N PHE A 668 -1.43 16.96 -21.45
CA PHE A 668 -1.44 18.41 -21.23
C PHE A 668 -1.52 18.74 -19.75
N SER A 669 -2.49 18.16 -19.04
CA SER A 669 -2.63 18.43 -17.62
C SER A 669 -1.33 18.16 -16.87
N ALA A 670 -0.72 17.00 -17.11
CA ALA A 670 0.51 16.65 -16.40
C ALA A 670 1.63 17.62 -16.72
N GLU A 671 1.95 17.78 -18.01
CA GLU A 671 3.09 18.60 -18.38
C GLU A 671 2.83 20.09 -18.14
N SER A 672 1.57 20.53 -18.20
CA SER A 672 1.27 21.92 -17.89
C SER A 672 1.29 22.18 -16.39
N ARG A 673 0.96 21.16 -15.59
CA ARG A 673 0.98 21.34 -14.14
C ARG A 673 2.38 21.72 -13.65
N ARG A 674 3.43 21.27 -14.34
CA ARG A 674 4.77 21.72 -14.01
C ARG A 674 4.91 23.22 -14.19
N LEU A 675 4.47 23.73 -15.35
CA LEU A 675 4.55 25.15 -15.60
C LEU A 675 3.60 25.94 -14.70
N LEU A 676 2.56 25.29 -14.17
CA LEU A 676 1.73 25.91 -13.14
C LEU A 676 2.53 26.13 -11.87
N LEU A 677 3.17 25.08 -11.36
CA LEU A 677 3.89 25.18 -10.09
C LEU A 677 4.98 26.24 -10.16
N LEU A 678 5.68 26.34 -11.28
CA LEU A 678 6.70 27.39 -11.43
C LEU A 678 6.08 28.77 -11.26
N ILE A 679 4.89 28.98 -11.82
CA ILE A 679 4.24 30.28 -11.71
C ILE A 679 3.88 30.58 -10.25
N GLN A 680 3.49 29.54 -9.51
CA GLN A 680 3.20 29.74 -8.08
C GLN A 680 4.46 30.13 -7.33
N ALA A 681 5.60 29.53 -7.68
CA ALA A 681 6.87 29.92 -7.07
C ALA A 681 7.18 31.38 -7.37
N LEU A 682 6.94 31.81 -8.61
CA LEU A 682 7.14 33.21 -8.97
C LEU A 682 6.15 34.11 -8.22
N LYS A 683 4.93 33.63 -8.02
CA LYS A 683 3.95 34.41 -7.26
C LYS A 683 4.38 34.56 -5.80
N ASP A 684 4.96 33.50 -5.23
CA ASP A 684 5.42 33.54 -3.84
C ASP A 684 6.83 34.11 -3.71
N ARG A 685 7.50 34.41 -4.82
CA ARG A 685 8.89 34.87 -4.82
C ARG A 685 9.78 33.87 -4.08
N LYS A 686 9.98 32.72 -4.75
CA LYS A 686 10.86 31.67 -4.28
C LYS A 686 11.99 31.42 -5.30
N GLY A 687 12.39 32.47 -6.00
CA GLY A 687 13.51 32.42 -6.94
C GLY A 687 13.67 31.09 -7.62
N PRO A 688 12.71 30.73 -8.49
CA PRO A 688 12.78 29.42 -9.15
C PRO A 688 13.70 29.43 -10.36
N TRP A 689 14.45 28.34 -10.50
CA TRP A 689 15.36 28.14 -11.61
C TRP A 689 14.87 27.01 -12.49
N VAL A 690 15.20 27.09 -13.78
CA VAL A 690 14.83 26.08 -14.77
C VAL A 690 16.09 25.67 -15.51
N PHE A 691 16.07 24.45 -16.05
CA PHE A 691 17.23 23.87 -16.73
C PHE A 691 17.06 23.77 -18.23
N ASP A 692 15.86 23.47 -18.72
CA ASP A 692 15.60 23.39 -20.16
C ASP A 692 14.13 23.71 -20.39
N LEU A 693 13.81 24.99 -20.38
CA LEU A 693 12.42 25.42 -20.47
C LEU A 693 11.81 25.05 -21.82
N GLU A 694 12.61 25.08 -22.90
CA GLU A 694 12.11 24.66 -24.19
C GLU A 694 11.64 23.20 -24.15
N GLY A 695 12.25 22.39 -23.30
CA GLY A 695 11.79 21.02 -23.14
C GLY A 695 10.42 20.95 -22.48
N MET A 696 10.18 21.81 -21.49
CA MET A 696 8.86 21.88 -20.88
C MET A 696 7.80 22.25 -21.92
N TYR A 697 8.05 23.31 -22.68
CA TYR A 697 7.08 23.75 -23.66
C TYR A 697 6.87 22.72 -24.76
N SER A 698 7.95 22.12 -25.26
CA SER A 698 7.83 21.08 -26.27
C SER A 698 7.01 19.89 -25.76
N GLY A 699 7.13 19.58 -24.47
CA GLY A 699 6.35 18.50 -23.91
C GLY A 699 4.89 18.86 -23.71
N ILE A 700 4.61 20.13 -23.40
CA ILE A 700 3.23 20.57 -23.26
C ILE A 700 2.57 20.73 -24.62
N GLU A 701 3.23 21.45 -25.53
CA GLU A 701 2.57 21.91 -26.75
C GLU A 701 2.27 20.80 -27.74
N GLU A 702 2.95 19.65 -27.62
CA GLU A 702 2.62 18.53 -28.50
C GLU A 702 1.28 17.90 -28.17
N CYS A 703 0.70 18.22 -27.01
CA CYS A 703 -0.57 17.66 -26.60
C CYS A 703 -1.74 18.58 -26.92
N ILE A 704 -1.50 19.68 -27.62
CA ILE A 704 -2.56 20.59 -28.02
C ILE A 704 -2.83 20.40 -29.51
N SER A 705 -3.77 19.51 -29.84
CA SER A 705 -4.07 19.22 -31.23
C SER A 705 -5.54 19.46 -31.54
N ASN A 706 -6.42 18.54 -31.17
CA ASN A 706 -7.84 18.66 -31.52
C ASN A 706 -8.73 18.19 -30.37
N ASN A 707 -8.35 18.52 -29.14
CA ASN A 707 -9.25 18.33 -28.00
C ASN A 707 -9.81 19.69 -27.61
N PRO A 708 -11.12 19.90 -27.68
CA PRO A 708 -11.67 21.23 -27.33
C PRO A 708 -11.24 21.72 -25.95
N TRP A 709 -11.30 20.86 -24.93
CA TRP A 709 -10.99 21.30 -23.58
C TRP A 709 -9.51 21.65 -23.43
N VAL A 710 -8.63 20.93 -24.11
CA VAL A 710 -7.20 21.27 -24.08
C VAL A 710 -6.96 22.61 -24.76
N ILE A 711 -7.58 22.83 -25.91
CA ILE A 711 -7.33 24.05 -26.67
C ILE A 711 -7.89 25.26 -25.93
N GLN A 712 -9.04 25.10 -25.27
CA GLN A 712 -9.61 26.21 -24.52
C GLN A 712 -8.88 26.43 -23.20
N SER A 713 -8.37 25.37 -22.58
CA SER A 713 -7.58 25.53 -21.37
C SER A 713 -6.25 26.20 -21.66
N ALA A 714 -5.65 25.90 -22.82
CA ALA A 714 -4.44 26.61 -23.23
C ALA A 714 -4.73 28.08 -23.46
N TYR A 715 -5.93 28.41 -23.95
CA TYR A 715 -6.32 29.81 -24.08
C TYR A 715 -6.59 30.43 -22.72
N TRP A 716 -7.30 29.71 -21.84
CA TRP A 716 -7.53 30.20 -20.49
C TRP A 716 -6.21 30.36 -19.73
N PHE A 717 -5.28 29.43 -19.94
CA PHE A 717 -3.98 29.49 -19.27
C PHE A 717 -3.22 30.76 -19.65
N ASN A 718 -3.30 31.16 -20.92
CA ASN A 718 -2.56 32.33 -21.38
C ASN A 718 -3.25 33.63 -20.99
N GLU A 719 -4.57 33.60 -20.80
CA GLU A 719 -5.26 34.78 -20.27
C GLU A 719 -4.98 34.93 -18.78
N TRP A 720 -4.97 33.81 -18.05
CA TRP A 720 -4.60 33.83 -16.63
C TRP A 720 -3.14 34.24 -16.46
N LEU A 721 -2.25 33.67 -17.28
CA LEU A 721 -0.84 34.06 -17.24
C LEU A 721 -0.65 35.54 -17.55
N GLY A 722 -1.51 36.12 -18.38
CA GLY A 722 -1.41 37.53 -18.67
C GLY A 722 -1.84 38.41 -17.51
N PHE A 723 -2.88 38.00 -16.79
CA PHE A 723 -3.36 38.79 -15.67
C PHE A 723 -2.43 38.70 -14.47
N GLU A 724 -1.72 37.58 -14.31
CA GLU A 724 -0.73 37.47 -13.25
C GLU A 724 0.45 38.39 -13.51
N LYS A 725 0.80 38.61 -14.77
CA LYS A 725 1.92 39.49 -15.09
C LYS A 725 1.63 40.94 -14.73
N GLU A 726 0.36 41.32 -14.69
CA GLU A 726 0.02 42.67 -14.23
C GLU A 726 0.08 42.76 -12.72
N GLY A 727 -0.22 41.66 -12.01
CA GLY A 727 -0.06 41.64 -10.57
C GLY A 727 1.40 41.60 -10.14
N SER A 728 2.26 41.00 -10.97
CA SER A 728 3.69 40.93 -10.65
C SER A 728 4.35 42.30 -10.70
N LYS A 729 3.72 43.28 -11.34
CA LYS A 729 4.25 44.64 -11.29
C LYS A 729 4.06 45.28 -9.92
N VAL A 730 3.26 44.67 -9.04
CA VAL A 730 3.15 45.15 -7.67
C VAL A 730 4.35 44.70 -6.84
N LEU A 731 4.67 43.42 -6.92
CA LEU A 731 5.72 42.85 -6.06
C LEU A 731 7.13 43.23 -6.52
N GLU A 732 7.30 43.54 -7.81
CA GLU A 732 8.66 43.72 -8.33
C GLU A 732 9.36 44.91 -7.67
N SER A 733 8.61 45.94 -7.27
CA SER A 733 9.19 47.15 -6.71
C SER A 733 8.77 47.37 -5.26
N VAL A 734 8.56 46.28 -4.51
CA VAL A 734 8.34 46.39 -3.08
C VAL A 734 9.69 46.54 -2.39
N ASP A 735 9.72 47.35 -1.33
CA ASP A 735 10.96 47.65 -0.62
C ASP A 735 11.91 48.44 -1.51
N GLU A 736 12.43 47.80 -2.56
CA GLU A 736 13.32 48.48 -3.49
C GLU A 736 12.58 49.57 -4.26
N MET B 10 -19.78 37.86 -19.96
CA MET B 10 -18.78 37.42 -18.94
C MET B 10 -18.27 36.02 -19.27
N ASN B 11 -16.99 35.95 -19.65
CA ASN B 11 -16.34 34.68 -19.96
C ASN B 11 -15.77 34.08 -18.69
N ILE B 12 -16.24 32.90 -18.32
CA ILE B 12 -15.76 32.22 -17.14
C ILE B 12 -14.42 31.57 -17.43
N ASN B 13 -13.51 31.64 -16.47
CA ASN B 13 -12.19 31.05 -16.60
C ASN B 13 -11.89 30.26 -15.31
N PRO B 14 -11.78 28.94 -15.38
CA PRO B 14 -11.49 28.17 -14.15
C PRO B 14 -10.07 28.35 -13.66
N TYR B 15 -9.15 28.81 -14.50
CA TYR B 15 -7.79 29.10 -14.04
C TYR B 15 -7.74 30.30 -13.11
N PHE B 16 -8.74 31.19 -13.16
CA PHE B 16 -8.78 32.34 -12.27
C PHE B 16 -9.04 31.96 -10.82
N LEU B 17 -9.34 30.69 -10.54
CA LEU B 17 -9.35 30.22 -9.16
C LEU B 17 -7.97 30.31 -8.54
N PHE B 18 -6.92 30.19 -9.36
CA PHE B 18 -5.55 30.22 -8.85
C PHE B 18 -5.10 31.62 -8.45
N ILE B 19 -5.85 32.67 -8.81
CA ILE B 19 -5.58 33.98 -8.25
C ILE B 19 -5.88 33.97 -6.76
N ASP B 20 -7.02 33.40 -6.37
CA ASP B 20 -7.42 33.41 -4.97
C ASP B 20 -6.70 32.31 -4.19
N VAL B 21 -6.81 31.07 -4.64
CA VAL B 21 -6.27 29.92 -3.92
C VAL B 21 -5.01 29.46 -4.65
N PRO B 22 -3.89 29.22 -3.96
CA PRO B 22 -2.67 28.82 -4.65
C PRO B 22 -2.78 27.41 -5.21
N ILE B 23 -1.81 27.08 -6.07
CA ILE B 23 -1.92 25.87 -6.89
C ILE B 23 -1.84 24.62 -6.03
N GLN B 24 -0.95 24.59 -5.04
CA GLN B 24 -0.89 23.42 -4.17
C GLN B 24 -2.17 23.29 -3.35
N ALA B 25 -2.72 24.41 -2.89
CA ALA B 25 -3.94 24.36 -2.09
C ALA B 25 -5.09 23.74 -2.87
N ALA B 26 -5.15 24.02 -4.18
CA ALA B 26 -6.19 23.46 -5.03
C ALA B 26 -5.56 22.60 -6.12
N ILE B 27 -4.66 21.70 -5.72
CA ILE B 27 -4.00 20.83 -6.70
C ILE B 27 -4.93 19.75 -7.20
N SER B 28 -6.00 19.44 -6.46
CA SER B 28 -6.93 18.39 -6.88
C SER B 28 -7.58 18.72 -8.22
N THR B 29 -7.76 20.01 -8.51
CA THR B 29 -8.44 20.44 -9.72
C THR B 29 -7.60 20.33 -10.98
N THR B 30 -6.29 20.11 -10.84
CA THR B 30 -5.41 19.95 -12.00
C THR B 30 -5.23 18.49 -12.40
N PHE B 31 -5.92 17.56 -11.75
CA PHE B 31 -5.85 16.14 -12.10
C PHE B 31 -7.18 15.70 -12.68
N PRO B 32 -7.24 15.26 -14.01
CA PRO B 32 -8.52 14.87 -14.62
C PRO B 32 -8.84 13.39 -14.41
N TYR B 33 -8.97 12.99 -13.15
CA TYR B 33 -9.12 11.57 -12.82
C TYR B 33 -10.58 11.11 -12.78
N THR B 34 -11.53 12.00 -13.07
CA THR B 34 -12.88 11.56 -13.39
C THR B 34 -12.97 11.02 -14.81
N GLY B 35 -12.03 11.38 -15.67
CA GLY B 35 -12.06 10.97 -17.05
C GLY B 35 -11.46 9.60 -17.27
N VAL B 36 -11.13 9.33 -18.53
CA VAL B 36 -10.71 8.01 -18.97
C VAL B 36 -9.19 7.97 -19.10
N PRO B 37 -8.52 6.90 -18.68
CA PRO B 37 -7.09 6.78 -18.92
C PRO B 37 -6.83 6.18 -20.29
N PRO B 38 -5.69 6.51 -20.92
CA PRO B 38 -5.43 6.01 -22.27
C PRO B 38 -5.04 4.54 -22.26
N TYR B 39 -5.65 3.75 -23.15
CA TYR B 39 -5.32 2.35 -23.34
C TYR B 39 -4.51 2.17 -24.62
N SER B 40 -3.91 1.00 -24.76
CA SER B 40 -3.16 0.64 -25.94
C SER B 40 -4.07 0.00 -26.97
N HIS B 41 -3.57 -0.08 -28.21
CA HIS B 41 -4.31 -0.68 -29.32
C HIS B 41 -3.35 -1.52 -30.14
N GLY B 42 -3.66 -2.81 -30.28
CA GLY B 42 -2.90 -3.65 -31.18
C GLY B 42 -1.52 -3.99 -30.64
N THR B 43 -0.53 -3.95 -31.52
CA THR B 43 0.82 -4.40 -31.19
C THR B 43 1.59 -3.31 -30.45
N GLY B 44 2.59 -3.76 -29.69
CA GLY B 44 3.53 -2.87 -29.05
C GLY B 44 4.93 -3.09 -29.57
N THR B 45 5.04 -3.65 -30.77
CA THR B 45 6.35 -3.93 -31.35
C THR B 45 7.09 -2.64 -31.70
N GLY B 46 6.36 -1.62 -32.15
CA GLY B 46 6.98 -0.34 -32.42
C GLY B 46 7.53 0.31 -31.16
N TYR B 47 6.81 0.16 -30.04
CA TYR B 47 7.29 0.69 -28.78
C TYR B 47 8.43 -0.14 -28.20
N THR B 48 8.40 -1.45 -28.40
CA THR B 48 9.49 -2.29 -27.93
C THR B 48 10.76 -2.05 -28.74
N ILE B 49 10.64 -1.97 -30.06
CA ILE B 49 11.82 -1.67 -30.89
C ILE B 49 12.36 -0.29 -30.56
N ASP B 50 11.47 0.66 -30.28
CA ASP B 50 11.92 1.98 -29.84
C ASP B 50 12.87 1.87 -28.66
N THR B 51 12.50 1.09 -27.66
CA THR B 51 13.34 0.94 -26.47
C THR B 51 14.65 0.24 -26.81
N VAL B 52 14.62 -0.75 -27.71
CA VAL B 52 15.84 -1.45 -28.08
C VAL B 52 16.81 -0.50 -28.78
N ILE B 53 16.31 0.29 -29.73
CA ILE B 53 17.17 1.22 -30.44
C ILE B 53 17.72 2.27 -29.49
N ARG B 54 16.85 2.83 -28.64
CA ARG B 54 17.27 3.90 -27.73
C ARG B 54 18.24 3.39 -26.69
N THR B 55 18.03 2.18 -26.16
CA THR B 55 18.94 1.64 -25.15
C THR B 55 20.35 1.52 -25.72
N HIS B 56 20.49 1.05 -26.96
CA HIS B 56 21.80 0.98 -27.60
C HIS B 56 22.28 2.35 -28.06
N GLU B 57 21.34 3.26 -28.36
CA GLU B 57 21.73 4.61 -28.74
C GLU B 57 22.51 5.31 -27.63
N TYR B 58 22.19 5.01 -26.38
CA TYR B 58 22.83 5.62 -25.23
C TYR B 58 24.13 4.93 -24.83
N SER B 59 24.51 3.85 -25.51
CA SER B 59 25.69 3.09 -25.14
C SER B 59 26.49 2.60 -26.36
N ASN B 60 26.26 3.20 -27.53
CA ASN B 60 26.89 2.71 -28.76
C ASN B 60 28.35 3.12 -28.89
N LYS B 61 28.84 4.03 -28.05
CA LYS B 61 30.25 4.42 -28.08
C LYS B 61 31.11 3.58 -27.15
N GLY B 62 30.55 2.54 -26.53
CA GLY B 62 31.30 1.70 -25.63
C GLY B 62 32.07 0.60 -26.35
N LYS B 63 31.74 -0.66 -26.04
CA LYS B 63 32.46 -1.81 -26.58
C LYS B 63 31.47 -2.81 -27.15
N GLN B 64 31.54 -3.04 -28.46
CA GLN B 64 30.74 -4.06 -29.12
C GLN B 64 31.52 -5.36 -29.19
N TYR B 65 30.86 -6.47 -28.86
CA TYR B 65 31.48 -7.78 -28.99
C TYR B 65 30.39 -8.84 -29.07
N ILE B 66 30.68 -9.91 -29.80
CA ILE B 66 29.74 -11.00 -30.02
C ILE B 66 29.88 -12.00 -28.89
N SER B 67 28.76 -12.34 -28.27
CA SER B 67 28.75 -13.33 -27.20
C SER B 67 28.91 -14.72 -27.79
N ASP B 68 29.98 -15.42 -27.39
CA ASP B 68 30.23 -16.76 -27.90
C ASP B 68 29.23 -17.78 -27.36
N VAL B 69 28.54 -17.46 -26.26
CA VAL B 69 27.55 -18.38 -25.71
C VAL B 69 26.26 -18.33 -26.51
N THR B 70 25.63 -17.16 -26.56
CA THR B 70 24.34 -17.03 -27.24
C THR B 70 24.49 -16.82 -28.73
N GLY B 71 25.54 -16.12 -29.17
CA GLY B 71 25.64 -15.72 -30.55
C GLY B 71 25.00 -14.38 -30.84
N CYS B 72 24.94 -13.50 -29.85
CA CYS B 72 24.23 -12.23 -29.96
C CYS B 72 25.22 -11.07 -29.96
N THR B 73 24.73 -9.92 -30.41
CA THR B 73 25.53 -8.70 -30.45
C THR B 73 25.36 -7.97 -29.12
N MET B 74 26.43 -7.89 -28.34
CA MET B 74 26.42 -7.27 -27.03
C MET B 74 27.12 -5.93 -27.07
N VAL B 75 26.66 -5.00 -26.25
CA VAL B 75 27.24 -3.67 -26.14
C VAL B 75 27.51 -3.40 -24.66
N ASP B 76 28.64 -2.76 -24.37
CA ASP B 76 29.09 -2.51 -23.00
C ASP B 76 29.49 -1.05 -22.84
N PRO B 77 28.75 -0.24 -22.08
CA PRO B 77 29.15 1.15 -21.87
C PRO B 77 30.03 1.36 -20.65
N THR B 78 29.92 0.47 -19.66
CA THR B 78 30.59 0.68 -18.38
C THR B 78 32.09 0.81 -18.58
N ASN B 79 32.69 1.74 -17.84
CA ASN B 79 34.11 2.06 -17.98
C ASN B 79 34.44 2.44 -19.42
N GLY B 80 33.53 3.20 -20.04
CA GLY B 80 33.73 3.70 -21.37
C GLY B 80 34.06 5.18 -21.34
N PRO B 81 34.12 5.81 -22.53
CA PRO B 81 34.43 7.24 -22.57
C PRO B 81 33.26 8.07 -22.05
N LEU B 82 33.59 9.07 -21.25
CA LEU B 82 32.58 9.91 -20.63
C LEU B 82 31.87 10.75 -21.69
N PRO B 83 30.63 11.17 -21.43
CA PRO B 83 29.89 11.96 -22.41
C PRO B 83 30.42 13.38 -22.49
N GLU B 84 30.22 13.99 -23.66
CA GLU B 84 30.55 15.39 -23.90
C GLU B 84 29.30 16.19 -24.25
N ASP B 85 28.15 15.72 -23.79
CA ASP B 85 26.87 16.33 -24.15
C ASP B 85 25.82 15.85 -23.14
N ASN B 86 24.64 16.46 -23.22
CA ASN B 86 23.56 16.17 -22.30
C ASN B 86 22.62 15.08 -22.81
N GLU B 87 22.99 14.39 -23.88
CA GLU B 87 22.21 13.25 -24.32
C GLU B 87 22.35 12.12 -23.29
N PRO B 88 21.27 11.42 -22.95
CA PRO B 88 21.34 10.37 -21.93
C PRO B 88 22.56 9.46 -22.07
N SER B 89 23.37 9.39 -21.03
CA SER B 89 24.60 8.61 -21.02
C SER B 89 24.42 7.38 -20.14
N ALA B 90 24.71 6.21 -20.71
CA ALA B 90 24.79 4.97 -19.94
C ALA B 90 26.22 4.63 -19.56
N TYR B 91 27.17 5.52 -19.84
CA TYR B 91 28.59 5.27 -19.60
C TYR B 91 28.90 5.57 -18.14
N ALA B 92 28.66 4.58 -17.30
CA ALA B 92 28.98 4.66 -15.88
C ALA B 92 30.42 4.24 -15.64
N GLN B 93 30.97 4.68 -14.51
CA GLN B 93 32.36 4.40 -14.14
C GLN B 93 32.37 3.58 -12.86
N LEU B 94 33.01 2.41 -12.92
CA LEU B 94 32.95 1.47 -11.81
C LEU B 94 33.54 2.07 -10.54
N ASP B 95 34.71 2.71 -10.65
CA ASP B 95 35.36 3.27 -9.47
C ASP B 95 34.44 4.25 -8.75
N CYS B 96 33.74 5.10 -9.51
CA CYS B 96 32.85 6.09 -8.90
C CYS B 96 31.68 5.42 -8.20
N VAL B 97 31.17 4.32 -8.75
CA VAL B 97 30.10 3.58 -8.08
C VAL B 97 30.62 2.96 -6.80
N LEU B 98 31.81 2.35 -6.85
CA LEU B 98 32.37 1.71 -5.66
C LEU B 98 32.67 2.74 -4.58
N GLU B 99 33.18 3.92 -4.96
CA GLU B 99 33.43 4.96 -3.98
C GLU B 99 32.13 5.43 -3.35
N ALA B 100 31.07 5.59 -4.16
CA ALA B 100 29.76 5.95 -3.63
C ALA B 100 29.24 4.88 -2.67
N LEU B 101 29.53 3.60 -2.96
CA LEU B 101 29.15 2.54 -2.04
C LEU B 101 30.01 2.53 -0.79
N ASP B 102 31.30 2.83 -0.93
CA ASP B 102 32.18 2.93 0.24
C ASP B 102 31.73 4.06 1.15
N ARG B 103 31.37 5.21 0.57
CA ARG B 103 30.83 6.31 1.36
C ARG B 103 29.56 5.89 2.08
N MET B 104 28.71 5.11 1.41
CA MET B 104 27.49 4.62 2.02
C MET B 104 27.80 3.62 3.13
N ASP B 105 28.84 2.81 2.95
CA ASP B 105 29.23 1.84 3.97
C ASP B 105 29.90 2.52 5.15
N GLU B 106 30.72 3.54 4.89
CA GLU B 106 31.39 4.27 5.97
C GLU B 106 30.41 5.07 6.82
N GLU B 107 29.27 5.46 6.27
CA GLU B 107 28.24 6.16 7.05
C GLU B 107 27.16 5.24 7.56
N HIS B 108 26.99 4.05 6.97
CA HIS B 108 26.04 3.04 7.42
C HIS B 108 26.78 1.72 7.55
N PRO B 109 27.67 1.60 8.54
CA PRO B 109 28.43 0.35 8.69
C PRO B 109 27.61 -0.71 9.40
N GLY B 110 27.89 -1.96 9.03
CA GLY B 110 27.17 -3.10 9.55
C GLY B 110 25.89 -3.42 8.80
N LEU B 111 25.30 -2.44 8.12
CA LEU B 111 24.10 -2.69 7.33
C LEU B 111 24.40 -3.61 6.15
N PHE B 112 25.53 -3.38 5.46
CA PHE B 112 25.82 -4.14 4.25
C PHE B 112 25.90 -5.63 4.54
N GLN B 113 26.55 -6.01 5.64
CA GLN B 113 26.69 -7.44 5.95
C GLN B 113 25.45 -7.99 6.64
N ALA B 114 24.77 -7.17 7.46
CA ALA B 114 23.57 -7.64 8.14
C ALA B 114 22.43 -7.90 7.17
N ALA B 115 22.24 -6.99 6.21
CA ALA B 115 21.22 -7.20 5.19
C ALA B 115 21.50 -8.46 4.39
N SER B 116 22.77 -8.74 4.11
CA SER B 116 23.12 -9.95 3.38
C SER B 116 22.84 -11.20 4.21
N GLN B 117 23.08 -11.12 5.52
CA GLN B 117 22.79 -12.26 6.39
C GLN B 117 21.28 -12.47 6.56
N ASN B 118 20.54 -11.37 6.73
CA ASN B 118 19.08 -11.49 6.83
C ASN B 118 18.48 -12.06 5.55
N ALA B 119 18.97 -11.60 4.39
CA ALA B 119 18.52 -12.17 3.13
C ALA B 119 18.98 -13.62 2.97
N MET B 120 20.22 -13.90 3.34
CA MET B 120 20.75 -15.26 3.23
C MET B 120 20.00 -16.21 4.17
N GLU B 121 19.65 -15.75 5.37
CA GLU B 121 18.86 -16.58 6.28
C GLU B 121 17.43 -16.74 5.80
N THR B 122 16.90 -15.73 5.09
CA THR B 122 15.58 -15.86 4.49
C THR B 122 15.60 -16.84 3.33
N LEU B 123 16.61 -16.69 2.45
CA LEU B 123 16.73 -17.56 1.28
C LEU B 123 16.69 -19.03 1.69
N MET B 124 17.45 -19.39 2.73
CA MET B 124 17.50 -20.78 3.18
C MET B 124 16.13 -21.28 3.59
N VAL B 125 15.33 -20.42 4.22
CA VAL B 125 13.98 -20.82 4.62
C VAL B 125 13.02 -20.78 3.44
N THR B 126 13.27 -19.91 2.47
CA THR B 126 12.35 -19.74 1.35
C THR B 126 12.23 -21.05 0.56
N THR B 127 11.00 -21.40 0.21
CA THR B 127 10.70 -22.65 -0.48
C THR B 127 10.45 -22.37 -1.96
N VAL B 128 10.03 -23.41 -2.70
CA VAL B 128 9.76 -23.25 -4.13
C VAL B 128 8.42 -22.58 -4.36
N ASP B 129 7.40 -22.94 -3.56
CA ASP B 129 6.06 -22.37 -3.74
C ASP B 129 6.08 -20.85 -3.69
N LYS B 130 7.14 -20.25 -3.16
CA LYS B 130 7.26 -18.79 -3.15
C LYS B 130 7.07 -18.21 -4.55
N LEU B 131 7.48 -18.93 -5.60
CA LEU B 131 7.47 -18.39 -6.94
C LEU B 131 6.07 -18.30 -7.55
N THR B 132 5.06 -18.88 -6.91
CA THR B 132 3.72 -18.86 -7.48
C THR B 132 3.06 -17.49 -7.42
N GLN B 133 3.53 -16.60 -6.54
CA GLN B 133 2.93 -15.29 -6.37
C GLN B 133 3.60 -14.22 -7.25
N GLY B 134 4.13 -14.61 -8.40
CA GLY B 134 4.77 -13.69 -9.32
C GLY B 134 3.87 -13.16 -10.42
N ARG B 135 2.56 -13.37 -10.33
CA ARG B 135 1.60 -12.89 -11.32
C ARG B 135 1.95 -13.48 -12.68
N GLN B 136 2.15 -12.67 -13.73
CA GLN B 136 2.33 -13.18 -15.08
C GLN B 136 3.80 -13.52 -15.31
N THR B 137 4.05 -14.71 -15.84
CA THR B 137 5.41 -15.20 -16.05
C THR B 137 5.54 -15.76 -17.45
N PHE B 138 6.71 -15.54 -18.06
CA PHE B 138 7.00 -16.04 -19.40
C PHE B 138 7.33 -17.53 -19.31
N ASP B 139 6.44 -18.37 -19.80
CA ASP B 139 6.65 -19.81 -19.80
C ASP B 139 7.54 -20.19 -20.99
N TRP B 140 8.77 -20.60 -20.70
CA TRP B 140 9.72 -20.90 -21.77
C TRP B 140 9.34 -22.15 -22.55
N THR B 141 8.51 -23.02 -21.99
CA THR B 141 8.12 -24.24 -22.69
C THR B 141 7.19 -23.94 -23.87
N VAL B 142 6.16 -23.12 -23.62
CA VAL B 142 5.18 -22.80 -24.65
C VAL B 142 5.42 -21.42 -25.26
N CYS B 143 6.36 -20.63 -24.75
CA CYS B 143 6.65 -19.29 -25.25
C CYS B 143 5.41 -18.41 -25.21
N ARG B 144 4.76 -18.38 -24.05
CA ARG B 144 3.61 -17.51 -23.82
C ARG B 144 3.61 -17.06 -22.38
N ASN B 145 2.99 -15.91 -22.14
CA ASN B 145 2.79 -15.43 -20.78
C ASN B 145 1.67 -16.23 -20.13
N GLN B 146 1.97 -16.83 -18.99
CA GLN B 146 1.05 -17.71 -18.27
C GLN B 146 0.98 -17.30 -16.82
N PRO B 147 0.02 -17.84 -16.07
CA PRO B 147 0.06 -17.67 -14.62
C PRO B 147 1.35 -18.24 -14.04
N ALA B 148 1.86 -17.59 -13.00
CA ALA B 148 3.12 -18.01 -12.41
C ALA B 148 3.06 -19.46 -11.94
N ALA B 149 1.93 -19.85 -11.33
CA ALA B 149 1.81 -21.21 -10.82
C ALA B 149 1.92 -22.24 -11.94
N THR B 150 1.25 -21.97 -13.07
CA THR B 150 1.35 -22.89 -14.20
C THR B 150 2.75 -22.86 -14.81
N ALA B 151 3.32 -21.66 -14.97
CA ALA B 151 4.66 -21.56 -15.54
C ALA B 151 5.68 -22.30 -14.68
N LEU B 152 5.53 -22.21 -13.36
CA LEU B 152 6.43 -22.93 -12.46
C LEU B 152 6.23 -24.44 -12.58
N ASN B 153 4.97 -24.88 -12.69
CA ASN B 153 4.70 -26.31 -12.76
C ASN B 153 5.23 -26.91 -14.06
N THR B 154 5.03 -26.22 -15.19
CA THR B 154 5.56 -26.71 -16.45
C THR B 154 7.08 -26.81 -16.42
N THR B 155 7.74 -25.96 -15.64
CA THR B 155 9.20 -26.00 -15.53
C THR B 155 9.65 -27.15 -14.63
N ILE B 156 8.90 -27.44 -13.57
CA ILE B 156 9.26 -28.54 -12.68
C ILE B 156 9.06 -29.87 -13.38
N THR B 157 7.93 -30.03 -14.08
CA THR B 157 7.68 -31.27 -14.82
C THR B 157 8.70 -31.44 -15.94
N SER B 158 9.07 -30.34 -16.60
CA SER B 158 10.11 -30.41 -17.62
C SER B 158 11.45 -30.76 -16.99
N PHE B 159 11.80 -30.13 -15.87
CA PHE B 159 13.05 -30.45 -15.18
C PHE B 159 13.10 -31.92 -14.78
N ARG B 160 11.94 -32.51 -14.42
CA ARG B 160 11.93 -33.90 -14.02
C ARG B 160 12.30 -34.82 -15.18
N LEU B 161 11.97 -34.43 -16.42
CA LEU B 161 12.34 -35.23 -17.58
C LEU B 161 13.83 -35.18 -17.86
N ASN B 162 14.51 -34.11 -17.44
CA ASN B 162 15.95 -33.99 -17.59
C ASN B 162 16.70 -34.39 -16.32
N ASP B 163 16.04 -35.09 -15.40
CA ASP B 163 16.67 -35.61 -14.18
C ASP B 163 17.21 -34.46 -13.32
N LEU B 164 16.30 -33.58 -12.92
CA LEU B 164 16.62 -32.43 -12.07
C LEU B 164 15.48 -32.29 -11.06
N ASN B 165 15.63 -32.94 -9.90
CA ASN B 165 14.56 -32.99 -8.90
C ASN B 165 14.87 -32.10 -7.71
N GLY B 166 15.32 -30.87 -7.97
CA GLY B 166 15.56 -29.93 -6.89
C GLY B 166 14.29 -29.47 -6.20
N ALA B 167 13.20 -29.34 -6.96
CA ALA B 167 11.94 -28.92 -6.36
C ALA B 167 11.41 -29.95 -5.37
N ASP B 168 11.78 -31.21 -5.53
CA ASP B 168 11.29 -32.25 -4.62
C ASP B 168 11.81 -32.05 -3.20
N LYS B 169 13.00 -31.44 -3.06
CA LYS B 169 13.51 -31.16 -1.73
C LYS B 169 12.73 -30.06 -1.04
N GLY B 170 12.08 -29.18 -1.80
CA GLY B 170 11.22 -28.16 -1.24
C GLY B 170 11.85 -26.79 -1.18
N GLY B 171 13.14 -26.73 -0.86
CA GLY B 171 13.81 -25.45 -0.73
C GLY B 171 14.08 -24.81 -2.07
N LEU B 172 14.27 -23.48 -2.02
CA LEU B 172 14.53 -22.72 -3.23
C LEU B 172 15.95 -22.95 -3.74
N ILE B 173 16.91 -23.15 -2.84
CA ILE B 173 18.30 -23.31 -3.25
C ILE B 173 18.46 -24.44 -4.27
N PRO B 174 18.04 -25.68 -3.99
CA PRO B 174 18.23 -26.74 -4.99
C PRO B 174 17.55 -26.45 -6.31
N PHE B 175 16.41 -25.75 -6.29
CA PHE B 175 15.75 -25.40 -7.54
C PHE B 175 16.59 -24.40 -8.33
N CYS B 176 17.12 -23.38 -7.66
CA CYS B 176 17.98 -22.42 -8.34
C CYS B 176 19.30 -23.07 -8.76
N GLN B 177 19.74 -24.12 -8.06
CA GLN B 177 20.91 -24.87 -8.51
C GLN B 177 20.59 -25.64 -9.78
N ASP B 178 19.37 -26.19 -9.88
CA ASP B 178 18.96 -26.89 -11.10
C ASP B 178 18.84 -25.94 -12.28
N ILE B 179 18.50 -24.68 -12.03
CA ILE B 179 18.34 -23.72 -13.12
C ILE B 179 19.68 -23.42 -13.78
N ILE B 180 20.69 -23.11 -12.97
CA ILE B 180 22.01 -22.86 -13.53
C ILE B 180 22.63 -24.14 -14.06
N ASP B 181 22.23 -25.29 -13.54
CA ASP B 181 22.69 -26.57 -14.06
C ASP B 181 21.97 -26.94 -15.35
N SER B 182 20.71 -26.54 -15.51
CA SER B 182 19.98 -26.84 -16.74
C SER B 182 20.54 -26.07 -17.93
N LEU B 183 21.29 -24.99 -17.68
CA LEU B 183 21.97 -24.31 -18.78
C LEU B 183 23.00 -25.21 -19.44
N ASP B 184 23.65 -26.08 -18.67
CA ASP B 184 24.70 -26.94 -19.21
C ASP B 184 24.15 -28.13 -19.97
N ARG B 185 22.88 -28.46 -19.79
CA ARG B 185 22.30 -29.62 -20.47
C ARG B 185 22.47 -29.47 -21.98
N PRO B 186 22.81 -30.54 -22.70
CA PRO B 186 22.96 -30.40 -24.16
C PRO B 186 21.62 -30.28 -24.87
N GLU B 187 20.61 -31.04 -24.44
CA GLU B 187 19.28 -30.97 -25.05
C GLU B 187 18.25 -31.02 -23.93
N MET B 188 17.42 -29.98 -23.84
CA MET B 188 16.41 -29.86 -22.79
C MET B 188 15.10 -30.43 -23.29
N THR B 189 14.66 -31.54 -22.70
CA THR B 189 13.38 -32.13 -23.04
C THR B 189 12.26 -31.46 -22.25
N PHE B 190 11.06 -31.46 -22.83
CA PHE B 190 9.91 -30.88 -22.15
C PHE B 190 8.63 -31.43 -22.77
N PHE B 191 7.55 -31.36 -22.00
CA PHE B 191 6.26 -31.88 -22.43
C PHE B 191 5.58 -30.94 -23.42
N SER B 192 4.83 -31.53 -24.34
CA SER B 192 3.95 -30.80 -25.24
C SER B 192 2.79 -31.72 -25.58
N VAL B 193 1.57 -31.23 -25.36
CA VAL B 193 0.37 -32.06 -25.41
C VAL B 193 -0.16 -32.09 -26.84
N LYS B 194 -0.67 -33.27 -27.23
CA LYS B 194 -1.27 -33.45 -28.55
C LYS B 194 -2.41 -34.47 -28.43
N ASN B 195 -3.37 -34.36 -29.34
CA ASN B 195 -4.66 -35.02 -29.16
C ASN B 195 -4.69 -36.43 -29.78
N ILE B 196 -5.67 -37.20 -29.34
CA ILE B 196 -5.90 -38.57 -29.81
C ILE B 196 -7.40 -38.82 -29.86
N LYS B 197 -7.87 -39.37 -30.98
CA LYS B 197 -9.26 -39.80 -31.07
C LYS B 197 -9.42 -41.16 -30.41
N LYS B 198 -10.53 -41.35 -29.69
CA LYS B 198 -10.85 -42.65 -29.11
C LYS B 198 -12.35 -42.87 -29.12
N LYS B 199 -12.76 -44.04 -29.63
CA LYS B 199 -14.17 -44.42 -29.67
C LYS B 199 -14.62 -44.82 -28.26
N LEU B 200 -15.35 -43.92 -27.59
CA LEU B 200 -15.95 -44.29 -26.32
C LEU B 200 -17.36 -44.82 -26.56
N PRO B 201 -17.80 -45.81 -25.78
CA PRO B 201 -19.11 -46.43 -26.06
C PRO B 201 -20.24 -45.44 -25.90
N ALA B 202 -21.13 -45.40 -26.89
CA ALA B 202 -22.21 -44.43 -26.92
C ALA B 202 -23.51 -45.11 -27.33
N LYS B 203 -24.62 -44.43 -27.02
CA LYS B 203 -25.96 -44.84 -27.41
C LYS B 203 -26.46 -43.82 -28.42
N ASN B 204 -25.98 -43.96 -29.65
CA ASN B 204 -26.05 -42.88 -30.63
C ASN B 204 -26.23 -43.46 -32.04
N ARG B 205 -27.25 -44.29 -32.23
CA ARG B 205 -27.48 -44.97 -33.49
C ARG B 205 -26.23 -45.78 -33.85
N LYS B 206 -25.17 -45.11 -34.27
CA LYS B 206 -23.85 -45.73 -34.33
C LYS B 206 -23.28 -45.79 -32.93
N GLY B 207 -23.06 -46.99 -32.42
CA GLY B 207 -22.72 -47.17 -31.02
C GLY B 207 -21.33 -46.76 -30.62
N PHE B 208 -20.99 -45.49 -30.76
CA PHE B 208 -19.69 -44.99 -30.33
C PHE B 208 -19.67 -43.47 -30.46
N LEU B 209 -18.66 -42.86 -29.86
CA LEU B 209 -18.45 -41.43 -29.90
C LEU B 209 -16.96 -41.12 -29.84
N ILE B 210 -16.52 -40.18 -30.67
CA ILE B 210 -15.12 -39.79 -30.72
C ILE B 210 -14.93 -38.59 -29.82
N LYS B 211 -14.17 -38.77 -28.74
CA LYS B 211 -13.75 -37.67 -27.87
C LYS B 211 -12.23 -37.60 -27.93
N ARG B 212 -11.71 -36.42 -28.27
CA ARG B 212 -10.27 -36.24 -28.47
C ARG B 212 -9.57 -36.17 -27.12
N ILE B 213 -9.14 -37.34 -26.63
CA ILE B 213 -8.36 -37.40 -25.38
C ILE B 213 -6.95 -36.88 -25.65
N PRO B 214 -6.45 -35.91 -24.89
CA PRO B 214 -5.08 -35.44 -25.10
C PRO B 214 -4.05 -36.33 -24.40
N MET B 215 -2.83 -36.26 -24.90
CA MET B 215 -1.72 -36.99 -24.32
C MET B 215 -0.45 -36.17 -24.47
N LYS B 216 0.46 -36.35 -23.50
CA LYS B 216 1.70 -35.59 -23.49
C LYS B 216 2.74 -36.25 -24.38
N VAL B 217 3.59 -35.41 -24.99
CA VAL B 217 4.63 -35.84 -25.90
C VAL B 217 5.94 -35.19 -25.48
N LYS B 218 7.03 -35.95 -25.55
CA LYS B 218 8.35 -35.42 -25.21
C LYS B 218 8.90 -34.64 -26.40
N ASP B 219 9.37 -33.42 -26.13
CA ASP B 219 9.87 -32.52 -27.16
C ASP B 219 11.19 -31.93 -26.69
N LYS B 220 12.13 -31.75 -27.62
CA LYS B 220 13.50 -31.37 -27.30
C LYS B 220 13.83 -29.98 -27.86
N ILE B 221 14.73 -29.31 -27.16
CA ILE B 221 15.32 -28.05 -27.61
C ILE B 221 16.82 -28.15 -27.39
N THR B 222 17.59 -27.57 -28.31
CA THR B 222 19.04 -27.64 -28.20
C THR B 222 19.56 -26.64 -27.18
N LYS B 223 20.78 -26.91 -26.69
CA LYS B 223 21.35 -26.14 -25.58
C LYS B 223 21.28 -24.64 -25.84
N VAL B 224 21.67 -24.20 -27.04
CA VAL B 224 21.69 -22.77 -27.33
C VAL B 224 20.29 -22.20 -27.35
N GLU B 225 19.34 -22.91 -27.99
CA GLU B 225 17.98 -22.38 -28.08
C GLU B 225 17.30 -22.35 -26.73
N TYR B 226 17.71 -23.20 -25.79
CA TYR B 226 17.16 -23.14 -24.44
C TYR B 226 17.73 -21.97 -23.66
N ILE B 227 19.04 -21.75 -23.73
CA ILE B 227 19.65 -20.63 -23.03
C ILE B 227 19.05 -19.31 -23.50
N LYS B 228 18.78 -19.19 -24.80
CA LYS B 228 18.15 -17.98 -25.31
C LYS B 228 16.76 -17.80 -24.71
N ARG B 229 15.97 -18.88 -24.65
CA ARG B 229 14.66 -18.80 -24.02
C ARG B 229 14.77 -18.48 -22.54
N ALA B 230 15.78 -19.04 -21.87
CA ALA B 230 15.99 -18.78 -20.44
C ALA B 230 16.38 -17.32 -20.20
N LEU B 231 17.06 -16.69 -21.16
CA LEU B 231 17.45 -15.29 -21.07
C LEU B 231 16.41 -14.35 -21.65
N SER B 232 15.33 -14.88 -22.22
CA SER B 232 14.38 -14.05 -22.95
C SER B 232 13.42 -13.34 -22.01
N LEU B 233 12.91 -12.19 -22.47
CA LEU B 233 11.90 -11.42 -21.76
C LEU B 233 10.82 -11.01 -22.73
N ASN B 234 9.56 -11.30 -22.38
CA ASN B 234 8.43 -10.90 -23.22
C ASN B 234 8.14 -9.42 -23.03
N THR B 235 7.35 -8.86 -23.95
CA THR B 235 7.04 -7.44 -23.93
C THR B 235 5.59 -7.21 -24.33
N MET B 236 5.07 -6.04 -23.95
CA MET B 236 3.73 -5.61 -24.31
C MET B 236 3.56 -4.16 -23.87
N THR B 237 2.59 -3.48 -24.47
CA THR B 237 2.34 -2.09 -24.16
C THR B 237 1.65 -1.94 -22.80
N LYS B 238 1.93 -0.82 -22.14
CA LYS B 238 1.35 -0.56 -20.81
C LYS B 238 0.04 0.20 -20.97
N ASP B 239 -1.05 -0.42 -20.52
CA ASP B 239 -2.38 0.17 -20.62
C ASP B 239 -2.67 1.03 -19.39
N ALA B 240 -3.53 2.04 -19.59
CA ALA B 240 -4.05 2.86 -18.51
C ALA B 240 -2.95 3.61 -17.78
N GLU B 241 -1.85 3.92 -18.47
CA GLU B 241 -0.79 4.74 -17.89
C GLU B 241 -1.24 6.19 -17.93
N ARG B 242 -1.44 6.77 -16.76
CA ARG B 242 -2.01 8.11 -16.66
C ARG B 242 -0.98 9.18 -16.99
N GLY B 243 -1.47 10.40 -17.19
CA GLY B 243 -0.62 11.58 -17.31
C GLY B 243 0.42 11.52 -18.40
N LYS B 244 0.15 10.83 -19.49
CA LYS B 244 1.11 10.75 -20.59
C LYS B 244 0.37 10.63 -21.91
N LEU B 245 0.96 11.25 -22.94
CA LEU B 245 0.37 11.22 -24.28
C LEU B 245 0.65 9.88 -24.96
N LYS B 246 1.92 9.63 -25.29
CA LYS B 246 2.31 8.45 -26.04
C LYS B 246 2.50 7.27 -25.09
N ARG B 247 2.15 6.08 -25.59
CA ARG B 247 2.28 4.86 -24.81
C ARG B 247 3.71 4.34 -24.87
N ARG B 248 3.98 3.31 -24.06
CA ARG B 248 5.30 2.70 -24.03
C ARG B 248 5.16 1.24 -23.64
N ALA B 249 6.28 0.51 -23.72
CA ALA B 249 6.30 -0.93 -23.55
C ALA B 249 6.82 -1.33 -22.17
N ILE B 250 6.34 -2.46 -21.69
CA ILE B 250 6.79 -3.05 -20.43
C ILE B 250 7.02 -4.54 -20.67
N ALA B 251 7.88 -5.13 -19.85
CA ALA B 251 8.37 -6.48 -20.08
C ALA B 251 7.81 -7.45 -19.05
N THR B 252 8.13 -8.73 -19.25
CA THR B 252 7.78 -9.81 -18.33
C THR B 252 8.90 -10.84 -18.37
N ALA B 253 9.27 -11.37 -17.20
CA ALA B 253 10.44 -12.22 -17.08
C ALA B 253 10.04 -13.69 -17.00
N GLY B 254 11.05 -14.56 -17.17
CA GLY B 254 10.85 -15.99 -17.11
C GLY B 254 10.96 -16.53 -15.70
N ILE B 255 10.74 -17.84 -15.58
CA ILE B 255 10.74 -18.50 -14.27
C ILE B 255 12.16 -18.69 -13.74
N GLN B 256 13.17 -18.72 -14.60
CA GLN B 256 14.54 -18.96 -14.13
C GLN B 256 15.02 -17.82 -13.24
N ILE B 257 14.86 -16.58 -13.71
CA ILE B 257 15.47 -15.44 -13.05
C ILE B 257 14.69 -14.97 -11.83
N ARG B 258 13.46 -15.44 -11.64
CA ARG B 258 12.64 -14.96 -10.53
C ARG B 258 13.30 -15.23 -9.19
N GLY B 259 13.76 -16.47 -8.97
CA GLY B 259 14.36 -16.81 -7.69
C GLY B 259 15.57 -15.95 -7.37
N PHE B 260 16.35 -15.59 -8.40
CA PHE B 260 17.55 -14.79 -8.17
C PHE B 260 17.23 -13.32 -7.96
N VAL B 261 16.16 -12.81 -8.58
CA VAL B 261 15.76 -11.42 -8.36
C VAL B 261 15.17 -11.25 -6.97
N LEU B 262 14.35 -12.21 -6.54
CA LEU B 262 13.77 -12.15 -5.20
C LEU B 262 14.83 -11.88 -4.15
N VAL B 263 15.95 -12.59 -4.23
CA VAL B 263 17.03 -12.42 -3.25
C VAL B 263 17.65 -11.04 -3.37
N VAL B 264 17.97 -10.63 -4.60
CA VAL B 264 18.63 -9.34 -4.81
C VAL B 264 17.72 -8.20 -4.36
N GLU B 265 16.42 -8.33 -4.58
CA GLU B 265 15.49 -7.29 -4.13
C GLU B 265 15.29 -7.35 -2.63
N ASN B 266 15.18 -8.56 -2.06
CA ASN B 266 15.12 -8.69 -0.61
C ASN B 266 16.39 -8.14 0.02
N LEU B 267 17.55 -8.40 -0.59
CA LEU B 267 18.80 -7.83 -0.11
C LEU B 267 18.76 -6.31 -0.19
N ALA B 268 18.32 -5.77 -1.33
CA ALA B 268 18.26 -4.32 -1.50
C ALA B 268 17.17 -3.71 -0.62
N LYS B 269 16.10 -4.46 -0.35
CA LYS B 269 15.08 -3.97 0.58
C LYS B 269 15.66 -3.82 1.97
N ASN B 270 16.33 -4.86 2.47
CA ASN B 270 16.93 -4.80 3.80
C ASN B 270 17.89 -3.63 3.92
N ILE B 271 18.51 -3.22 2.82
CA ILE B 271 19.35 -2.01 2.83
C ILE B 271 18.47 -0.76 2.86
N CYS B 272 17.45 -0.72 2.00
CA CYS B 272 16.64 0.49 1.87
C CYS B 272 15.80 0.76 3.12
N GLU B 273 15.48 -0.28 3.89
CA GLU B 273 14.67 -0.07 5.09
C GLU B 273 15.40 0.81 6.10
N ASN B 274 16.71 0.62 6.25
CA ASN B 274 17.50 1.34 7.25
C ASN B 274 18.05 2.66 6.74
N LEU B 275 18.02 2.91 5.44
CA LEU B 275 18.44 4.21 4.92
C LEU B 275 17.38 5.27 5.21
N GLU B 276 17.83 6.46 5.61
CA GLU B 276 16.93 7.55 5.91
C GLU B 276 16.64 8.44 4.70
N GLN B 277 17.38 8.28 3.61
CA GLN B 277 17.20 9.07 2.39
C GLN B 277 16.70 8.20 1.25
N SER B 278 15.84 7.23 1.55
CA SER B 278 15.23 6.37 0.55
C SER B 278 13.74 6.25 0.85
N GLY B 279 12.92 6.46 -0.18
CA GLY B 279 11.48 6.35 -0.03
C GLY B 279 10.95 5.05 -0.58
N LEU B 280 11.50 3.93 -0.10
CA LEU B 280 11.13 2.63 -0.60
C LEU B 280 11.66 1.55 0.36
N PRO B 281 10.79 0.62 0.82
CA PRO B 281 9.33 0.50 0.62
C PRO B 281 8.55 1.26 1.68
N VAL B 282 8.66 2.59 1.67
CA VAL B 282 7.99 3.41 2.66
C VAL B 282 6.54 3.61 2.24
N GLY B 283 5.62 3.30 3.16
CA GLY B 283 4.21 3.50 2.86
C GLY B 283 3.90 4.98 2.65
N GLY B 284 2.99 5.26 1.71
CA GLY B 284 2.69 6.63 1.35
C GLY B 284 2.41 7.53 2.54
N ASN B 285 1.80 6.98 3.60
CA ASN B 285 1.54 7.76 4.79
C ASN B 285 2.84 8.06 5.53
N GLU B 286 3.75 7.08 5.58
CA GLU B 286 5.03 7.29 6.24
C GLU B 286 5.95 8.19 5.43
N LYS B 287 5.79 8.22 4.10
CA LYS B 287 6.68 9.02 3.27
C LYS B 287 6.64 10.49 3.67
N LYS B 288 5.49 11.00 4.10
CA LYS B 288 5.44 12.37 4.62
C LYS B 288 6.24 12.50 5.91
N ALA B 289 6.08 11.53 6.82
CA ALA B 289 6.86 11.55 8.05
C ALA B 289 8.35 11.60 7.76
N LYS B 290 8.80 10.95 6.68
CA LYS B 290 10.20 11.04 6.29
C LYS B 290 10.50 12.39 5.66
N LEU B 291 9.65 12.82 4.72
CA LEU B 291 9.94 14.03 3.94
C LEU B 291 9.85 15.29 4.81
N SER B 292 8.75 15.43 5.56
CA SER B 292 8.55 16.65 6.33
C SER B 292 9.67 16.84 7.35
N ASN B 293 10.15 15.74 7.96
CA ASN B 293 11.25 15.85 8.90
C ASN B 293 12.57 16.08 8.18
N ALA B 294 12.76 15.43 7.02
CA ALA B 294 13.96 15.67 6.22
C ALA B 294 14.01 17.12 5.76
N VAL B 295 12.84 17.71 5.45
CA VAL B 295 12.79 19.12 5.11
C VAL B 295 13.09 19.98 6.33
N ALA B 296 12.53 19.60 7.49
CA ALA B 296 12.74 20.37 8.70
C ALA B 296 14.22 20.47 9.04
N LYS B 297 14.97 19.37 8.83
CA LYS B 297 16.40 19.42 9.08
C LYS B 297 17.07 20.41 8.14
N MET B 298 16.86 20.27 6.83
CA MET B 298 17.52 21.13 5.88
C MET B 298 17.10 22.59 6.00
N LEU B 299 15.99 22.86 6.68
CA LEU B 299 15.57 24.24 6.93
C LEU B 299 16.47 24.90 7.95
N SER B 300 16.38 24.45 9.21
CA SER B 300 17.21 24.99 10.29
C SER B 300 18.57 24.29 10.24
N ASN B 301 19.40 24.74 9.31
CA ASN B 301 20.75 24.21 9.18
C ASN B 301 21.76 25.30 8.87
N CYS B 302 21.40 26.23 7.97
CA CYS B 302 22.24 27.40 7.68
C CYS B 302 21.40 28.67 7.86
N PRO B 303 21.37 29.22 9.07
CA PRO B 303 20.62 30.47 9.30
C PRO B 303 21.20 31.63 8.53
N PRO B 304 22.53 31.89 8.62
CA PRO B 304 23.06 33.15 8.09
C PRO B 304 22.97 33.23 6.57
N GLY B 305 21.88 33.82 6.08
CA GLY B 305 21.70 33.96 4.65
C GLY B 305 21.74 32.66 3.88
N GLY B 306 21.48 31.54 4.56
CA GLY B 306 21.56 30.24 3.93
C GLY B 306 20.36 29.93 3.05
N ILE B 307 20.55 30.03 1.74
CA ILE B 307 19.48 29.81 0.76
C ILE B 307 19.33 28.30 0.59
N SER B 308 18.34 27.73 1.26
CA SER B 308 18.02 26.31 1.08
C SER B 308 17.08 26.16 -0.10
N MET B 309 17.52 25.43 -1.12
CA MET B 309 16.75 25.23 -2.34
C MET B 309 16.34 23.77 -2.46
N THR B 310 15.12 23.55 -2.95
CA THR B 310 14.58 22.22 -3.18
C THR B 310 14.39 22.01 -4.68
N VAL B 311 14.90 20.89 -5.18
CA VAL B 311 14.84 20.57 -6.60
C VAL B 311 13.81 19.47 -6.79
N THR B 312 12.74 19.78 -7.52
CA THR B 312 11.74 18.77 -7.91
C THR B 312 12.34 17.96 -9.05
N GLY B 313 12.82 16.76 -8.72
CA GLY B 313 13.61 15.97 -9.64
C GLY B 313 12.82 14.89 -10.36
N ASP B 314 13.39 14.44 -11.47
CA ASP B 314 12.82 13.36 -12.27
C ASP B 314 13.88 12.93 -13.28
N ASN B 315 14.02 11.62 -13.47
CA ASN B 315 15.10 11.05 -14.28
C ASN B 315 14.56 10.56 -15.62
N THR B 316 15.34 10.82 -16.68
CA THR B 316 14.99 10.37 -18.03
C THR B 316 15.75 9.10 -18.36
N LYS B 317 15.10 8.20 -19.09
CA LYS B 317 15.71 6.95 -19.53
C LYS B 317 16.28 6.18 -18.34
N TRP B 318 15.54 6.18 -17.24
CA TRP B 318 16.00 5.56 -16.01
C TRP B 318 16.39 4.10 -16.23
N ASN B 319 15.48 3.31 -16.81
CA ASN B 319 15.76 1.89 -17.01
C ASN B 319 16.75 1.67 -18.14
N GLU B 320 16.75 2.54 -19.15
CA GLU B 320 17.52 2.31 -20.36
C GLU B 320 19.00 2.65 -20.21
N CYS B 321 19.39 3.32 -19.14
CA CYS B 321 20.79 3.68 -18.91
C CYS B 321 21.47 2.86 -17.84
N LEU B 322 20.76 2.52 -16.76
CA LEU B 322 21.35 1.69 -15.70
C LEU B 322 21.69 0.31 -16.26
N ASN B 323 23.00 -0.10 -16.11
CA ASN B 323 23.50 -1.32 -16.73
C ASN B 323 23.54 -2.48 -15.73
N PRO B 324 23.15 -3.69 -16.14
CA PRO B 324 23.34 -4.85 -15.25
C PRO B 324 24.76 -4.98 -14.72
N ARG B 325 25.76 -4.64 -15.53
CA ARG B 325 27.15 -4.81 -15.11
C ARG B 325 27.44 -3.99 -13.86
N ILE B 326 26.78 -2.85 -13.70
CA ILE B 326 26.92 -2.08 -12.46
C ILE B 326 26.24 -2.81 -11.31
N PHE B 327 25.02 -3.32 -11.55
CA PHE B 327 24.30 -4.03 -10.49
C PHE B 327 25.06 -5.26 -10.04
N LEU B 328 25.85 -5.87 -10.93
CA LEU B 328 26.70 -6.99 -10.53
C LEU B 328 27.80 -6.53 -9.59
N ALA B 329 28.43 -5.39 -9.89
CA ALA B 329 29.42 -4.83 -8.99
C ALA B 329 28.80 -4.42 -7.65
N MET B 330 27.53 -4.03 -7.66
CA MET B 330 26.85 -3.66 -6.41
C MET B 330 26.67 -4.86 -5.51
N THR B 331 26.29 -6.02 -6.08
CA THR B 331 26.16 -7.23 -5.27
C THR B 331 27.51 -7.69 -4.73
N GLU B 332 28.55 -7.60 -5.55
CA GLU B 332 29.88 -8.02 -5.10
C GLU B 332 30.36 -7.17 -3.93
N ARG B 333 30.08 -5.87 -3.95
CA ARG B 333 30.45 -5.01 -2.84
C ARG B 333 29.55 -5.25 -1.63
N ILE B 334 28.24 -5.37 -1.87
CA ILE B 334 27.28 -5.51 -0.77
C ILE B 334 27.44 -6.85 -0.07
N THR B 335 27.92 -7.88 -0.76
CA THR B 335 28.09 -9.21 -0.19
C THR B 335 29.55 -9.48 0.15
N ARG B 336 30.28 -8.46 0.61
CA ARG B 336 31.70 -8.64 0.91
C ARG B 336 31.89 -9.63 2.06
N ASP B 337 31.12 -9.47 3.13
CA ASP B 337 31.30 -10.29 4.33
C ASP B 337 30.63 -11.66 4.22
N SER B 338 29.65 -11.81 3.35
CA SER B 338 28.93 -13.07 3.24
C SER B 338 29.79 -14.14 2.57
N PRO B 339 29.49 -15.42 2.81
CA PRO B 339 30.32 -16.49 2.23
C PRO B 339 30.25 -16.52 0.72
N ILE B 340 30.97 -17.46 0.11
CA ILE B 340 31.16 -17.46 -1.33
C ILE B 340 29.89 -17.95 -2.04
N TRP B 341 29.19 -18.93 -1.47
CA TRP B 341 28.02 -19.48 -2.15
C TRP B 341 26.93 -18.42 -2.28
N PHE B 342 26.78 -17.56 -1.28
CA PHE B 342 25.78 -16.49 -1.36
C PHE B 342 26.24 -15.39 -2.31
N ARG B 343 27.55 -15.16 -2.41
CA ARG B 343 28.05 -14.19 -3.39
C ARG B 343 27.78 -14.68 -4.81
N ASP B 344 27.94 -15.98 -5.06
CA ASP B 344 27.63 -16.53 -6.37
C ASP B 344 26.12 -16.53 -6.62
N PHE B 345 25.32 -16.71 -5.57
CA PHE B 345 23.86 -16.73 -5.73
C PHE B 345 23.35 -15.35 -6.16
N CYS B 346 23.79 -14.30 -5.45
CA CYS B 346 23.31 -12.96 -5.76
C CYS B 346 23.86 -12.43 -7.08
N SER B 347 24.96 -12.98 -7.57
CA SER B 347 25.55 -12.51 -8.82
C SER B 347 24.79 -12.99 -10.05
N ILE B 348 23.97 -14.03 -9.92
CA ILE B 348 23.37 -14.66 -11.09
C ILE B 348 22.37 -13.74 -11.76
N ALA B 349 21.49 -13.13 -10.97
CA ALA B 349 20.45 -12.28 -11.56
C ALA B 349 21.02 -11.17 -12.43
N PRO B 350 22.00 -10.38 -11.97
CA PRO B 350 22.61 -9.40 -12.89
C PRO B 350 23.26 -10.04 -14.11
N VAL B 351 23.89 -11.21 -13.96
CA VAL B 351 24.57 -11.85 -15.08
C VAL B 351 23.56 -12.20 -16.16
N LEU B 352 22.38 -12.69 -15.77
CA LEU B 352 21.36 -13.02 -16.75
C LEU B 352 20.84 -11.76 -17.44
N PHE B 353 20.58 -10.70 -16.67
CA PHE B 353 20.16 -9.44 -17.27
C PHE B 353 21.24 -8.83 -18.15
N SER B 354 22.50 -9.15 -17.87
CA SER B 354 23.59 -8.63 -18.70
C SER B 354 23.64 -9.29 -20.08
N ASN B 355 23.10 -10.50 -20.20
CA ASN B 355 23.09 -11.23 -21.47
C ASN B 355 21.67 -11.56 -21.91
N LYS B 356 20.71 -10.70 -21.56
CA LYS B 356 19.30 -10.98 -21.78
C LYS B 356 18.92 -10.80 -23.25
N ILE B 357 17.75 -11.33 -23.60
CA ILE B 357 17.18 -11.20 -24.93
C ILE B 357 15.77 -10.64 -24.81
N ALA B 358 15.40 -9.77 -25.74
CA ALA B 358 14.10 -9.11 -25.73
C ALA B 358 13.24 -9.66 -26.86
N ARG B 359 12.02 -10.08 -26.52
CA ARG B 359 11.04 -10.47 -27.52
C ARG B 359 10.26 -9.24 -27.96
N LEU B 360 9.81 -9.25 -29.21
CA LEU B 360 9.26 -8.06 -29.85
C LEU B 360 7.75 -8.14 -30.08
N GLY B 361 7.03 -8.82 -29.19
CA GLY B 361 5.58 -8.78 -29.21
C GLY B 361 4.98 -9.48 -30.42
N LYS B 362 3.82 -8.98 -30.84
CA LYS B 362 3.09 -9.59 -31.97
C LYS B 362 3.82 -9.37 -33.28
N GLY B 363 4.05 -8.11 -33.64
CA GLY B 363 4.68 -7.77 -34.90
C GLY B 363 4.11 -6.50 -35.51
N PHE B 364 3.82 -6.55 -36.81
CA PHE B 364 3.19 -5.42 -37.50
C PHE B 364 2.12 -5.94 -38.43
N MET B 365 1.02 -5.20 -38.53
CA MET B 365 -0.12 -5.58 -39.36
C MET B 365 -0.12 -4.74 -40.63
N ILE B 366 0.01 -5.40 -41.78
CA ILE B 366 -0.03 -4.74 -43.08
C ILE B 366 -1.39 -5.00 -43.71
N THR B 367 -1.90 -4.02 -44.45
CA THR B 367 -3.24 -4.07 -45.01
C THR B 367 -3.23 -3.51 -46.43
N SER B 368 -4.35 -3.72 -47.13
CA SER B 368 -4.63 -3.08 -48.41
C SER B 368 -6.03 -2.52 -48.33
N LYS B 369 -6.16 -1.19 -48.37
CA LYS B 369 -7.48 -0.57 -48.32
C LYS B 369 -8.30 -0.89 -49.55
N THR B 370 -7.65 -1.22 -50.67
CA THR B 370 -8.38 -1.61 -51.87
C THR B 370 -9.17 -2.89 -51.66
N LYS B 371 -8.48 -3.95 -51.22
CA LYS B 371 -9.09 -5.27 -51.06
C LYS B 371 -9.76 -5.46 -49.70
N ARG B 372 -9.52 -4.56 -48.74
CA ARG B 372 -10.05 -4.69 -47.39
C ARG B 372 -9.55 -5.97 -46.73
N LEU B 373 -8.22 -6.09 -46.65
CA LEU B 373 -7.57 -7.25 -46.06
C LEU B 373 -6.54 -6.78 -45.03
N LYS B 374 -6.22 -7.67 -44.10
CA LYS B 374 -5.22 -7.37 -43.08
C LYS B 374 -4.51 -8.66 -42.68
N ALA B 375 -3.30 -8.52 -42.14
CA ALA B 375 -2.53 -9.68 -41.73
C ALA B 375 -1.39 -9.22 -40.83
N GLN B 376 -1.19 -9.94 -39.73
CA GLN B 376 -0.06 -9.70 -38.85
C GLN B 376 1.18 -10.40 -39.40
N ILE B 377 2.30 -9.68 -39.37
CA ILE B 377 3.61 -10.24 -39.75
C ILE B 377 4.37 -10.56 -38.47
N PRO B 378 4.54 -11.83 -38.11
CA PRO B 378 5.32 -12.14 -36.90
C PRO B 378 6.73 -11.58 -36.99
N CYS B 379 7.36 -11.49 -35.82
CA CYS B 379 8.71 -10.94 -35.69
C CYS B 379 9.73 -11.80 -36.43
N PRO B 380 9.55 -13.13 -36.47
CA PRO B 380 10.42 -13.92 -37.36
C PRO B 380 10.35 -13.49 -38.81
N ASP B 381 9.14 -13.34 -39.36
CA ASP B 381 8.95 -12.88 -40.74
C ASP B 381 9.11 -11.37 -40.88
N LEU B 382 9.51 -10.68 -39.81
CA LEU B 382 9.64 -9.23 -39.84
C LEU B 382 10.38 -8.76 -41.08
N PHE B 383 11.47 -9.44 -41.45
CA PHE B 383 12.32 -9.05 -42.56
C PHE B 383 12.07 -9.88 -43.81
N SER B 384 10.95 -10.57 -43.89
CA SER B 384 10.58 -11.32 -45.09
C SER B 384 9.63 -10.47 -45.95
N ILE B 385 10.12 -9.29 -46.32
CA ILE B 385 9.30 -8.29 -46.99
C ILE B 385 10.15 -7.08 -47.32
N PRO B 386 9.96 -6.41 -48.46
CA PRO B 386 10.69 -5.17 -48.72
C PRO B 386 10.38 -4.12 -47.67
N LEU B 387 11.43 -3.37 -47.29
CA LEU B 387 11.28 -2.36 -46.24
C LEU B 387 10.43 -1.18 -46.69
N GLU B 388 10.23 -1.00 -48.00
CA GLU B 388 9.36 0.07 -48.48
C GLU B 388 7.90 -0.18 -48.14
N ARG B 389 7.51 -1.45 -47.96
CA ARG B 389 6.12 -1.77 -47.65
C ARG B 389 5.74 -1.47 -46.21
N TYR B 390 6.71 -1.22 -45.34
CA TYR B 390 6.43 -0.66 -44.02
C TYR B 390 6.31 0.86 -44.12
N ASN B 391 5.78 1.46 -43.06
CA ASN B 391 5.63 2.92 -43.07
C ASN B 391 6.98 3.58 -42.82
N GLU B 392 6.99 4.91 -42.92
CA GLU B 392 8.24 5.66 -42.89
C GLU B 392 8.98 5.46 -41.58
N GLU B 393 8.27 5.65 -40.45
CA GLU B 393 8.93 5.55 -39.15
C GLU B 393 9.40 4.14 -38.87
N THR B 394 8.56 3.13 -39.15
CA THR B 394 8.95 1.75 -38.91
C THR B 394 10.08 1.33 -39.85
N ARG B 395 10.15 1.90 -41.04
CA ARG B 395 11.26 1.63 -41.94
C ARG B 395 12.58 2.06 -41.30
N ALA B 396 12.58 3.22 -40.64
CA ALA B 396 13.79 3.69 -39.96
C ALA B 396 14.13 2.81 -38.76
N LYS B 397 13.12 2.36 -38.02
CA LYS B 397 13.37 1.51 -36.86
C LYS B 397 13.96 0.17 -37.29
N LEU B 398 13.37 -0.47 -38.31
CA LEU B 398 13.81 -1.79 -38.71
C LEU B 398 15.24 -1.79 -39.24
N LYS B 399 15.66 -0.68 -39.84
CA LYS B 399 17.05 -0.57 -40.28
C LYS B 399 17.99 -0.48 -39.09
N LYS B 400 17.62 0.30 -38.07
CA LYS B 400 18.45 0.42 -36.87
C LYS B 400 18.42 -0.83 -36.02
N LEU B 401 17.39 -1.67 -36.17
CA LEU B 401 17.27 -2.89 -35.38
C LEU B 401 18.16 -4.01 -35.90
N LYS B 402 18.60 -3.93 -37.16
CA LYS B 402 19.34 -5.02 -37.80
C LYS B 402 20.51 -5.52 -36.96
N PRO B 403 21.44 -4.65 -36.56
CA PRO B 403 22.63 -5.17 -35.85
C PRO B 403 22.30 -5.91 -34.56
N PHE B 404 21.16 -5.64 -33.93
CA PHE B 404 20.78 -6.29 -32.68
C PHE B 404 19.67 -7.31 -32.86
N PHE B 405 19.40 -7.72 -34.10
CA PHE B 405 18.28 -8.61 -34.39
C PHE B 405 18.75 -10.04 -34.56
N ASN B 406 17.97 -10.98 -34.05
CA ASN B 406 18.29 -12.40 -34.11
C ASN B 406 17.46 -13.09 -35.18
N GLU B 407 17.97 -14.24 -35.64
CA GLU B 407 17.30 -14.98 -36.71
C GLU B 407 15.87 -15.36 -36.30
N GLU B 408 15.71 -15.89 -35.09
CA GLU B 408 14.41 -16.42 -34.67
C GLU B 408 13.41 -15.33 -34.32
N GLY B 409 13.76 -14.05 -34.48
CA GLY B 409 12.79 -12.98 -34.31
C GLY B 409 12.81 -12.37 -32.92
N THR B 410 14.01 -12.15 -32.37
CA THR B 410 14.17 -11.50 -31.08
C THR B 410 15.31 -10.50 -31.18
N ALA B 411 15.35 -9.59 -30.21
CA ALA B 411 16.34 -8.51 -30.17
C ALA B 411 17.30 -8.76 -29.02
N SER B 412 18.59 -8.75 -29.33
CA SER B 412 19.61 -8.80 -28.28
C SER B 412 19.66 -7.46 -27.56
N LEU B 413 19.88 -7.50 -26.25
CA LEU B 413 19.82 -6.29 -25.44
C LEU B 413 20.65 -6.46 -24.18
N SER B 414 21.97 -6.26 -24.29
CA SER B 414 22.83 -6.38 -23.11
C SER B 414 22.62 -5.23 -22.13
N PRO B 415 22.66 -3.98 -22.54
CA PRO B 415 22.56 -2.87 -21.57
C PRO B 415 21.12 -2.58 -21.21
N GLY B 416 20.96 -1.78 -20.17
CA GLY B 416 19.66 -1.31 -19.73
C GLY B 416 18.88 -2.36 -18.99
N MET B 417 17.85 -1.89 -18.28
CA MET B 417 16.92 -2.72 -17.54
C MET B 417 15.53 -2.58 -18.12
N MET B 418 14.61 -3.39 -17.62
CA MET B 418 13.19 -3.30 -17.99
C MET B 418 12.45 -2.46 -16.96
N MET B 419 11.21 -2.10 -17.31
CA MET B 419 10.38 -1.26 -16.46
C MET B 419 9.98 -2.05 -15.23
N GLY B 420 10.66 -1.80 -14.10
CA GLY B 420 10.33 -2.45 -12.85
C GLY B 420 10.95 -3.83 -12.72
N MET B 421 12.25 -3.88 -12.44
CA MET B 421 12.95 -5.14 -12.21
C MET B 421 13.77 -5.06 -10.93
N PHE B 422 14.76 -4.17 -10.92
CA PHE B 422 15.59 -3.94 -9.74
C PHE B 422 15.22 -2.57 -9.14
N ASN B 423 13.98 -2.48 -8.66
CA ASN B 423 13.51 -1.23 -8.07
C ASN B 423 14.32 -0.88 -6.83
N MET B 424 14.45 -1.83 -5.91
CA MET B 424 15.19 -1.57 -4.68
C MET B 424 16.66 -1.28 -4.97
N LEU B 425 17.31 -2.18 -5.71
CA LEU B 425 18.75 -2.05 -5.93
C LEU B 425 19.08 -0.77 -6.70
N SER B 426 18.19 -0.33 -7.59
CA SER B 426 18.42 0.93 -8.29
C SER B 426 18.15 2.13 -7.40
N THR B 427 17.24 2.00 -6.42
CA THR B 427 17.07 3.05 -5.43
C THR B 427 18.33 3.21 -4.60
N VAL B 428 18.97 2.09 -4.25
CA VAL B 428 20.22 2.14 -3.51
C VAL B 428 21.25 2.98 -4.25
N LEU B 429 21.41 2.72 -5.55
CA LEU B 429 22.37 3.49 -6.34
C LEU B 429 22.00 4.97 -6.36
N GLY B 430 20.70 5.29 -6.35
CA GLY B 430 20.29 6.68 -6.29
C GLY B 430 20.57 7.31 -4.94
N VAL B 431 20.38 6.54 -3.87
CA VAL B 431 20.75 7.01 -2.53
C VAL B 431 22.25 7.23 -2.45
N ALA B 432 23.03 6.32 -3.05
CA ALA B 432 24.48 6.48 -3.06
C ALA B 432 24.89 7.81 -3.68
N ALA B 433 24.14 8.29 -4.67
CA ALA B 433 24.40 9.61 -5.22
C ALA B 433 24.11 10.71 -4.21
N LEU B 434 23.06 10.52 -3.39
CA LEU B 434 22.73 11.50 -2.37
C LEU B 434 23.71 11.48 -1.20
N GLY B 435 24.49 10.40 -1.05
CA GLY B 435 25.40 10.28 0.07
C GLY B 435 26.67 11.07 -0.05
N ILE B 436 27.02 11.51 -1.25
CA ILE B 436 28.25 12.30 -1.44
C ILE B 436 28.10 13.65 -0.74
N LYS B 437 27.07 14.41 -1.10
CA LYS B 437 26.70 15.65 -0.42
C LYS B 437 27.60 16.83 -0.78
N ASN B 438 28.87 16.58 -1.10
CA ASN B 438 29.79 17.67 -1.40
C ASN B 438 30.90 17.17 -2.31
N ILE B 439 31.45 18.09 -3.09
CA ILE B 439 32.59 17.81 -3.96
C ILE B 439 33.58 18.97 -3.85
N GLY B 440 34.84 18.65 -3.55
CA GLY B 440 35.85 19.67 -3.48
C GLY B 440 35.75 20.59 -2.29
N ASN B 441 34.97 20.22 -1.28
CA ASN B 441 34.80 21.02 -0.07
C ASN B 441 34.33 22.43 -0.39
N LYS B 442 33.44 22.54 -1.38
CA LYS B 442 32.81 23.81 -1.70
C LYS B 442 31.72 24.13 -0.69
N GLU B 443 31.28 25.39 -0.70
CA GLU B 443 30.39 25.90 0.34
C GLU B 443 28.93 25.53 0.05
N TYR B 444 28.64 24.24 0.21
CA TYR B 444 27.27 23.76 0.08
C TYR B 444 27.20 22.33 0.63
N LEU B 445 25.97 21.84 0.78
CA LEU B 445 25.70 20.48 1.23
C LEU B 445 24.33 20.08 0.72
N TRP B 446 24.26 18.95 0.00
CA TRP B 446 22.99 18.50 -0.56
C TRP B 446 22.53 17.22 0.14
N ASP B 447 21.21 17.04 0.12
CA ASP B 447 20.57 15.87 0.71
C ASP B 447 19.22 15.72 0.02
N GLY B 448 18.62 14.54 0.13
CA GLY B 448 17.38 14.32 -0.56
C GLY B 448 16.81 12.93 -0.30
N LEU B 449 15.73 12.64 -1.03
CA LEU B 449 15.01 11.38 -0.94
C LEU B 449 14.88 10.78 -2.34
N GLN B 450 15.08 9.48 -2.43
CA GLN B 450 15.10 8.78 -3.72
C GLN B 450 14.00 7.73 -3.75
N SER B 451 13.46 7.49 -4.96
CA SER B 451 12.48 6.42 -5.15
C SER B 451 12.44 6.12 -6.66
N SER B 452 13.30 5.21 -7.09
CA SER B 452 13.37 4.79 -8.49
C SER B 452 13.65 6.00 -9.36
N ASP B 453 12.79 6.34 -10.32
CA ASP B 453 13.07 7.42 -11.26
C ASP B 453 12.70 8.80 -10.74
N ASP B 454 12.07 8.89 -9.57
CA ASP B 454 11.64 10.17 -9.01
C ASP B 454 12.46 10.43 -7.75
N PHE B 455 13.17 11.57 -7.72
CA PHE B 455 13.98 11.96 -6.59
C PHE B 455 13.67 13.40 -6.19
N ALA B 456 14.05 13.74 -4.97
CA ALA B 456 13.84 15.08 -4.42
C ALA B 456 15.14 15.53 -3.76
N LEU B 457 15.84 16.45 -4.40
CA LEU B 457 17.15 16.91 -3.94
C LEU B 457 17.02 18.24 -3.21
N PHE B 458 17.59 18.32 -2.01
CA PHE B 458 17.73 19.58 -1.28
C PHE B 458 19.18 20.04 -1.33
N VAL B 459 19.38 21.35 -1.43
CA VAL B 459 20.71 21.94 -1.55
C VAL B 459 20.76 23.19 -0.71
N ASN B 460 21.64 23.21 0.28
CA ASN B 460 21.85 24.37 1.15
C ASN B 460 23.21 24.98 0.87
N ALA B 461 23.26 26.30 0.80
CA ALA B 461 24.51 27.03 0.56
C ALA B 461 24.31 28.48 0.95
N LYS B 462 25.42 29.23 0.92
CA LYS B 462 25.39 30.62 1.35
C LYS B 462 24.73 31.53 0.32
N ASP B 463 25.02 31.33 -0.95
CA ASP B 463 24.38 32.07 -2.03
C ASP B 463 23.87 31.10 -3.08
N GLU B 464 22.87 31.54 -3.84
CA GLU B 464 22.23 30.64 -4.79
C GLU B 464 23.14 30.29 -5.96
N GLU B 465 24.09 31.17 -6.30
CA GLU B 465 25.07 30.82 -7.32
C GLU B 465 25.82 29.54 -6.94
N THR B 466 26.03 29.31 -5.64
CA THR B 466 26.65 28.07 -5.19
C THR B 466 25.67 26.91 -5.25
N CYS B 467 24.41 27.15 -4.91
CA CYS B 467 23.41 26.09 -4.97
C CYS B 467 23.33 25.48 -6.36
N MET B 468 23.23 26.33 -7.38
CA MET B 468 23.11 25.82 -8.74
C MET B 468 24.36 25.07 -9.16
N GLU B 469 25.52 25.44 -8.63
CA GLU B 469 26.72 24.65 -8.88
C GLU B 469 26.72 23.37 -8.06
N GLY B 470 26.08 23.38 -6.89
CA GLY B 470 25.91 22.16 -6.13
C GLY B 470 24.95 21.20 -6.82
N ILE B 471 23.89 21.73 -7.43
CA ILE B 471 23.02 20.91 -8.25
C ILE B 471 23.77 20.40 -9.48
N ASN B 472 24.56 21.28 -10.11
CA ASN B 472 25.35 20.87 -11.27
C ASN B 472 26.36 19.81 -10.89
N ASP B 473 26.93 19.90 -9.68
CA ASP B 473 27.83 18.86 -9.19
C ASP B 473 27.08 17.55 -8.98
N PHE B 474 25.82 17.63 -8.53
CA PHE B 474 24.98 16.44 -8.43
C PHE B 474 24.65 15.88 -9.81
N TYR B 475 24.35 16.77 -10.76
CA TYR B 475 24.07 16.33 -12.12
C TYR B 475 25.28 15.61 -12.71
N ARG B 476 26.47 16.21 -12.60
CA ARG B 476 27.65 15.60 -13.18
C ARG B 476 28.07 14.34 -12.44
N THR B 477 27.75 14.25 -11.14
CA THR B 477 28.03 13.02 -10.40
C THR B 477 27.13 11.88 -10.88
N CYS B 478 25.83 12.15 -11.00
CA CYS B 478 24.90 11.11 -11.44
C CYS B 478 25.29 10.56 -12.81
N LYS B 479 25.84 11.42 -13.69
CA LYS B 479 26.27 10.94 -15.00
C LYS B 479 27.29 9.82 -14.86
N LEU B 480 28.15 9.89 -13.84
CA LEU B 480 29.16 8.86 -13.63
C LEU B 480 28.57 7.58 -13.07
N LEU B 481 27.35 7.62 -12.55
CA LEU B 481 26.68 6.43 -12.03
C LEU B 481 25.70 5.82 -13.04
N GLY B 482 25.53 6.43 -14.21
CA GLY B 482 24.52 5.98 -15.14
C GLY B 482 23.15 6.54 -14.88
N ILE B 483 23.06 7.59 -14.06
CA ILE B 483 21.79 8.22 -13.70
C ILE B 483 21.70 9.54 -14.43
N ASN B 484 20.61 9.75 -15.16
CA ASN B 484 20.44 10.93 -15.99
C ASN B 484 19.27 11.75 -15.48
N MET B 485 19.55 12.99 -15.10
CA MET B 485 18.52 13.91 -14.64
C MET B 485 17.79 14.52 -15.82
N SER B 486 16.49 14.71 -15.68
CA SER B 486 15.67 15.30 -16.74
C SER B 486 15.78 16.82 -16.67
N LYS B 487 16.58 17.40 -17.55
CA LYS B 487 16.65 18.85 -17.63
C LYS B 487 15.29 19.44 -18.01
N LYS B 488 14.49 18.70 -18.76
CA LYS B 488 13.22 19.22 -19.27
C LYS B 488 12.14 19.21 -18.20
N LYS B 489 11.94 18.06 -17.55
CA LYS B 489 10.83 17.93 -16.61
C LYS B 489 11.15 18.48 -15.23
N SER B 490 12.41 18.38 -14.79
CA SER B 490 12.77 18.81 -13.45
C SER B 490 12.93 20.32 -13.38
N TYR B 491 12.71 20.87 -12.19
CA TYR B 491 12.82 22.31 -11.97
C TYR B 491 13.17 22.56 -10.51
N CYS B 492 13.75 23.74 -10.26
CA CYS B 492 14.31 24.08 -8.96
C CYS B 492 13.65 25.33 -8.41
N ASN B 493 13.58 25.42 -7.08
CA ASN B 493 13.00 26.58 -6.42
C ASN B 493 13.50 26.63 -4.98
N GLU B 494 13.26 27.76 -4.34
CA GLU B 494 13.64 27.94 -2.94
C GLU B 494 12.77 27.07 -2.05
N THR B 495 13.39 26.46 -1.04
CA THR B 495 12.70 25.48 -0.21
C THR B 495 11.45 26.09 0.43
N GLY B 496 10.44 25.24 0.60
CA GLY B 496 9.16 25.68 1.11
C GLY B 496 8.03 24.90 0.45
N MET B 497 8.17 24.66 -0.84
CA MET B 497 7.21 23.85 -1.58
C MET B 497 7.94 23.06 -2.66
N PHE B 498 7.45 21.87 -2.95
CA PHE B 498 8.01 21.02 -3.99
C PHE B 498 7.00 19.94 -4.36
N GLU B 499 7.41 19.05 -5.25
CA GLU B 499 6.59 17.94 -5.68
C GLU B 499 7.44 16.67 -5.69
N PHE B 500 6.84 15.55 -5.28
CA PHE B 500 7.57 14.29 -5.22
C PHE B 500 6.55 13.16 -5.34
N THR B 501 6.59 12.43 -6.45
CA THR B 501 5.66 11.33 -6.69
C THR B 501 4.21 11.77 -6.48
N SER B 502 3.88 12.92 -7.07
CA SER B 502 2.52 13.46 -7.02
C SER B 502 2.08 13.72 -5.58
N MET B 503 3.03 14.14 -4.74
CA MET B 503 2.75 14.59 -3.37
C MET B 503 3.31 16.00 -3.24
N PHE B 504 2.45 16.95 -2.91
CA PHE B 504 2.75 18.38 -3.06
C PHE B 504 2.97 18.99 -1.69
N TYR B 505 4.21 19.39 -1.41
CA TYR B 505 4.57 20.06 -0.17
C TYR B 505 4.43 21.57 -0.36
N ARG B 506 3.93 22.23 0.68
CA ARG B 506 3.86 23.69 0.70
C ARG B 506 3.79 24.16 2.15
N ASP B 507 4.93 24.18 2.83
CA ASP B 507 4.92 24.38 4.28
C ASP B 507 4.03 23.32 4.92
N GLY B 508 4.07 22.11 4.37
CA GLY B 508 3.16 21.04 4.76
C GLY B 508 2.54 20.41 3.54
N PHE B 509 2.40 19.08 3.54
CA PHE B 509 1.86 18.38 2.37
C PHE B 509 0.36 18.61 2.27
N VAL B 510 -0.07 19.17 1.13
CA VAL B 510 -1.49 19.37 0.88
C VAL B 510 -2.16 18.03 0.54
N SER B 511 -3.48 18.01 0.69
CA SER B 511 -4.25 16.82 0.33
C SER B 511 -4.55 16.84 -1.16
N ASN B 512 -4.38 15.69 -1.80
CA ASN B 512 -4.58 15.54 -3.25
C ASN B 512 -5.67 14.49 -3.46
N PHE B 513 -6.92 14.92 -3.33
CA PHE B 513 -8.05 13.98 -3.35
C PHE B 513 -8.21 13.33 -4.70
N ALA B 514 -7.87 14.03 -5.78
CA ALA B 514 -8.11 13.50 -7.12
C ALA B 514 -7.38 12.19 -7.36
N MET B 515 -6.21 12.00 -6.74
CA MET B 515 -5.43 10.79 -6.97
C MET B 515 -6.20 9.55 -6.55
N GLU B 516 -6.88 9.59 -5.42
CA GLU B 516 -7.60 8.45 -4.88
C GLU B 516 -9.04 8.36 -5.38
N LEU B 517 -9.46 9.28 -6.24
CA LEU B 517 -10.87 9.33 -6.63
C LEU B 517 -11.33 8.09 -7.38
N PRO B 518 -10.57 7.52 -8.31
CA PRO B 518 -11.05 6.30 -9.00
C PRO B 518 -11.37 5.15 -8.06
N SER B 519 -10.74 5.08 -6.89
CA SER B 519 -10.95 3.96 -5.98
C SER B 519 -12.33 3.98 -5.33
N PHE B 520 -13.03 5.12 -5.36
CA PHE B 520 -14.32 5.23 -4.72
C PHE B 520 -15.39 4.38 -5.41
N GLY B 521 -15.22 4.06 -6.69
CA GLY B 521 -16.17 3.26 -7.41
C GLY B 521 -16.24 1.83 -6.87
N VAL B 522 -17.02 1.02 -7.57
CA VAL B 522 -17.18 -0.38 -7.20
C VAL B 522 -15.94 -1.16 -7.60
N ALA B 523 -15.46 -2.01 -6.70
CA ALA B 523 -14.15 -2.64 -6.89
C ALA B 523 -14.20 -3.72 -7.95
N GLY B 524 -15.14 -4.65 -7.83
CA GLY B 524 -15.24 -5.77 -8.74
C GLY B 524 -14.87 -7.13 -8.15
N VAL B 525 -14.96 -7.30 -6.84
CA VAL B 525 -14.70 -8.60 -6.21
C VAL B 525 -16.02 -9.33 -6.10
N ASN B 526 -16.96 -8.77 -5.34
CA ASN B 526 -18.34 -9.23 -5.32
C ASN B 526 -19.21 -8.32 -4.44
N GLU B 527 -20.52 -8.61 -4.36
CA GLU B 527 -21.42 -7.73 -3.63
C GLU B 527 -20.96 -7.54 -2.19
N SER B 528 -20.67 -8.64 -1.48
CA SER B 528 -20.31 -8.54 -0.08
C SER B 528 -19.01 -7.77 0.11
N ALA B 529 -17.98 -8.14 -0.65
CA ALA B 529 -16.68 -7.49 -0.50
C ALA B 529 -16.73 -6.03 -0.93
N ASP B 530 -17.35 -5.76 -2.08
CA ASP B 530 -17.32 -4.40 -2.64
C ASP B 530 -17.98 -3.40 -1.71
N MET B 531 -19.00 -3.83 -0.96
CA MET B 531 -19.62 -2.94 0.03
C MET B 531 -18.60 -2.52 1.08
N ALA B 532 -17.99 -3.50 1.74
CA ALA B 532 -16.94 -3.21 2.72
C ALA B 532 -15.87 -2.33 2.11
N ILE B 533 -15.39 -2.70 0.93
CA ILE B 533 -14.32 -1.93 0.28
C ILE B 533 -14.76 -0.49 0.06
N GLY B 534 -16.01 -0.29 -0.37
CA GLY B 534 -16.45 1.05 -0.73
C GLY B 534 -16.57 1.97 0.48
N MET B 535 -17.04 1.45 1.61
CA MET B 535 -17.13 2.26 2.81
C MET B 535 -15.75 2.50 3.41
N THR B 536 -14.88 1.49 3.34
CA THR B 536 -13.53 1.64 3.88
C THR B 536 -12.75 2.69 3.12
N ILE B 537 -12.91 2.75 1.79
CA ILE B 537 -12.21 3.77 1.02
C ILE B 537 -12.64 5.16 1.46
N ILE B 538 -13.93 5.33 1.76
CA ILE B 538 -14.40 6.61 2.27
C ILE B 538 -13.77 6.90 3.62
N LYS B 539 -13.81 5.92 4.51
CA LYS B 539 -13.23 6.10 5.84
C LYS B 539 -11.77 6.53 5.74
N ASN B 540 -10.99 5.83 4.92
CA ASN B 540 -9.56 6.11 4.81
C ASN B 540 -9.31 7.50 4.22
N ASN B 541 -10.06 7.87 3.18
CA ASN B 541 -9.82 9.14 2.52
C ASN B 541 -10.22 10.32 3.40
N MET B 542 -11.17 10.12 4.32
CA MET B 542 -11.46 11.15 5.31
C MET B 542 -10.24 11.41 6.19
N ILE B 543 -9.54 10.34 6.59
CA ILE B 543 -8.39 10.47 7.47
C ILE B 543 -7.21 11.06 6.71
N ASN B 544 -6.78 10.37 5.64
CA ASN B 544 -5.51 10.66 4.99
C ASN B 544 -5.62 11.77 3.95
N ASN B 545 -6.59 11.69 3.04
CA ASN B 545 -6.63 12.54 1.86
C ASN B 545 -7.53 13.76 2.03
N GLY B 546 -7.92 14.09 3.26
CA GLY B 546 -8.62 15.32 3.51
C GLY B 546 -9.98 15.44 2.85
N MET B 547 -10.90 14.57 3.23
CA MET B 547 -12.30 14.63 2.80
C MET B 547 -13.16 14.93 4.01
N GLY B 548 -13.95 16.02 3.92
CA GLY B 548 -14.79 16.41 5.01
C GLY B 548 -15.98 15.50 5.18
N PRO B 549 -16.81 15.77 6.19
CA PRO B 549 -17.97 14.91 6.43
C PRO B 549 -19.04 15.03 5.36
N ALA B 550 -19.26 16.22 4.82
CA ALA B 550 -20.28 16.39 3.78
C ALA B 550 -19.89 15.65 2.50
N THR B 551 -18.67 15.88 2.02
CA THR B 551 -18.21 15.18 0.83
C THR B 551 -18.12 13.68 1.08
N ALA B 552 -17.81 13.28 2.31
CA ALA B 552 -17.79 11.86 2.63
C ALA B 552 -19.19 11.27 2.67
N GLN B 553 -20.16 12.02 3.21
CA GLN B 553 -21.54 11.56 3.20
C GLN B 553 -22.09 11.53 1.78
N THR B 554 -21.61 12.42 0.90
CA THR B 554 -21.96 12.33 -0.51
C THR B 554 -21.40 11.05 -1.12
N ALA B 555 -20.14 10.75 -0.84
CA ALA B 555 -19.52 9.54 -1.37
C ALA B 555 -20.23 8.29 -0.87
N ILE B 556 -20.81 8.35 0.33
CA ILE B 556 -21.63 7.23 0.80
C ILE B 556 -22.82 7.04 -0.13
N GLN B 557 -23.44 8.15 -0.55
CA GLN B 557 -24.57 8.06 -1.47
C GLN B 557 -24.12 7.59 -2.85
N LEU B 558 -23.12 8.25 -3.43
CA LEU B 558 -22.71 7.95 -4.79
C LEU B 558 -22.24 6.51 -4.94
N PHE B 559 -21.62 5.94 -3.90
CA PHE B 559 -21.20 4.55 -4.00
C PHE B 559 -22.41 3.61 -4.02
N ILE B 560 -23.41 3.87 -3.16
CA ILE B 560 -24.60 3.04 -3.19
C ILE B 560 -25.30 3.16 -4.54
N ALA B 561 -25.27 4.34 -5.16
CA ALA B 561 -25.82 4.49 -6.50
C ALA B 561 -25.08 3.60 -7.49
N ASP B 562 -23.76 3.74 -7.56
CA ASP B 562 -22.97 2.89 -8.43
C ASP B 562 -23.05 1.43 -8.03
N TYR B 563 -23.30 1.17 -6.74
CA TYR B 563 -23.41 -0.21 -6.26
C TYR B 563 -24.73 -0.83 -6.69
N ARG B 564 -25.81 -0.06 -6.68
CA ARG B 564 -27.13 -0.61 -6.99
C ARG B 564 -27.35 -0.79 -8.49
N TYR B 565 -26.78 0.09 -9.33
CA TYR B 565 -26.89 -0.09 -10.77
C TYR B 565 -26.00 -1.22 -11.25
N THR B 566 -24.78 -1.31 -10.70
CA THR B 566 -23.86 -2.38 -11.11
C THR B 566 -24.43 -3.75 -10.74
N TYR B 567 -24.84 -3.92 -9.49
CA TYR B 567 -25.36 -5.20 -9.02
C TYR B 567 -26.87 -5.29 -9.13
N LYS B 568 -27.52 -4.29 -9.74
CA LYS B 568 -28.95 -4.34 -10.04
C LYS B 568 -29.74 -4.80 -8.81
N CYS B 569 -29.61 -4.02 -7.75
CA CYS B 569 -30.23 -4.32 -6.47
C CYS B 569 -30.80 -3.03 -5.86
N HIS B 570 -31.77 -2.43 -6.56
CA HIS B 570 -32.40 -1.22 -6.08
C HIS B 570 -33.37 -1.54 -4.94
N ARG B 571 -33.85 -0.48 -4.28
CA ARG B 571 -34.72 -0.64 -3.13
C ARG B 571 -35.90 -1.56 -3.45
N GLY B 572 -36.28 -2.39 -2.49
CA GLY B 572 -37.40 -3.29 -2.69
C GLY B 572 -38.73 -2.56 -2.81
N ASP B 573 -38.87 -1.42 -2.11
CA ASP B 573 -40.09 -0.64 -2.23
C ASP B 573 -40.12 0.16 -3.54
N SER B 574 -38.97 0.51 -4.08
CA SER B 574 -38.93 1.20 -5.37
C SER B 574 -39.33 0.25 -6.49
N LYS B 575 -39.77 0.83 -7.60
CA LYS B 575 -40.39 0.10 -8.69
C LYS B 575 -39.48 0.03 -9.92
N VAL B 576 -38.20 -0.25 -9.72
CA VAL B 576 -37.25 -0.43 -10.80
C VAL B 576 -37.33 -1.88 -11.26
N GLU B 577 -37.38 -2.11 -12.56
CA GLU B 577 -37.64 -3.43 -13.12
C GLU B 577 -36.35 -4.13 -13.51
N GLY B 578 -36.34 -5.45 -13.34
CA GLY B 578 -35.17 -6.25 -13.65
C GLY B 578 -35.44 -7.66 -13.22
N LYS B 579 -34.57 -8.56 -13.70
CA LYS B 579 -34.71 -9.98 -13.37
C LYS B 579 -34.52 -10.21 -11.87
N ARG B 580 -33.46 -9.66 -11.29
CA ARG B 580 -33.27 -9.75 -9.86
C ARG B 580 -34.33 -8.94 -9.12
N MET B 581 -34.64 -7.74 -9.60
CA MET B 581 -35.58 -6.87 -8.91
C MET B 581 -36.94 -7.54 -8.73
N LYS B 582 -37.33 -8.41 -9.66
CA LYS B 582 -38.61 -9.09 -9.52
C LYS B 582 -38.62 -10.00 -8.30
N ILE B 583 -37.47 -10.57 -7.95
CA ILE B 583 -37.38 -11.38 -6.73
C ILE B 583 -37.16 -10.48 -5.51
N ILE B 584 -36.47 -9.35 -5.67
CA ILE B 584 -36.26 -8.44 -4.56
C ILE B 584 -37.59 -7.90 -4.05
N LYS B 585 -38.51 -7.59 -4.97
CA LYS B 585 -39.80 -7.04 -4.55
C LYS B 585 -40.64 -8.08 -3.82
N GLU B 586 -40.43 -9.37 -4.13
CA GLU B 586 -41.06 -10.42 -3.34
C GLU B 586 -40.43 -10.51 -1.95
N LEU B 587 -39.09 -10.45 -1.89
CA LEU B 587 -38.39 -10.48 -0.61
C LEU B 587 -38.75 -9.27 0.24
N TRP B 588 -39.01 -8.12 -0.38
CA TRP B 588 -39.43 -6.94 0.37
C TRP B 588 -40.81 -7.14 0.99
N GLU B 589 -41.71 -7.79 0.26
CA GLU B 589 -43.05 -8.07 0.77
C GLU B 589 -43.06 -9.22 1.78
N ASN B 590 -42.14 -10.17 1.64
CA ASN B 590 -42.10 -11.31 2.55
C ASN B 590 -41.45 -10.96 3.88
N THR B 591 -40.31 -10.25 3.84
CA THR B 591 -39.55 -10.00 5.05
C THR B 591 -40.24 -8.97 5.93
N LYS B 592 -40.20 -9.21 7.25
CA LYS B 592 -40.74 -8.27 8.23
C LYS B 592 -39.71 -7.21 8.61
N GLY B 593 -38.51 -7.64 9.00
CA GLY B 593 -37.44 -6.70 9.28
C GLY B 593 -36.80 -6.20 8.01
N ARG B 594 -37.39 -5.18 7.40
CA ARG B 594 -36.90 -4.69 6.12
C ARG B 594 -35.59 -3.94 6.28
N ASP B 595 -35.43 -3.20 7.38
CA ASP B 595 -34.16 -2.53 7.65
C ASP B 595 -33.03 -3.53 7.91
N GLY B 596 -33.36 -4.80 8.16
CA GLY B 596 -32.33 -5.82 8.28
C GLY B 596 -31.78 -6.33 6.96
N LEU B 597 -32.48 -6.05 5.85
CA LEU B 597 -32.03 -6.49 4.55
C LEU B 597 -30.80 -5.71 4.11
N LEU B 598 -29.88 -6.41 3.46
CA LEU B 598 -28.72 -5.76 2.87
C LEU B 598 -29.12 -5.04 1.59
N VAL B 599 -28.27 -4.09 1.17
CA VAL B 599 -28.51 -3.39 -0.09
C VAL B 599 -28.49 -4.37 -1.25
N ALA B 600 -27.66 -5.41 -1.16
CA ALA B 600 -27.58 -6.40 -2.23
C ALA B 600 -28.92 -7.09 -2.45
N ASP B 601 -29.76 -7.15 -1.42
CA ASP B 601 -31.11 -7.69 -1.52
C ASP B 601 -32.17 -6.60 -1.52
N GLY B 602 -31.84 -5.43 -2.08
CA GLY B 602 -32.78 -4.33 -2.14
C GLY B 602 -33.12 -3.72 -0.80
N GLY B 603 -32.20 -3.81 0.16
CA GLY B 603 -32.43 -3.26 1.47
C GLY B 603 -31.99 -1.82 1.56
N PRO B 604 -32.29 -1.17 2.68
CA PRO B 604 -31.95 0.25 2.84
C PRO B 604 -30.52 0.45 3.29
N ASN B 605 -29.92 1.55 2.82
CA ASN B 605 -28.55 1.89 3.17
C ASN B 605 -28.54 2.51 4.56
N ILE B 606 -27.98 1.79 5.54
CA ILE B 606 -27.94 2.25 6.92
C ILE B 606 -26.59 2.84 7.30
N TYR B 607 -25.68 2.97 6.34
CA TYR B 607 -24.33 3.44 6.62
C TYR B 607 -24.30 4.96 6.79
N ASN B 608 -23.34 5.42 7.59
CA ASN B 608 -23.07 6.84 7.76
C ASN B 608 -21.61 6.99 8.18
N LEU B 609 -21.23 8.22 8.54
CA LEU B 609 -19.82 8.49 8.85
C LEU B 609 -19.30 7.59 9.96
N ARG B 610 -20.12 7.36 10.99
CA ARG B 610 -19.61 6.76 12.22
C ARG B 610 -19.42 5.25 12.13
N ASN B 611 -20.19 4.57 11.27
CA ASN B 611 -20.15 3.12 11.18
C ASN B 611 -19.58 2.62 9.86
N LEU B 612 -18.68 3.40 9.24
CA LEU B 612 -18.02 2.94 8.03
C LEU B 612 -17.19 1.70 8.31
N HIS B 613 -16.54 1.65 9.47
CA HIS B 613 -15.63 0.56 9.82
C HIS B 613 -16.35 -0.72 10.21
N ILE B 614 -17.67 -0.75 10.18
CA ILE B 614 -18.42 -1.93 10.60
C ILE B 614 -19.00 -2.63 9.36
N PRO B 615 -18.90 -3.95 9.25
CA PRO B 615 -19.53 -4.63 8.11
C PRO B 615 -21.04 -4.47 8.13
N GLU B 616 -21.64 -4.63 6.94
CA GLU B 616 -23.09 -4.45 6.83
C GLU B 616 -23.84 -5.61 7.47
N ILE B 617 -23.32 -6.84 7.33
CA ILE B 617 -24.00 -7.99 7.91
C ILE B 617 -23.97 -7.91 9.44
N VAL B 618 -22.89 -7.37 10.01
CA VAL B 618 -22.80 -7.24 11.46
C VAL B 618 -23.72 -6.14 11.96
N LEU B 619 -23.79 -5.02 11.24
CA LEU B 619 -24.68 -3.94 11.62
C LEU B 619 -26.12 -4.40 11.74
N LYS B 620 -26.63 -5.04 10.69
CA LYS B 620 -28.05 -5.32 10.57
C LYS B 620 -28.43 -6.70 11.12
N TYR B 621 -27.51 -7.39 11.79
CA TYR B 621 -27.79 -8.77 12.21
C TYR B 621 -29.03 -8.84 13.10
N ASN B 622 -29.13 -7.94 14.08
CA ASN B 622 -30.25 -7.96 15.01
C ASN B 622 -31.57 -7.58 14.35
N LEU B 623 -31.52 -6.88 13.22
CA LEU B 623 -32.73 -6.47 12.51
C LEU B 623 -33.24 -7.51 11.52
N MET B 624 -32.52 -8.61 11.32
CA MET B 624 -32.90 -9.60 10.34
C MET B 624 -33.92 -10.57 10.91
N ASP B 625 -34.69 -11.20 10.01
CA ASP B 625 -35.57 -12.28 10.39
C ASP B 625 -34.76 -13.58 10.51
N PRO B 626 -35.20 -14.51 11.37
CA PRO B 626 -34.44 -15.75 11.53
C PRO B 626 -34.32 -16.56 10.25
N GLU B 627 -35.34 -16.54 9.39
CA GLU B 627 -35.25 -17.26 8.13
C GLU B 627 -34.35 -16.53 7.14
N TYR B 628 -34.27 -15.20 7.21
CA TYR B 628 -33.45 -14.45 6.27
C TYR B 628 -31.97 -14.60 6.59
N LYS B 629 -31.60 -14.46 7.86
CA LYS B 629 -30.20 -14.64 8.24
C LYS B 629 -29.78 -16.10 8.12
N GLY B 630 -30.73 -17.04 8.22
CA GLY B 630 -30.40 -18.43 8.04
C GLY B 630 -30.15 -18.80 6.59
N ARG B 631 -30.91 -18.20 5.68
CA ARG B 631 -30.64 -18.38 4.25
C ARG B 631 -29.43 -17.57 3.80
N LEU B 632 -29.32 -16.33 4.29
CA LEU B 632 -28.22 -15.45 3.89
C LEU B 632 -26.88 -16.00 4.33
N LEU B 633 -26.84 -16.66 5.49
CA LEU B 633 -25.59 -17.14 6.09
C LEU B 633 -25.60 -18.66 6.26
N HIS B 634 -26.24 -19.36 5.32
CA HIS B 634 -26.32 -20.81 5.39
C HIS B 634 -24.90 -21.38 5.35
N PRO B 635 -24.47 -22.14 6.36
CA PRO B 635 -23.06 -22.57 6.39
C PRO B 635 -22.58 -23.25 5.12
N GLN B 636 -23.36 -24.19 4.57
CA GLN B 636 -22.95 -24.94 3.39
C GLN B 636 -23.59 -24.42 2.11
N ASN B 637 -23.80 -23.11 2.00
CA ASN B 637 -24.44 -22.58 0.81
C ASN B 637 -23.51 -22.76 -0.39
N PRO B 638 -24.09 -22.81 -1.60
CA PRO B 638 -23.30 -23.14 -2.79
C PRO B 638 -22.58 -21.98 -3.45
N PHE B 639 -22.86 -20.74 -3.05
CA PHE B 639 -22.32 -19.59 -3.76
C PHE B 639 -20.87 -19.29 -3.39
N VAL B 640 -20.48 -19.55 -2.14
CA VAL B 640 -19.11 -19.33 -1.69
C VAL B 640 -18.31 -20.61 -1.95
N GLY B 641 -17.14 -20.44 -2.57
CA GLY B 641 -16.31 -21.57 -2.95
C GLY B 641 -15.34 -21.96 -1.85
N HIS B 642 -14.45 -22.89 -2.20
CA HIS B 642 -13.42 -23.33 -1.27
C HIS B 642 -12.38 -22.23 -1.08
N LEU B 643 -12.57 -21.43 -0.03
CA LEU B 643 -11.72 -20.27 0.20
C LEU B 643 -10.34 -20.70 0.69
N SER B 644 -9.40 -19.75 0.63
CA SER B 644 -8.04 -19.97 1.10
C SER B 644 -7.48 -18.64 1.62
N ILE B 645 -6.74 -18.72 2.70
CA ILE B 645 -6.22 -17.52 3.35
C ILE B 645 -4.87 -17.15 2.78
N LYS B 662 -2.45 -3.90 -3.17
CA LYS B 662 -3.18 -4.93 -2.45
C LYS B 662 -3.59 -4.46 -1.06
N MET B 663 -4.90 -4.38 -0.82
CA MET B 663 -5.43 -4.11 0.51
C MET B 663 -6.52 -5.13 0.82
N ASP B 664 -6.69 -5.39 2.12
CA ASP B 664 -7.68 -6.34 2.60
C ASP B 664 -8.82 -5.59 3.28
N TYR B 665 -9.92 -6.31 3.50
CA TYR B 665 -11.17 -5.71 3.95
C TYR B 665 -11.76 -6.57 5.07
N ASP B 666 -12.85 -6.07 5.65
CA ASP B 666 -13.57 -6.76 6.71
C ASP B 666 -14.99 -7.02 6.22
N ALA B 667 -15.35 -8.29 6.06
CA ALA B 667 -16.67 -8.66 5.58
C ALA B 667 -17.00 -10.08 6.03
N VAL B 668 -18.29 -10.37 6.10
CA VAL B 668 -18.78 -11.67 6.53
C VAL B 668 -19.00 -12.55 5.31
N SER B 669 -18.64 -13.82 5.43
CA SER B 669 -18.77 -14.78 4.33
C SER B 669 -20.21 -15.27 4.27
N GLY B 670 -21.00 -14.61 3.42
CA GLY B 670 -22.39 -14.98 3.21
C GLY B 670 -22.67 -15.34 1.77
N THR B 671 -23.95 -15.38 1.40
CA THR B 671 -24.31 -15.76 0.03
C THR B 671 -23.86 -14.72 -0.98
N HIS B 672 -23.72 -13.47 -0.57
CA HIS B 672 -23.26 -12.42 -1.47
C HIS B 672 -21.75 -12.45 -1.68
N SER B 673 -21.04 -13.33 -0.98
CA SER B 673 -19.59 -13.50 -1.17
C SER B 673 -19.32 -14.61 -2.19
N TRP B 674 -19.78 -14.38 -3.42
CA TRP B 674 -19.70 -15.37 -4.48
C TRP B 674 -18.53 -15.09 -5.40
N ARG B 675 -18.30 -16.03 -6.33
CA ARG B 675 -17.27 -15.90 -7.34
C ARG B 675 -17.89 -16.08 -8.72
N THR B 676 -17.30 -15.43 -9.71
CA THR B 676 -17.83 -15.43 -11.06
C THR B 676 -17.38 -16.66 -11.83
N LYS B 677 -17.93 -16.83 -13.03
CA LYS B 677 -17.55 -17.94 -13.88
C LYS B 677 -16.14 -17.74 -14.43
N ARG B 678 -15.52 -18.84 -14.83
CA ARG B 678 -14.23 -18.79 -15.48
C ARG B 678 -14.37 -18.30 -16.91
N ASN B 679 -13.33 -17.64 -17.40
CA ASN B 679 -13.32 -17.21 -18.80
C ASN B 679 -13.37 -18.44 -19.70
N ARG B 680 -14.37 -18.48 -20.58
CA ARG B 680 -14.67 -19.68 -21.36
C ARG B 680 -14.00 -19.68 -22.73
N SER B 681 -13.22 -18.64 -23.06
CA SER B 681 -12.60 -18.58 -24.37
C SER B 681 -11.67 -19.77 -24.61
N ILE B 682 -11.09 -20.32 -23.55
CA ILE B 682 -10.17 -21.44 -23.68
C ILE B 682 -10.86 -22.67 -24.28
N LEU B 683 -12.18 -22.74 -24.18
CA LEU B 683 -12.89 -23.95 -24.61
C LEU B 683 -12.63 -24.27 -26.08
N ASN B 684 -12.69 -23.27 -26.95
CA ASN B 684 -12.45 -23.47 -28.38
C ASN B 684 -11.06 -22.99 -28.78
N THR B 685 -10.04 -23.46 -28.07
CA THR B 685 -8.65 -23.32 -28.47
C THR B 685 -7.90 -24.59 -28.06
N ASP B 686 -6.63 -24.67 -28.43
CA ASP B 686 -5.85 -25.87 -28.21
C ASP B 686 -5.43 -26.07 -26.76
N GLN B 687 -5.76 -25.13 -25.87
CA GLN B 687 -5.37 -25.23 -24.47
C GLN B 687 -6.44 -25.88 -23.61
N ARG B 688 -7.44 -26.51 -24.22
CA ARG B 688 -8.42 -27.29 -23.45
C ARG B 688 -7.73 -28.20 -22.45
N ASN B 689 -6.57 -28.75 -22.83
CA ASN B 689 -5.83 -29.69 -22.01
C ASN B 689 -5.74 -29.23 -20.55
N MET B 690 -5.48 -27.93 -20.36
CA MET B 690 -5.23 -27.41 -19.02
C MET B 690 -6.46 -27.50 -18.12
N ILE B 691 -7.66 -27.63 -18.69
CA ILE B 691 -8.86 -27.82 -17.87
C ILE B 691 -8.82 -29.18 -17.18
N LEU B 692 -8.60 -30.24 -17.97
CA LEU B 692 -8.43 -31.56 -17.37
C LEU B 692 -7.18 -31.63 -16.51
N GLU B 693 -6.13 -30.89 -16.90
CA GLU B 693 -4.93 -30.81 -16.07
C GLU B 693 -5.26 -30.18 -14.72
N GLU B 694 -6.01 -29.08 -14.74
CA GLU B 694 -6.41 -28.42 -13.50
C GLU B 694 -7.26 -29.34 -12.64
N GLN B 695 -8.38 -29.80 -13.18
CA GLN B 695 -9.31 -30.60 -12.39
C GLN B 695 -8.69 -31.89 -11.88
N CYS B 696 -7.64 -32.38 -12.53
CA CYS B 696 -6.93 -33.55 -12.00
C CYS B 696 -6.20 -33.19 -10.71
N TYR B 697 -5.49 -32.05 -10.71
CA TYR B 697 -4.89 -31.56 -9.47
C TYR B 697 -5.97 -31.22 -8.45
N ALA B 698 -7.02 -30.52 -8.89
CA ALA B 698 -8.06 -30.09 -7.96
C ALA B 698 -8.69 -31.28 -7.23
N LYS B 699 -8.96 -32.37 -7.96
CA LYS B 699 -9.50 -33.56 -7.31
C LYS B 699 -8.54 -34.10 -6.26
N CYS B 700 -7.24 -34.08 -6.56
CA CYS B 700 -6.26 -34.54 -5.59
C CYS B 700 -6.16 -33.59 -4.40
N CYS B 701 -6.15 -32.27 -4.67
CA CYS B 701 -6.04 -31.31 -3.59
C CYS B 701 -7.31 -31.26 -2.74
N ASN B 702 -8.48 -31.37 -3.37
CA ASN B 702 -9.73 -31.38 -2.61
C ASN B 702 -9.80 -32.59 -1.69
N LEU B 703 -9.27 -33.73 -2.14
CA LEU B 703 -9.22 -34.91 -1.27
C LEU B 703 -8.11 -34.77 -0.23
N PHE B 704 -6.97 -34.19 -0.62
CA PHE B 704 -5.90 -33.93 0.34
C PHE B 704 -6.37 -32.98 1.44
N GLU B 705 -7.21 -32.00 1.07
CA GLU B 705 -7.74 -31.07 2.06
C GLU B 705 -8.76 -31.74 2.97
N ALA B 706 -9.49 -32.73 2.47
CA ALA B 706 -10.38 -33.50 3.32
C ALA B 706 -9.60 -34.37 4.30
N CYS B 707 -8.43 -34.85 3.90
CA CYS B 707 -7.56 -35.60 4.81
C CYS B 707 -6.85 -34.67 5.79
N PHE B 708 -6.38 -33.53 5.32
CA PHE B 708 -5.66 -32.55 6.14
C PHE B 708 -6.42 -31.23 6.10
N ASN B 709 -7.23 -30.97 7.13
CA ASN B 709 -8.06 -29.76 7.13
C ASN B 709 -7.24 -28.49 7.24
N SER B 710 -6.04 -28.55 7.82
CA SER B 710 -5.20 -27.37 7.97
C SER B 710 -4.48 -27.01 6.67
N ALA B 711 -4.60 -27.83 5.63
CA ALA B 711 -3.90 -27.52 4.37
C ALA B 711 -4.41 -26.21 3.77
N SER B 712 -5.69 -25.89 3.96
CA SER B 712 -6.20 -24.62 3.47
C SER B 712 -5.54 -23.45 4.17
N TYR B 713 -5.33 -23.57 5.48
CA TYR B 713 -4.75 -22.49 6.26
C TYR B 713 -3.22 -22.48 6.17
N ARG B 714 -2.58 -23.55 6.65
CA ARG B 714 -1.14 -23.63 6.76
C ARG B 714 -0.56 -24.41 5.58
N LYS B 715 0.60 -23.98 5.11
CA LYS B 715 1.28 -24.67 4.01
C LYS B 715 1.81 -26.01 4.50
N PRO B 716 1.35 -27.14 3.96
CA PRO B 716 1.92 -28.42 4.38
C PRO B 716 3.36 -28.55 3.93
N VAL B 717 4.17 -29.21 4.76
CA VAL B 717 5.58 -29.41 4.48
C VAL B 717 5.86 -30.91 4.44
N GLY B 718 6.81 -31.29 3.60
CA GLY B 718 7.19 -32.69 3.48
C GLY B 718 7.70 -33.05 2.11
N GLN B 719 8.87 -33.69 2.05
CA GLN B 719 9.42 -34.17 0.79
C GLN B 719 8.89 -35.54 0.41
N HIS B 720 8.19 -36.21 1.32
CA HIS B 720 7.64 -37.53 1.03
C HIS B 720 6.45 -37.41 0.08
N SER B 721 5.88 -38.57 -0.27
CA SER B 721 4.83 -38.61 -1.28
C SER B 721 3.52 -38.02 -0.74
N MET B 722 2.77 -37.38 -1.65
CA MET B 722 1.47 -36.84 -1.30
C MET B 722 0.48 -37.94 -0.97
N LEU B 723 0.58 -39.09 -1.64
CA LEU B 723 -0.30 -40.21 -1.33
C LEU B 723 0.03 -40.82 0.02
N GLU B 724 1.33 -40.96 0.33
CA GLU B 724 1.73 -41.54 1.60
C GLU B 724 1.11 -40.81 2.77
N ALA B 725 1.15 -39.46 2.75
CA ALA B 725 0.56 -38.69 3.82
C ALA B 725 -0.92 -39.01 3.98
N MET B 726 -1.64 -39.15 2.87
CA MET B 726 -3.06 -39.46 2.94
C MET B 726 -3.29 -40.90 3.39
N ALA B 727 -2.42 -41.83 2.98
CA ALA B 727 -2.57 -43.22 3.37
C ALA B 727 -2.38 -43.39 4.87
N HIS B 728 -1.29 -42.84 5.41
CA HIS B 728 -1.03 -42.96 6.84
C HIS B 728 -2.11 -42.27 7.66
N ARG B 729 -2.51 -41.05 7.26
CA ARG B 729 -3.52 -40.32 8.01
C ARG B 729 -4.83 -41.09 8.05
N LEU B 730 -5.28 -41.59 6.90
CA LEU B 730 -6.53 -42.35 6.87
C LEU B 730 -6.41 -43.67 7.62
N ARG B 731 -5.20 -44.24 7.69
CA ARG B 731 -5.02 -45.46 8.47
C ARG B 731 -5.18 -45.18 9.97
N MET B 732 -4.60 -44.07 10.44
CA MET B 732 -4.76 -43.69 11.84
C MET B 732 -6.19 -43.30 12.13
N ASP B 733 -6.81 -42.53 11.24
CA ASP B 733 -8.23 -42.19 11.41
C ASP B 733 -9.08 -43.45 11.49
N ALA B 734 -8.74 -44.47 10.70
CA ALA B 734 -9.49 -45.73 10.74
C ALA B 734 -9.22 -46.48 12.03
N ARG B 735 -7.95 -46.55 12.45
CA ARG B 735 -7.62 -47.30 13.66
C ARG B 735 -8.20 -46.62 14.90
N LEU B 736 -8.16 -45.29 14.95
CA LEU B 736 -8.66 -44.58 16.12
C LEU B 736 -10.19 -44.58 16.17
N ASP B 737 -10.83 -44.47 15.00
CA ASP B 737 -12.29 -44.51 14.97
C ASP B 737 -12.82 -45.88 15.38
N TYR B 738 -12.04 -46.94 15.15
CA TYR B 738 -12.45 -48.27 15.58
C TYR B 738 -12.25 -48.46 17.07
N GLU B 739 -11.05 -48.15 17.57
CA GLU B 739 -10.74 -48.39 18.98
C GLU B 739 -11.47 -47.40 19.89
N SER B 740 -11.78 -46.20 19.39
CA SER B 740 -12.55 -45.25 20.18
C SER B 740 -14.01 -45.69 20.28
N GLY B 741 -14.58 -46.17 19.18
CA GLY B 741 -15.95 -46.61 19.16
C GLY B 741 -16.82 -45.80 18.21
N ARG B 742 -16.33 -45.59 16.98
CA ARG B 742 -17.11 -44.94 15.93
C ARG B 742 -17.41 -45.90 14.79
N MET B 743 -16.38 -46.44 14.15
CA MET B 743 -16.58 -47.44 13.11
C MET B 743 -16.76 -48.82 13.72
N SER B 744 -17.52 -49.66 13.03
CA SER B 744 -17.73 -51.03 13.45
C SER B 744 -16.60 -51.91 12.91
N LYS B 745 -16.63 -53.19 13.28
CA LYS B 745 -15.68 -54.14 12.70
C LYS B 745 -15.85 -54.26 11.20
N ASP B 746 -17.10 -54.09 10.71
CA ASP B 746 -17.32 -54.11 9.27
C ASP B 746 -16.60 -52.96 8.58
N ASP B 747 -16.80 -51.74 9.09
CA ASP B 747 -16.20 -50.57 8.46
C ASP B 747 -14.69 -50.51 8.66
N PHE B 748 -14.19 -51.08 9.75
CA PHE B 748 -12.75 -51.09 10.01
C PHE B 748 -12.04 -52.10 9.10
N GLU B 749 -12.56 -53.32 9.03
CA GLU B 749 -11.96 -54.34 8.17
C GLU B 749 -12.05 -53.92 6.70
N LYS B 750 -13.16 -53.28 6.31
CA LYS B 750 -13.27 -52.76 4.95
C LYS B 750 -12.25 -51.65 4.71
N ALA B 751 -12.06 -50.77 5.68
CA ALA B 751 -11.10 -49.69 5.52
C ALA B 751 -9.67 -50.22 5.43
N MET B 752 -9.32 -51.20 6.27
CA MET B 752 -8.00 -51.80 6.21
C MET B 752 -7.81 -52.61 4.93
N ALA B 753 -8.90 -53.18 4.41
CA ALA B 753 -8.80 -53.93 3.15
C ALA B 753 -8.54 -52.99 1.98
N HIS B 754 -9.20 -51.83 1.95
CA HIS B 754 -8.92 -50.84 0.92
C HIS B 754 -7.49 -50.33 1.03
N LEU B 755 -7.08 -49.93 2.24
CA LEU B 755 -5.75 -49.37 2.43
C LEU B 755 -4.66 -50.39 2.18
N GLY B 756 -4.94 -51.68 2.42
CA GLY B 756 -3.95 -52.70 2.14
C GLY B 756 -3.59 -52.76 0.67
N GLU B 757 -4.58 -52.60 -0.21
CA GLU B 757 -4.31 -52.58 -1.64
C GLU B 757 -3.51 -51.35 -2.04
N ILE B 758 -3.73 -50.23 -1.37
CA ILE B 758 -3.05 -48.99 -1.69
C ILE B 758 -1.63 -49.03 -1.16
N MET C 10 -16.97 -41.10 8.29
CA MET C 10 -16.39 -40.35 7.13
C MET C 10 -15.13 -41.03 6.60
N THR C 11 -14.37 -41.65 7.51
CA THR C 11 -13.12 -42.28 7.11
C THR C 11 -13.34 -43.29 5.99
N LEU C 12 -14.43 -44.05 6.06
CA LEU C 12 -14.72 -45.01 5.00
C LEU C 12 -14.99 -44.31 3.68
N ALA C 13 -15.66 -43.16 3.72
CA ALA C 13 -15.94 -42.42 2.50
C ALA C 13 -14.66 -41.84 1.90
N LYS C 14 -13.73 -41.40 2.75
CA LYS C 14 -12.46 -40.87 2.25
C LYS C 14 -11.67 -41.97 1.53
N ILE C 15 -11.56 -43.13 2.16
CA ILE C 15 -10.78 -44.23 1.58
C ILE C 15 -11.45 -44.73 0.30
N GLU C 16 -12.79 -44.75 0.27
CA GLU C 16 -13.48 -45.15 -0.94
C GLU C 16 -13.23 -44.15 -2.06
N LEU C 17 -13.33 -42.85 -1.75
CA LEU C 17 -13.02 -41.82 -2.74
C LEU C 17 -11.54 -41.87 -3.13
N LEU C 18 -10.67 -42.28 -2.21
CA LEU C 18 -9.26 -42.43 -2.54
C LEU C 18 -9.04 -43.58 -3.51
N LYS C 19 -9.77 -44.69 -3.33
CA LYS C 19 -9.64 -45.82 -4.24
C LYS C 19 -10.19 -45.48 -5.61
N GLN C 20 -11.36 -44.85 -5.67
CA GLN C 20 -11.93 -44.45 -6.96
C GLN C 20 -11.02 -43.46 -7.67
N LEU C 21 -10.34 -42.58 -6.92
CA LEU C 21 -9.43 -41.63 -7.53
C LEU C 21 -8.17 -42.32 -8.05
N LEU C 22 -7.69 -43.33 -7.32
CA LEU C 22 -6.48 -44.03 -7.73
C LEU C 22 -6.68 -44.89 -8.96
N ARG C 23 -7.93 -45.18 -9.34
CA ARG C 23 -8.18 -45.87 -10.60
C ARG C 23 -7.68 -45.06 -11.78
N ASP C 24 -7.92 -43.75 -11.75
CA ASP C 24 -7.42 -42.86 -12.80
C ASP C 24 -5.90 -42.86 -12.78
N ASN C 25 -5.29 -43.31 -13.88
CA ASN C 25 -3.83 -43.36 -13.95
C ASN C 25 -3.23 -41.96 -13.88
N GLU C 26 -3.97 -40.94 -14.29
CA GLU C 26 -3.49 -39.57 -14.16
C GLU C 26 -3.40 -39.16 -12.69
N ALA C 27 -4.48 -39.35 -11.94
CA ALA C 27 -4.49 -38.96 -10.54
C ALA C 27 -3.51 -39.80 -9.73
N LYS C 28 -3.41 -41.09 -10.02
CA LYS C 28 -2.50 -41.95 -9.28
C LYS C 28 -1.06 -41.47 -9.43
N THR C 29 -0.65 -41.14 -10.66
CA THR C 29 0.68 -40.60 -10.87
C THR C 29 0.85 -39.23 -10.25
N VAL C 30 -0.21 -38.42 -10.24
CA VAL C 30 -0.16 -37.13 -9.55
C VAL C 30 0.05 -37.31 -8.06
N LEU C 31 -0.65 -38.29 -7.47
CA LEU C 31 -0.55 -38.51 -6.04
C LEU C 31 0.79 -39.15 -5.66
N LYS C 32 1.39 -39.92 -6.55
CA LYS C 32 2.67 -40.56 -6.25
C LYS C 32 3.86 -39.66 -6.56
N GLN C 33 3.77 -38.85 -7.62
CA GLN C 33 4.92 -38.05 -8.05
C GLN C 33 5.00 -36.74 -7.29
N THR C 34 3.87 -36.08 -7.05
CA THR C 34 3.86 -34.78 -6.40
C THR C 34 4.13 -34.94 -4.90
N THR C 35 4.93 -34.03 -4.35
CA THR C 35 5.30 -34.07 -2.95
C THR C 35 4.28 -33.31 -2.11
N VAL C 36 4.46 -33.35 -0.79
CA VAL C 36 3.62 -32.56 0.10
C VAL C 36 3.98 -31.08 -0.01
N ASP C 37 5.26 -30.78 -0.23
CA ASP C 37 5.64 -29.39 -0.51
C ASP C 37 4.94 -28.88 -1.76
N GLN C 38 5.01 -29.65 -2.84
CA GLN C 38 4.47 -29.24 -4.13
C GLN C 38 2.95 -29.15 -4.15
N TYR C 39 2.27 -29.64 -3.10
CA TYR C 39 0.85 -29.40 -2.98
C TYR C 39 0.54 -27.91 -3.13
N ASN C 40 1.39 -27.06 -2.55
CA ASN C 40 1.17 -25.62 -2.62
C ASN C 40 1.27 -25.09 -4.05
N ILE C 41 1.93 -25.82 -4.95
CA ILE C 41 2.01 -25.41 -6.35
C ILE C 41 0.80 -25.89 -7.14
N ILE C 42 0.48 -27.18 -7.06
CA ILE C 42 -0.59 -27.73 -7.87
C ILE C 42 -1.96 -27.23 -7.44
N ARG C 43 -2.08 -26.73 -6.20
CA ARG C 43 -3.35 -26.17 -5.77
C ARG C 43 -3.65 -24.85 -6.48
N LYS C 44 -2.61 -24.06 -6.77
CA LYS C 44 -2.77 -22.78 -7.44
C LYS C 44 -2.67 -22.89 -8.95
N PHE C 45 -2.59 -24.11 -9.49
CA PHE C 45 -2.59 -24.33 -10.93
C PHE C 45 -4.01 -24.21 -11.46
N ASN C 46 -4.19 -23.40 -12.51
CA ASN C 46 -5.50 -23.21 -13.09
C ASN C 46 -5.36 -22.43 -14.39
N THR C 47 -6.44 -22.44 -15.18
CA THR C 47 -6.53 -21.63 -16.39
C THR C 47 -6.93 -20.19 -16.10
N SER C 48 -7.12 -19.83 -14.83
CA SER C 48 -7.56 -18.49 -14.49
C SER C 48 -6.46 -17.47 -14.73
N ARG C 49 -6.86 -16.30 -15.18
CA ARG C 49 -5.95 -15.19 -15.44
C ARG C 49 -6.21 -14.07 -14.45
N ILE C 50 -5.20 -13.22 -14.27
CA ILE C 50 -5.29 -12.13 -13.31
C ILE C 50 -6.09 -10.99 -13.92
N GLU C 51 -7.19 -10.63 -13.27
CA GLU C 51 -8.08 -9.58 -13.79
C GLU C 51 -7.44 -8.22 -13.52
N LYS C 52 -7.05 -7.53 -14.60
CA LYS C 52 -6.37 -6.26 -14.51
C LYS C 52 -7.33 -5.08 -14.39
N ASN C 53 -8.62 -5.28 -14.63
CA ASN C 53 -9.61 -4.21 -14.58
C ASN C 53 -10.91 -4.79 -14.05
N PRO C 54 -10.93 -5.18 -12.77
CA PRO C 54 -12.14 -5.82 -12.23
C PRO C 54 -13.32 -4.87 -12.08
N SER C 55 -13.08 -3.58 -11.88
CA SER C 55 -14.18 -2.61 -11.86
C SER C 55 -14.95 -2.65 -13.17
N LEU C 56 -14.24 -2.72 -14.29
CA LEU C 56 -14.89 -2.81 -15.60
C LEU C 56 -15.50 -4.19 -15.81
N ARG C 57 -14.72 -5.23 -15.54
CA ARG C 57 -15.16 -6.60 -15.81
C ARG C 57 -16.40 -6.97 -15.00
N MET C 58 -16.55 -6.41 -13.80
CA MET C 58 -17.73 -6.71 -13.01
C MET C 58 -18.96 -6.02 -13.58
N LYS C 59 -18.83 -4.75 -13.99
CA LYS C 59 -19.96 -4.07 -14.62
C LYS C 59 -20.36 -4.76 -15.92
N TRP C 60 -19.38 -5.24 -16.69
CA TRP C 60 -19.67 -6.00 -17.89
C TRP C 60 -20.34 -7.33 -17.55
N ALA C 61 -19.78 -8.05 -16.57
CA ALA C 61 -20.29 -9.38 -16.25
C ALA C 61 -21.70 -9.33 -15.66
N MET C 62 -22.07 -8.21 -15.04
CA MET C 62 -23.40 -8.11 -14.45
C MET C 62 -24.49 -7.86 -15.49
N CYS C 63 -24.12 -7.44 -16.70
CA CYS C 63 -25.08 -7.28 -17.78
C CYS C 63 -25.31 -8.58 -18.55
N SER C 64 -24.51 -9.62 -18.28
CA SER C 64 -24.71 -10.91 -18.91
C SER C 64 -25.74 -11.73 -18.14
N ASN C 65 -26.11 -12.87 -18.71
CA ASN C 65 -27.17 -13.69 -18.12
C ASN C 65 -26.67 -14.46 -16.90
N PHE C 66 -25.67 -15.34 -17.09
CA PHE C 66 -25.21 -16.26 -16.05
C PHE C 66 -23.73 -16.00 -15.75
N PRO C 67 -23.42 -14.93 -15.01
CA PRO C 67 -22.01 -14.65 -14.67
C PRO C 67 -21.48 -15.41 -13.47
N LEU C 68 -22.34 -15.80 -12.54
CA LEU C 68 -21.88 -16.43 -11.31
C LEU C 68 -21.66 -17.92 -11.51
N ALA C 69 -20.78 -18.48 -10.69
CA ALA C 69 -20.50 -19.91 -10.69
C ALA C 69 -20.93 -20.53 -9.37
N LEU C 70 -21.33 -21.79 -9.43
CA LEU C 70 -21.93 -22.48 -8.30
C LEU C 70 -21.08 -23.69 -7.93
N THR C 71 -21.11 -24.05 -6.65
CA THR C 71 -20.42 -25.25 -6.18
C THR C 71 -21.30 -26.47 -6.43
N LYS C 72 -20.68 -27.56 -6.86
CA LYS C 72 -21.41 -28.78 -7.16
C LYS C 72 -21.79 -29.47 -5.86
N GLY C 73 -23.09 -29.55 -5.59
CA GLY C 73 -23.56 -30.19 -4.36
C GLY C 73 -25.06 -30.21 -4.33
N ASP C 74 -25.58 -30.82 -3.25
CA ASP C 74 -27.03 -30.93 -3.09
C ASP C 74 -27.67 -29.56 -2.95
N MET C 75 -27.00 -28.65 -2.25
CA MET C 75 -27.56 -27.32 -2.05
C MET C 75 -27.69 -26.56 -3.37
N ALA C 76 -26.76 -26.79 -4.30
CA ALA C 76 -26.88 -26.20 -5.62
C ALA C 76 -28.12 -26.74 -6.35
N ASN C 77 -28.43 -28.01 -6.14
CA ASN C 77 -29.56 -28.63 -6.82
C ASN C 77 -30.91 -28.23 -6.22
N ARG C 78 -30.92 -27.67 -5.01
CA ARG C 78 -32.17 -27.17 -4.46
C ARG C 78 -32.60 -25.86 -5.12
N ILE C 79 -31.69 -25.19 -5.82
CA ILE C 79 -32.06 -24.05 -6.65
C ILE C 79 -32.71 -24.58 -7.93
N PRO C 80 -33.87 -24.07 -8.34
CA PRO C 80 -34.48 -24.54 -9.58
C PRO C 80 -33.84 -23.88 -10.80
N LEU C 81 -34.16 -24.45 -11.97
CA LEU C 81 -33.61 -23.94 -13.21
C LEU C 81 -34.24 -22.59 -13.58
N GLU C 82 -35.52 -22.40 -13.27
CA GLU C 82 -36.17 -21.12 -13.47
C GLU C 82 -37.15 -20.89 -12.33
N TYR C 83 -37.69 -19.67 -12.27
CA TYR C 83 -38.62 -19.30 -11.20
C TYR C 83 -39.51 -18.17 -11.74
N LYS C 84 -40.75 -18.52 -12.07
CA LYS C 84 -41.72 -17.54 -12.56
C LYS C 84 -41.19 -16.80 -13.79
N GLY C 85 -40.59 -17.55 -14.72
CA GLY C 85 -40.06 -17.00 -15.94
C GLY C 85 -38.61 -16.57 -15.86
N ILE C 86 -38.09 -16.30 -14.66
CA ILE C 86 -36.71 -15.86 -14.48
C ILE C 86 -35.80 -17.09 -14.57
N GLN C 87 -34.77 -17.00 -15.41
CA GLN C 87 -33.78 -18.05 -15.52
C GLN C 87 -32.76 -17.89 -14.39
N LEU C 88 -32.85 -18.78 -13.39
CA LEU C 88 -31.93 -18.71 -12.26
C LEU C 88 -30.56 -19.27 -12.63
N LYS C 89 -30.52 -20.50 -13.13
CA LYS C 89 -29.26 -21.15 -13.47
C LYS C 89 -29.41 -21.88 -14.79
N THR C 90 -28.29 -22.38 -15.30
CA THR C 90 -28.24 -23.09 -16.57
C THR C 90 -27.62 -24.46 -16.38
N ASN C 91 -27.84 -25.35 -17.35
CA ASN C 91 -27.27 -26.69 -17.30
C ASN C 91 -25.77 -26.65 -17.52
N ALA C 92 -25.28 -25.72 -18.32
CA ALA C 92 -23.86 -25.68 -18.66
C ALA C 92 -23.03 -25.50 -17.41
N GLU C 93 -21.98 -26.31 -17.29
CA GLU C 93 -21.11 -26.27 -16.13
C GLU C 93 -20.10 -25.12 -16.24
N ASP C 94 -19.54 -24.75 -15.10
CA ASP C 94 -18.42 -23.82 -15.05
C ASP C 94 -17.11 -24.60 -15.16
N ILE C 95 -16.10 -23.96 -15.74
CA ILE C 95 -14.83 -24.64 -15.96
C ILE C 95 -14.12 -24.91 -14.64
N GLY C 96 -14.09 -23.93 -13.74
CA GLY C 96 -13.38 -24.03 -12.49
C GLY C 96 -14.06 -24.93 -11.48
N THR C 97 -15.35 -24.66 -11.24
CA THR C 97 -16.08 -25.39 -10.21
C THR C 97 -16.66 -26.70 -10.73
N LYS C 98 -16.89 -26.81 -12.04
CA LYS C 98 -17.63 -27.94 -12.61
C LYS C 98 -19.02 -28.04 -12.00
N GLY C 99 -19.57 -26.91 -11.57
CA GLY C 99 -20.95 -26.81 -11.15
C GLY C 99 -21.73 -25.90 -12.08
N GLN C 100 -23.05 -25.92 -11.93
CA GLN C 100 -23.91 -25.13 -12.79
C GLN C 100 -23.61 -23.65 -12.63
N MET C 101 -23.56 -22.94 -13.77
CA MET C 101 -23.47 -21.49 -13.75
C MET C 101 -24.85 -20.90 -13.48
N CYS C 102 -24.88 -19.75 -12.81
CA CYS C 102 -26.13 -19.15 -12.39
C CYS C 102 -26.05 -17.64 -12.52
N SER C 103 -27.21 -16.99 -12.37
CA SER C 103 -27.33 -15.55 -12.45
C SER C 103 -27.35 -14.96 -11.04
N ILE C 104 -27.25 -13.63 -10.98
CA ILE C 104 -27.33 -12.93 -9.71
C ILE C 104 -28.71 -13.09 -9.09
N ALA C 105 -29.73 -13.36 -9.91
CA ALA C 105 -31.06 -13.63 -9.36
C ALA C 105 -31.09 -14.92 -8.55
N ALA C 106 -30.17 -15.85 -8.81
CA ALA C 106 -30.14 -17.08 -8.03
C ALA C 106 -29.82 -16.79 -6.57
N VAL C 107 -28.93 -15.82 -6.31
CA VAL C 107 -28.64 -15.41 -4.94
C VAL C 107 -29.89 -14.88 -4.27
N THR C 108 -30.58 -13.94 -4.93
CA THR C 108 -31.77 -13.33 -4.33
C THR C 108 -32.86 -14.36 -4.08
N TRP C 109 -32.97 -15.37 -4.95
CA TRP C 109 -33.93 -16.45 -4.71
C TRP C 109 -33.53 -17.25 -3.47
N TRP C 110 -32.27 -17.66 -3.41
CA TRP C 110 -31.79 -18.44 -2.27
C TRP C 110 -32.04 -17.71 -0.95
N ASN C 111 -31.81 -16.40 -0.93
CA ASN C 111 -32.04 -15.64 0.29
C ASN C 111 -33.52 -15.54 0.63
N THR C 112 -34.39 -15.64 -0.37
CA THR C 112 -35.83 -15.50 -0.15
C THR C 112 -36.51 -16.84 0.10
N TYR C 113 -36.22 -17.85 -0.73
CA TYR C 113 -36.93 -19.13 -0.69
C TYR C 113 -35.97 -20.31 -0.51
N GLY C 114 -34.75 -20.06 -0.05
CA GLY C 114 -33.77 -21.12 0.13
C GLY C 114 -33.91 -21.82 1.47
N PRO C 115 -33.02 -22.77 1.74
CA PRO C 115 -33.07 -23.49 3.01
C PRO C 115 -32.51 -22.68 4.16
N ILE C 116 -33.21 -22.73 5.29
CA ILE C 116 -32.83 -21.97 6.48
C ILE C 116 -31.79 -22.78 7.23
N GLY C 117 -30.54 -22.31 7.23
CA GLY C 117 -29.44 -23.04 7.81
C GLY C 117 -29.18 -22.70 9.26
N ASP C 118 -28.16 -23.36 9.82
CA ASP C 118 -27.82 -23.23 11.23
C ASP C 118 -26.87 -22.05 11.41
N THR C 119 -27.33 -21.02 12.11
CA THR C 119 -26.52 -19.84 12.41
C THR C 119 -26.12 -19.78 13.88
N GLU C 120 -26.13 -20.91 14.58
CA GLU C 120 -25.76 -20.94 15.99
C GLU C 120 -24.25 -20.90 16.13
N GLY C 121 -23.76 -19.99 16.97
CA GLY C 121 -22.34 -19.73 17.09
C GLY C 121 -21.84 -18.58 16.25
N PHE C 122 -22.67 -18.07 15.34
CA PHE C 122 -22.25 -16.99 14.46
C PHE C 122 -21.76 -15.78 15.24
N GLU C 123 -22.46 -15.42 16.33
CA GLU C 123 -22.06 -14.25 17.09
C GLU C 123 -20.75 -14.46 17.84
N ARG C 124 -20.44 -15.70 18.19
CA ARG C 124 -19.16 -15.98 18.85
C ARG C 124 -18.03 -16.15 17.84
N VAL C 125 -18.34 -16.61 16.63
CA VAL C 125 -17.33 -16.72 15.59
C VAL C 125 -16.86 -15.33 15.17
N TYR C 126 -17.80 -14.47 14.78
CA TYR C 126 -17.50 -13.10 14.38
C TYR C 126 -17.52 -12.13 15.55
N GLU C 127 -17.23 -12.61 16.76
CA GLU C 127 -17.23 -11.75 17.93
C GLU C 127 -16.41 -10.49 17.69
N SER C 128 -15.23 -10.64 17.09
CA SER C 128 -14.34 -9.50 16.90
C SER C 128 -15.04 -8.32 16.25
N PHE C 129 -15.91 -8.59 15.27
CA PHE C 129 -16.65 -7.51 14.63
C PHE C 129 -17.77 -7.00 15.51
N PHE C 130 -18.49 -7.90 16.19
CA PHE C 130 -19.60 -7.48 17.03
C PHE C 130 -19.14 -6.57 18.17
N LEU C 131 -17.90 -6.76 18.64
CA LEU C 131 -17.38 -5.88 19.68
C LEU C 131 -17.18 -4.46 19.17
N ARG C 132 -17.05 -4.26 17.86
CA ARG C 132 -17.05 -2.91 17.32
C ARG C 132 -18.43 -2.27 17.42
N LYS C 133 -19.49 -3.07 17.18
CA LYS C 133 -20.84 -2.52 17.21
C LYS C 133 -21.19 -2.01 18.59
N MET C 134 -20.86 -2.77 19.64
CA MET C 134 -21.17 -2.33 20.99
C MET C 134 -20.27 -1.19 21.44
N ARG C 135 -19.07 -1.09 20.88
CA ARG C 135 -18.20 0.04 21.17
C ARG C 135 -18.71 1.33 20.54
N LEU C 136 -19.56 1.23 19.52
CA LEU C 136 -20.24 2.39 18.95
C LEU C 136 -21.63 2.58 19.53
N ASP C 137 -22.39 1.50 19.71
CA ASP C 137 -23.72 1.60 20.30
C ASP C 137 -23.65 2.17 21.71
N ASN C 138 -22.75 1.64 22.53
CA ASN C 138 -22.65 2.04 23.93
C ASN C 138 -21.88 3.33 24.12
N ALA C 139 -21.34 3.93 23.06
CA ALA C 139 -20.52 5.13 23.20
C ALA C 139 -21.39 6.36 23.40
N THR C 140 -20.74 7.47 23.70
CA THR C 140 -21.40 8.76 23.87
C THR C 140 -20.53 9.85 23.28
N TRP C 141 -21.12 10.67 22.41
CA TRP C 141 -20.39 11.71 21.72
C TRP C 141 -20.43 13.01 22.51
N GLY C 142 -19.50 13.92 22.17
CA GLY C 142 -19.40 15.19 22.85
C GLY C 142 -19.54 16.39 21.94
N ARG C 143 -18.72 17.40 22.18
CA ARG C 143 -18.77 18.64 21.43
C ARG C 143 -17.90 18.56 20.18
N ILE C 144 -18.34 19.23 19.12
CA ILE C 144 -17.53 19.45 17.93
C ILE C 144 -17.02 20.87 17.98
N THR C 145 -15.72 21.04 17.78
CA THR C 145 -15.08 22.35 17.86
C THR C 145 -14.26 22.59 16.61
N PHE C 146 -14.29 23.83 16.12
CA PHE C 146 -13.59 24.22 14.91
C PHE C 146 -12.36 25.05 15.26
N GLY C 147 -11.22 24.70 14.66
CA GLY C 147 -9.96 25.31 14.99
C GLY C 147 -8.82 24.38 14.59
N PRO C 148 -7.60 24.92 14.52
CA PRO C 148 -6.49 24.13 13.97
C PRO C 148 -6.15 22.92 14.81
N VAL C 149 -5.55 21.91 14.15
CA VAL C 149 -5.08 20.70 14.79
C VAL C 149 -3.77 20.29 14.13
N GLU C 150 -2.74 20.04 14.94
CA GLU C 150 -1.54 19.39 14.45
C GLU C 150 -1.77 17.89 14.40
N ARG C 151 -1.44 17.28 13.26
CA ARG C 151 -1.56 15.84 13.09
C ARG C 151 -0.16 15.25 12.95
N VAL C 152 0.17 14.33 13.84
CA VAL C 152 1.47 13.66 13.84
C VAL C 152 1.28 12.27 13.26
N ARG C 153 2.05 11.94 12.23
CA ARG C 153 1.91 10.67 11.54
C ARG C 153 2.74 9.61 12.26
N LYS C 154 2.06 8.68 12.93
CA LYS C 154 2.69 7.68 13.76
C LYS C 154 2.10 6.31 13.50
N ARG C 155 2.92 5.28 13.67
CA ARG C 155 2.44 3.90 13.59
C ARG C 155 1.53 3.62 14.78
N VAL C 156 0.32 3.14 14.50
CA VAL C 156 -0.71 2.94 15.52
C VAL C 156 -1.47 1.65 15.22
N LEU C 157 -2.05 1.09 16.26
CA LEU C 157 -2.84 -0.13 16.13
C LEU C 157 -4.24 0.24 15.61
N LEU C 158 -4.66 -0.42 14.52
CA LEU C 158 -5.92 -0.07 13.87
C LEU C 158 -7.12 -0.59 14.66
N ASN C 159 -7.10 -1.85 15.05
CA ASN C 159 -8.22 -2.46 15.75
C ASN C 159 -7.76 -3.14 17.02
N PRO C 160 -8.61 -3.18 18.06
CA PRO C 160 -8.21 -3.79 19.32
C PRO C 160 -8.24 -5.30 19.26
N LEU C 161 -7.23 -5.92 19.86
CA LEU C 161 -7.02 -7.36 19.78
C LEU C 161 -7.44 -8.05 21.06
N THR C 162 -7.58 -9.38 20.97
CA THR C 162 -7.82 -10.20 22.15
C THR C 162 -6.52 -10.42 22.92
N LYS C 163 -5.48 -10.87 22.23
CA LYS C 163 -4.15 -11.02 22.82
C LYS C 163 -3.12 -10.92 21.71
N GLU C 164 -2.26 -9.93 21.79
CA GLU C 164 -1.33 -9.62 20.71
C GLU C 164 -0.21 -10.66 20.66
N MET C 165 0.09 -11.13 19.46
CA MET C 165 1.13 -12.12 19.25
C MET C 165 1.83 -11.83 17.93
N PRO C 166 3.01 -12.40 17.70
CA PRO C 166 3.57 -12.41 16.35
C PRO C 166 2.82 -13.38 15.46
N PRO C 167 2.98 -13.28 14.14
CA PRO C 167 2.29 -14.25 13.26
C PRO C 167 2.66 -15.69 13.57
N ASP C 168 3.95 -16.00 13.69
CA ASP C 168 4.36 -17.38 13.98
C ASP C 168 3.69 -17.89 15.24
N GLU C 169 3.64 -17.06 16.28
CA GLU C 169 3.02 -17.48 17.55
C GLU C 169 1.51 -17.59 17.38
N ALA C 170 0.90 -16.69 16.62
CA ALA C 170 -0.55 -16.71 16.45
C ALA C 170 -0.99 -17.93 15.63
N SER C 171 -0.25 -18.26 14.58
CA SER C 171 -0.63 -19.39 13.73
C SER C 171 -0.66 -20.69 14.52
N ASN C 172 0.32 -20.89 15.40
CA ASN C 172 0.36 -22.10 16.21
C ASN C 172 -0.81 -22.15 17.19
N VAL C 173 -1.20 -21.01 17.74
CA VAL C 173 -2.38 -20.97 18.61
C VAL C 173 -3.63 -21.29 17.81
N ILE C 174 -3.76 -20.68 16.63
CA ILE C 174 -4.87 -21.02 15.74
C ILE C 174 -4.84 -22.50 15.39
N MET C 175 -3.64 -23.04 15.16
CA MET C 175 -3.51 -24.45 14.81
C MET C 175 -3.95 -25.35 15.95
N GLU C 176 -3.64 -24.96 17.19
CA GLU C 176 -4.04 -25.75 18.34
C GLU C 176 -5.55 -25.70 18.57
N ILE C 177 -6.19 -24.60 18.20
CA ILE C 177 -7.64 -24.48 18.37
C ILE C 177 -8.38 -25.34 17.36
N LEU C 178 -8.07 -25.16 16.07
CA LEU C 178 -8.89 -25.71 15.00
C LEU C 178 -8.41 -27.08 14.53
N PHE C 179 -7.10 -27.27 14.37
CA PHE C 179 -6.53 -28.51 13.84
C PHE C 179 -5.47 -29.02 14.79
N PRO C 180 -5.87 -29.54 15.95
CA PRO C 180 -4.87 -29.94 16.95
C PRO C 180 -4.02 -31.13 16.51
N LYS C 181 -4.61 -32.09 15.78
CA LYS C 181 -3.86 -33.26 15.34
C LYS C 181 -2.77 -32.92 14.34
N GLU C 182 -2.90 -31.79 13.63
CA GLU C 182 -1.96 -31.42 12.58
C GLU C 182 -1.04 -30.29 13.01
N ALA C 183 -0.86 -30.10 14.32
CA ALA C 183 -0.04 -28.99 14.81
C ALA C 183 1.45 -29.27 14.68
N GLY C 184 1.87 -30.52 14.81
CA GLY C 184 3.27 -30.87 14.64
C GLY C 184 4.02 -30.76 15.95
N ILE C 185 5.12 -30.01 15.93
CA ILE C 185 6.00 -29.90 17.10
C ILE C 185 5.33 -29.01 18.14
N PRO C 186 5.24 -29.42 19.40
CA PRO C 186 4.73 -28.51 20.43
C PRO C 186 5.64 -27.31 20.61
N ARG C 187 5.03 -26.15 20.88
CA ARG C 187 5.75 -24.92 21.15
C ARG C 187 5.45 -24.47 22.57
N GLU C 188 6.27 -23.53 23.05
CA GLU C 188 6.03 -22.97 24.37
C GLU C 188 4.79 -22.09 24.42
N SER C 189 4.31 -21.62 23.27
CA SER C 189 3.12 -20.78 23.24
C SER C 189 1.91 -21.53 23.78
N THR C 190 1.82 -22.84 23.53
CA THR C 190 0.68 -23.62 24.00
C THR C 190 0.53 -23.49 25.52
N TRP C 191 1.63 -23.59 26.25
CA TRP C 191 1.57 -23.50 27.71
C TRP C 191 1.26 -22.09 28.17
N ILE C 192 1.69 -21.08 27.41
CA ILE C 192 1.45 -19.70 27.82
C ILE C 192 -0.02 -19.33 27.63
N HIS C 193 -0.59 -19.69 26.48
CA HIS C 193 -1.95 -19.31 26.13
C HIS C 193 -2.95 -20.47 26.30
N ARG C 194 -2.73 -21.33 27.29
CA ARG C 194 -3.58 -22.51 27.42
C ARG C 194 -5.00 -22.13 27.78
N GLU C 195 -5.20 -21.01 28.49
CA GLU C 195 -6.55 -20.57 28.83
C GLU C 195 -7.23 -19.88 27.66
N LEU C 196 -6.45 -19.25 26.78
CA LEU C 196 -7.03 -18.65 25.57
C LEU C 196 -7.44 -19.74 24.59
N ILE C 197 -6.67 -20.83 24.52
CA ILE C 197 -7.08 -21.97 23.71
C ILE C 197 -8.30 -22.64 24.33
N LYS C 198 -8.26 -22.88 25.64
CA LYS C 198 -9.41 -23.49 26.32
C LYS C 198 -10.67 -22.67 26.13
N GLU C 199 -10.53 -21.33 26.08
CA GLU C 199 -11.70 -20.48 25.90
C GLU C 199 -12.21 -20.54 24.47
N LYS C 200 -11.32 -20.36 23.49
CA LYS C 200 -11.74 -20.38 22.10
C LYS C 200 -12.23 -21.77 21.68
N ARG C 201 -11.65 -22.82 22.24
CA ARG C 201 -12.13 -24.17 21.92
C ARG C 201 -13.55 -24.37 22.40
N GLU C 202 -13.90 -23.82 23.56
CA GLU C 202 -15.26 -23.97 24.08
C GLU C 202 -16.25 -23.08 23.33
N LYS C 203 -15.81 -21.88 22.92
CA LYS C 203 -16.72 -20.96 22.25
C LYS C 203 -17.00 -21.41 20.82
N LEU C 204 -16.00 -21.94 20.13
CA LEU C 204 -16.12 -22.31 18.72
C LEU C 204 -16.29 -23.81 18.51
N LYS C 205 -17.03 -24.48 19.40
CA LYS C 205 -17.19 -25.92 19.30
C LYS C 205 -18.36 -26.30 18.39
N GLY C 206 -19.56 -25.81 18.71
CA GLY C 206 -20.76 -26.28 18.04
C GLY C 206 -21.04 -25.67 16.69
N THR C 207 -20.32 -24.64 16.27
CA THR C 207 -20.64 -23.95 15.03
C THR C 207 -20.37 -24.86 13.83
N MET C 208 -21.09 -24.59 12.74
CA MET C 208 -20.96 -25.32 11.50
C MET C 208 -20.13 -24.58 10.46
N ILE C 209 -19.63 -23.38 10.79
CA ILE C 209 -18.90 -22.57 9.83
C ILE C 209 -17.54 -23.19 9.56
N THR C 210 -17.02 -22.92 8.36
CA THR C 210 -15.84 -23.61 7.89
C THR C 210 -14.62 -23.23 8.74
N PRO C 211 -13.72 -24.18 9.04
CA PRO C 211 -12.49 -23.83 9.78
C PRO C 211 -11.71 -22.67 9.16
N ILE C 212 -11.56 -22.64 7.83
CA ILE C 212 -10.76 -21.59 7.22
C ILE C 212 -11.32 -20.21 7.55
N VAL C 213 -12.63 -20.12 7.79
CA VAL C 213 -13.23 -18.87 8.23
C VAL C 213 -12.83 -18.58 9.67
N LEU C 214 -12.90 -19.60 10.54
CA LEU C 214 -12.52 -19.40 11.93
C LEU C 214 -11.07 -18.96 12.05
N ALA C 215 -10.17 -19.58 11.26
CA ALA C 215 -8.76 -19.21 11.31
C ALA C 215 -8.56 -17.78 10.82
N TYR C 216 -9.39 -17.31 9.90
CA TYR C 216 -9.29 -15.92 9.47
C TYR C 216 -9.74 -14.98 10.57
N MET C 217 -10.85 -15.30 11.25
CA MET C 217 -11.34 -14.43 12.32
C MET C 217 -10.42 -14.48 13.53
N LEU C 218 -9.90 -15.66 13.86
CA LEU C 218 -8.93 -15.76 14.94
C LEU C 218 -7.68 -14.94 14.64
N GLU C 219 -7.17 -15.05 13.41
CA GLU C 219 -5.96 -14.31 13.04
C GLU C 219 -6.19 -12.81 13.07
N ARG C 220 -7.44 -12.36 12.89
CA ARG C 220 -7.73 -10.93 12.99
C ARG C 220 -7.63 -10.45 14.42
N GLU C 221 -8.18 -11.21 15.37
CA GLU C 221 -8.19 -10.80 16.77
C GLU C 221 -6.93 -11.21 17.53
N LEU C 222 -5.95 -11.82 16.86
CA LEU C 222 -4.66 -12.13 17.46
C LEU C 222 -3.55 -11.31 16.84
N VAL C 223 -3.35 -11.42 15.52
CA VAL C 223 -2.27 -10.69 14.87
C VAL C 223 -2.65 -9.21 14.76
N ALA C 224 -1.66 -8.35 14.87
CA ALA C 224 -1.86 -6.91 14.94
C ALA C 224 -1.72 -6.25 13.57
N ARG C 225 -2.55 -5.24 13.31
CA ARG C 225 -2.44 -4.41 12.12
C ARG C 225 -1.98 -3.03 12.58
N ARG C 226 -0.69 -2.76 12.42
CA ARG C 226 -0.10 -1.48 12.80
C ARG C 226 0.31 -0.73 11.55
N ARG C 227 -0.29 0.44 11.34
CA ARG C 227 -0.05 1.24 10.14
C ARG C 227 0.06 2.70 10.52
N PHE C 228 0.79 3.46 9.70
CA PHE C 228 0.96 4.88 9.92
C PHE C 228 -0.33 5.63 9.59
N LEU C 229 -0.68 6.59 10.45
CA LEU C 229 -1.88 7.40 10.27
C LEU C 229 -1.64 8.76 10.88
N PRO C 230 -2.28 9.81 10.37
CA PRO C 230 -2.24 11.11 11.05
C PRO C 230 -3.14 11.08 12.29
N VAL C 231 -2.54 11.32 13.46
CA VAL C 231 -3.22 11.20 14.73
C VAL C 231 -3.02 12.50 15.52
N ALA C 232 -3.95 12.74 16.45
CA ALA C 232 -3.82 13.82 17.41
C ALA C 232 -4.61 13.45 18.66
N GLY C 233 -4.00 13.62 19.83
CA GLY C 233 -4.69 13.38 21.08
C GLY C 233 -4.82 11.93 21.44
N ALA C 234 -5.77 11.24 20.81
CA ALA C 234 -6.08 9.85 21.13
C ALA C 234 -5.34 8.91 20.18
N THR C 235 -4.73 7.87 20.75
CA THR C 235 -3.96 6.90 19.97
C THR C 235 -4.29 5.47 20.36
N SER C 236 -5.36 5.24 21.09
CA SER C 236 -5.75 3.89 21.45
C SER C 236 -6.49 3.22 20.30
N ALA C 237 -6.41 1.88 20.26
CA ALA C 237 -6.99 1.15 19.15
C ALA C 237 -8.49 1.43 19.02
N GLU C 238 -9.20 1.45 20.14
CA GLU C 238 -10.63 1.74 20.10
C GLU C 238 -10.93 3.20 19.77
N PHE C 239 -9.91 4.05 19.72
CA PHE C 239 -10.06 5.40 19.18
C PHE C 239 -9.61 5.46 17.72
N ILE C 240 -8.55 4.73 17.37
CA ILE C 240 -8.04 4.75 16.00
C ILE C 240 -9.11 4.25 15.04
N GLU C 241 -9.84 3.20 15.43
CA GLU C 241 -10.88 2.66 14.56
C GLU C 241 -11.95 3.70 14.25
N MET C 242 -12.10 4.71 15.11
CA MET C 242 -13.01 5.82 14.87
C MET C 242 -12.27 7.08 14.45
N LEU C 243 -10.98 6.96 14.08
CA LEU C 243 -10.15 8.12 13.81
C LEU C 243 -10.79 9.07 12.80
N HIS C 244 -11.49 8.52 11.81
CA HIS C 244 -12.11 9.35 10.78
C HIS C 244 -13.10 10.35 11.37
N CYS C 245 -13.78 9.98 12.46
CA CYS C 245 -14.76 10.87 13.07
C CYS C 245 -14.16 11.73 14.18
N LEU C 246 -12.99 11.37 14.71
CA LEU C 246 -12.46 12.06 15.89
C LEU C 246 -12.00 13.48 15.55
N GLN C 247 -11.32 13.64 14.42
CA GLN C 247 -10.61 14.90 14.17
C GLN C 247 -10.45 15.10 12.67
N GLY C 248 -10.14 16.33 12.31
CA GLY C 248 -9.71 16.66 10.96
C GLY C 248 -8.51 17.59 11.03
N GLU C 249 -8.17 18.24 9.92
CA GLU C 249 -7.14 19.25 9.95
C GLU C 249 -7.61 20.54 10.58
N ASN C 250 -8.93 20.79 10.60
CA ASN C 250 -9.49 22.05 11.04
C ASN C 250 -10.68 21.86 11.99
N TRP C 251 -10.86 20.67 12.55
CA TRP C 251 -11.98 20.44 13.46
C TRP C 251 -11.65 19.27 14.38
N ARG C 252 -12.38 19.23 15.51
CA ARG C 252 -12.22 18.20 16.52
C ARG C 252 -13.58 17.70 16.95
N GLN C 253 -13.63 16.43 17.37
CA GLN C 253 -14.86 15.80 17.84
C GLN C 253 -14.56 14.98 19.08
N ILE C 254 -15.20 15.32 20.19
CA ILE C 254 -15.00 14.60 21.44
C ILE C 254 -15.82 13.32 21.40
N TYR C 255 -15.15 12.18 21.59
CA TYR C 255 -15.74 10.87 21.45
C TYR C 255 -15.38 10.00 22.65
N HIS C 256 -16.36 9.28 23.17
CA HIS C 256 -16.18 8.42 24.34
C HIS C 256 -16.67 7.02 24.00
N PRO C 257 -15.77 6.09 23.65
CA PRO C 257 -16.22 4.74 23.29
C PRO C 257 -16.73 3.96 24.50
N GLY C 258 -17.52 2.93 24.20
CA GLY C 258 -18.06 2.08 25.23
C GLY C 258 -17.12 0.93 25.60
N GLY C 259 -17.58 0.12 26.55
CA GLY C 259 -16.79 -1.00 27.03
C GLY C 259 -15.73 -0.58 28.03
N ASN C 260 -15.00 -1.58 28.51
CA ASN C 260 -13.93 -1.34 29.46
C ASN C 260 -12.69 -0.79 28.75
N LYS C 261 -11.92 0.01 29.49
CA LYS C 261 -10.66 0.55 28.99
C LYS C 261 -9.53 0.15 29.91
N LEU C 262 -8.32 0.11 29.35
CA LEU C 262 -7.16 -0.44 30.03
C LEU C 262 -6.65 0.54 31.08
N THR C 263 -5.98 -0.01 32.09
CA THR C 263 -5.34 0.81 33.12
C THR C 263 -4.07 1.45 32.58
N GLU C 264 -3.25 0.69 31.87
CA GLU C 264 -2.04 1.25 31.26
C GLU C 264 -2.38 2.40 30.31
N SER C 265 -3.56 2.36 29.68
CA SER C 265 -3.94 3.42 28.76
C SER C 265 -4.19 4.73 29.50
N ARG C 266 -4.71 4.67 30.72
CA ARG C 266 -4.83 5.87 31.52
C ARG C 266 -3.45 6.38 31.95
N SER C 267 -2.55 5.46 32.30
CA SER C 267 -1.22 5.85 32.75
C SER C 267 -0.48 6.63 31.67
N GLN C 268 -0.66 6.24 30.40
CA GLN C 268 0.01 6.93 29.31
C GLN C 268 -0.50 8.36 29.15
N SER C 269 -1.82 8.53 29.11
CA SER C 269 -2.39 9.87 28.96
C SER C 269 -2.20 10.70 30.21
N MET C 270 -2.27 10.07 31.39
CA MET C 270 -2.14 10.79 32.65
C MET C 270 -0.83 11.56 32.70
N ILE C 271 0.25 10.95 32.23
CA ILE C 271 1.56 11.62 32.25
C ILE C 271 1.56 12.80 31.30
N VAL C 272 1.14 12.57 30.05
CA VAL C 272 1.12 13.65 29.06
C VAL C 272 0.19 14.76 29.49
N ALA C 273 -0.92 14.41 30.16
CA ALA C 273 -1.83 15.44 30.64
C ALA C 273 -1.16 16.32 31.68
N CYS C 274 -0.57 15.71 32.71
CA CYS C 274 0.06 16.49 33.77
C CYS C 274 1.22 17.32 33.23
N ARG C 275 2.04 16.75 32.35
CA ARG C 275 3.14 17.51 31.77
C ARG C 275 2.62 18.74 31.03
N LYS C 276 1.57 18.56 30.23
CA LYS C 276 1.03 19.68 29.45
C LYS C 276 0.39 20.72 30.34
N ILE C 277 -0.17 20.30 31.47
CA ILE C 277 -0.66 21.26 32.47
C ILE C 277 0.49 22.07 33.03
N ILE C 278 1.62 21.40 33.29
CA ILE C 278 2.76 22.07 33.92
C ILE C 278 3.46 22.98 32.92
N ARG C 279 3.65 22.52 31.69
CA ARG C 279 4.38 23.31 30.71
C ARG C 279 3.72 24.66 30.47
N ARG C 280 2.40 24.74 30.63
CA ARG C 280 1.71 26.00 30.43
C ARG C 280 1.80 26.89 31.67
N SER C 281 1.49 26.32 32.84
CA SER C 281 1.43 27.11 34.08
C SER C 281 2.80 27.59 34.55
N ILE C 282 3.89 27.09 33.98
CA ILE C 282 5.23 27.50 34.42
C ILE C 282 5.46 28.97 34.11
N VAL C 283 5.11 29.41 32.90
CA VAL C 283 5.49 30.75 32.46
C VAL C 283 4.68 31.81 33.21
N ALA C 284 3.42 31.53 33.52
CA ALA C 284 2.61 32.47 34.25
C ALA C 284 2.92 32.39 35.75
N SER C 285 3.04 33.56 36.37
CA SER C 285 3.37 33.60 37.79
C SER C 285 2.24 32.99 38.62
N ASN C 286 2.60 32.50 39.80
CA ASN C 286 1.73 31.66 40.61
C ASN C 286 1.37 30.40 39.84
N PRO C 287 2.36 29.60 39.41
CA PRO C 287 2.04 28.36 38.67
C PRO C 287 1.04 27.46 39.37
N LEU C 288 1.10 27.35 40.70
CA LEU C 288 0.18 26.46 41.41
C LEU C 288 -1.27 26.81 41.10
N GLU C 289 -1.58 28.10 40.94
CA GLU C 289 -2.96 28.50 40.71
C GLU C 289 -3.46 28.00 39.37
N LEU C 290 -2.67 28.19 38.30
CA LEU C 290 -3.05 27.66 37.00
C LEU C 290 -3.08 26.14 37.02
N ALA C 291 -2.10 25.52 37.66
CA ALA C 291 -2.02 24.06 37.66
C ALA C 291 -3.22 23.43 38.36
N VAL C 292 -3.73 24.07 39.41
CA VAL C 292 -4.91 23.55 40.09
C VAL C 292 -6.17 23.92 39.31
N GLU C 293 -6.24 25.15 38.80
CA GLU C 293 -7.38 25.56 38.00
C GLU C 293 -7.61 24.59 36.84
N ILE C 294 -6.53 24.24 36.13
CA ILE C 294 -6.65 23.37 34.98
C ILE C 294 -6.89 21.93 35.42
N ALA C 295 -6.02 21.41 36.30
CA ALA C 295 -6.07 20.01 36.66
C ALA C 295 -7.42 19.61 37.26
N ASN C 296 -8.09 20.54 37.96
CA ASN C 296 -9.43 20.25 38.47
C ASN C 296 -10.38 19.93 37.33
N LYS C 297 -10.26 20.64 36.21
CA LYS C 297 -11.21 20.54 35.11
C LYS C 297 -10.61 19.82 33.89
N THR C 298 -9.61 18.98 34.10
CA THR C 298 -9.08 18.11 33.05
C THR C 298 -9.75 16.75 33.13
N VAL C 299 -9.92 16.12 31.97
CA VAL C 299 -10.60 14.84 31.86
C VAL C 299 -9.79 13.92 30.97
N ILE C 300 -9.69 12.66 31.36
CA ILE C 300 -9.07 11.62 30.56
C ILE C 300 -10.20 10.72 30.06
N ASP C 301 -10.62 10.94 28.82
CA ASP C 301 -11.77 10.25 28.25
C ASP C 301 -13.01 10.51 29.09
N THR C 302 -13.26 9.68 30.09
CA THR C 302 -14.43 9.82 30.97
C THR C 302 -14.06 10.24 32.39
N GLU C 303 -12.96 9.72 32.94
CA GLU C 303 -12.58 10.01 34.31
C GLU C 303 -11.87 11.35 34.41
N PRO C 304 -12.11 12.13 35.47
CA PRO C 304 -11.30 13.32 35.71
C PRO C 304 -9.87 12.95 36.10
N LEU C 305 -8.98 13.94 36.00
CA LEU C 305 -7.58 13.72 36.34
C LEU C 305 -7.40 13.46 37.83
N LYS C 306 -8.25 14.08 38.67
CA LYS C 306 -8.18 13.81 40.10
C LYS C 306 -8.38 12.32 40.37
N SER C 307 -9.43 11.73 39.80
CA SER C 307 -9.73 10.32 40.06
C SER C 307 -8.62 9.42 39.54
N CYS C 308 -8.11 9.72 38.33
CA CYS C 308 -7.06 8.88 37.75
C CYS C 308 -5.79 8.91 38.59
N LEU C 309 -5.36 10.10 38.99
CA LEU C 309 -4.18 10.21 39.84
C LEU C 309 -4.40 9.51 41.18
N ALA C 310 -5.64 9.52 41.68
CA ALA C 310 -5.92 8.92 42.99
C ALA C 310 -5.97 7.40 42.91
N ALA C 311 -6.64 6.86 41.88
CA ALA C 311 -6.85 5.41 41.80
C ALA C 311 -5.62 4.70 41.23
N ILE C 312 -4.95 5.30 40.25
CA ILE C 312 -3.77 4.69 39.64
C ILE C 312 -2.55 4.99 40.50
N ASP C 313 -1.76 3.96 40.77
CA ASP C 313 -0.49 4.11 41.48
C ASP C 313 0.68 4.06 40.50
N GLY C 314 0.60 4.88 39.45
CA GLY C 314 1.63 4.91 38.43
C GLY C 314 2.51 6.13 38.58
N GLY C 315 2.22 7.18 37.83
CA GLY C 315 2.88 8.45 38.04
C GLY C 315 4.27 8.57 37.45
N ASP C 316 4.91 9.67 37.84
CA ASP C 316 6.28 10.00 37.46
C ASP C 316 6.56 11.35 38.07
N VAL C 317 7.55 12.08 37.57
CA VAL C 317 7.82 13.41 38.11
C VAL C 317 6.60 14.31 37.97
N ALA C 318 6.17 14.54 36.73
CA ALA C 318 5.06 15.45 36.47
C ALA C 318 3.80 15.02 37.21
N CYS C 319 3.53 13.71 37.26
CA CYS C 319 2.29 13.24 37.88
C CYS C 319 2.22 13.63 39.34
N ASP C 320 3.29 13.36 40.11
CA ASP C 320 3.26 13.66 41.54
C ASP C 320 3.03 15.13 41.80
N ILE C 321 3.73 16.00 41.07
CA ILE C 321 3.62 17.44 41.31
C ILE C 321 2.16 17.87 41.31
N ILE C 322 1.35 17.28 40.43
CA ILE C 322 -0.07 17.62 40.41
C ILE C 322 -0.80 16.97 41.58
N ARG C 323 -0.45 15.72 41.90
CA ARG C 323 -1.05 15.06 43.06
C ARG C 323 -0.90 15.91 44.32
N ALA C 324 0.26 16.55 44.48
CA ALA C 324 0.45 17.46 45.61
C ALA C 324 -0.44 18.69 45.46
N ALA C 325 -0.50 19.27 44.26
CA ALA C 325 -1.27 20.50 44.06
C ALA C 325 -2.75 20.28 44.33
N LEU C 326 -3.25 19.06 44.14
CA LEU C 326 -4.65 18.75 44.43
C LEU C 326 -4.80 18.19 45.85
N GLY C 327 -4.08 17.11 46.14
CA GLY C 327 -4.16 16.47 47.43
C GLY C 327 -3.80 15.00 47.33
N LEU C 328 -3.77 14.35 48.50
CA LEU C 328 -3.50 12.93 48.61
C LEU C 328 -2.05 12.59 48.24
N LYS C 329 -1.63 11.37 48.59
CA LYS C 329 -0.23 11.01 48.56
C LYS C 329 0.35 11.12 47.16
N ILE C 330 1.67 10.96 47.07
CA ILE C 330 2.40 11.00 45.82
C ILE C 330 3.33 9.79 45.77
N ARG C 331 3.19 8.97 44.73
CA ARG C 331 3.98 7.75 44.59
C ARG C 331 5.18 8.03 43.68
N GLN C 332 6.37 8.01 44.26
CA GLN C 332 7.61 8.15 43.51
C GLN C 332 7.98 6.78 42.94
N ARG C 333 7.43 6.46 41.77
CA ARG C 333 7.68 5.18 41.12
C ARG C 333 8.32 5.42 39.76
N GLN C 334 9.43 4.73 39.51
CA GLN C 334 10.11 4.74 38.22
C GLN C 334 9.88 3.41 37.52
N ARG C 335 10.04 3.43 36.19
CA ARG C 335 9.91 2.24 35.36
C ARG C 335 11.13 2.17 34.46
N PHE C 336 11.95 1.15 34.66
CA PHE C 336 13.13 0.91 33.82
C PHE C 336 12.82 -0.30 32.94
N GLY C 337 12.14 -0.06 31.82
CA GLY C 337 11.75 -1.13 30.92
C GLY C 337 10.75 -2.08 31.55
N ARG C 338 11.25 -3.19 32.10
CA ARG C 338 10.42 -4.16 32.79
C ARG C 338 10.46 -4.02 34.30
N LEU C 339 11.53 -3.41 34.84
CA LEU C 339 11.66 -3.26 36.29
C LEU C 339 10.84 -2.07 36.77
N GLU C 340 9.99 -2.32 37.76
CA GLU C 340 9.16 -1.28 38.37
C GLU C 340 9.68 -1.00 39.77
N LEU C 341 9.92 0.27 40.07
CA LEU C 341 10.54 0.70 41.31
C LEU C 341 9.59 1.59 42.10
N LYS C 342 9.91 1.79 43.37
CA LYS C 342 9.31 2.83 44.19
C LYS C 342 10.36 3.35 45.15
N ARG C 343 10.33 4.65 45.41
CA ARG C 343 11.41 5.33 46.12
C ARG C 343 11.16 5.25 47.63
N ILE C 344 12.06 4.57 48.34
CA ILE C 344 12.01 4.53 49.80
C ILE C 344 12.69 5.76 50.38
N SER C 345 13.91 6.05 49.94
CA SER C 345 14.68 7.17 50.46
C SER C 345 15.84 7.46 49.52
N GLY C 346 16.37 8.67 49.63
CA GLY C 346 17.50 9.09 48.83
C GLY C 346 17.09 9.68 47.49
N ARG C 347 17.50 10.92 47.24
CA ARG C 347 17.17 11.64 46.01
C ARG C 347 18.45 11.83 45.22
N GLY C 348 18.60 11.06 44.13
CA GLY C 348 19.77 11.18 43.30
C GLY C 348 19.65 12.29 42.27
N PHE C 349 20.77 12.57 41.60
CA PHE C 349 20.83 13.65 40.62
C PHE C 349 21.61 13.17 39.39
N LYS C 350 21.04 13.42 38.21
CA LYS C 350 21.62 12.98 36.96
C LYS C 350 22.75 13.92 36.53
N ASN C 351 23.82 13.34 36.00
CA ASN C 351 24.96 14.11 35.50
C ASN C 351 25.52 13.42 34.27
N ASP C 352 25.66 14.18 33.18
CA ASP C 352 26.13 13.63 31.92
C ASP C 352 27.65 13.46 31.96
N GLU C 353 28.10 12.23 31.74
CA GLU C 353 29.52 11.91 31.70
C GLU C 353 29.78 10.94 30.54
N GLU C 354 31.04 10.84 30.15
CA GLU C 354 31.46 9.95 29.08
C GLU C 354 32.15 8.73 29.69
N ILE C 355 31.50 7.58 29.61
CA ILE C 355 32.04 6.33 30.15
C ILE C 355 32.59 5.50 29.01
N LEU C 356 33.83 5.04 29.16
CA LEU C 356 34.47 4.14 28.21
C LEU C 356 34.05 2.72 28.57
N ILE C 357 32.99 2.24 27.93
CA ILE C 357 32.37 0.97 28.29
C ILE C 357 33.30 -0.19 27.91
N GLY C 358 32.88 -1.41 28.24
CA GLY C 358 33.79 -2.54 28.21
C GLY C 358 34.31 -2.88 26.82
N ASN C 359 33.44 -2.83 25.82
CA ASN C 359 33.84 -3.27 24.48
C ASN C 359 34.88 -2.35 23.86
N GLY C 360 35.01 -1.12 24.35
CA GLY C 360 36.03 -0.21 23.87
C GLY C 360 35.47 0.94 23.07
N THR C 361 34.50 1.66 23.62
CA THR C 361 33.88 2.79 22.95
C THR C 361 33.44 3.81 24.00
N ILE C 362 33.57 5.08 23.65
CA ILE C 362 33.15 6.18 24.53
C ILE C 362 31.65 6.37 24.40
N GLN C 363 30.95 6.47 25.52
CA GLN C 363 29.50 6.58 25.54
C GLN C 363 29.09 7.70 26.49
N LYS C 364 28.28 8.64 25.99
CA LYS C 364 27.74 9.71 26.81
C LYS C 364 26.52 9.18 27.56
N ILE C 365 26.65 9.04 28.88
CA ILE C 365 25.61 8.47 29.72
C ILE C 365 25.39 9.37 30.92
N GLY C 366 24.14 9.51 31.35
CA GLY C 366 23.80 10.30 32.51
C GLY C 366 23.87 9.50 33.79
N ILE C 367 24.89 9.75 34.60
CA ILE C 367 25.12 9.01 35.83
C ILE C 367 24.30 9.62 36.95
N TRP C 368 23.71 8.77 37.78
CA TRP C 368 22.92 9.20 38.94
C TRP C 368 23.82 9.27 40.16
N ASP C 369 24.13 10.49 40.61
CA ASP C 369 24.93 10.68 41.81
C ASP C 369 24.07 10.48 43.06
N GLY C 370 24.74 10.41 44.21
CA GLY C 370 24.06 10.35 45.48
C GLY C 370 23.50 8.96 45.79
N GLU C 371 23.29 8.73 47.08
CA GLU C 371 22.77 7.46 47.56
C GLU C 371 21.26 7.40 47.39
N GLU C 372 20.76 6.20 47.10
CA GLU C 372 19.33 6.00 46.87
C GLU C 372 18.94 4.62 47.36
N GLU C 373 17.66 4.47 47.73
CA GLU C 373 17.08 3.19 48.11
C GLU C 373 15.68 3.08 47.52
N PHE C 374 15.37 1.92 46.94
CA PHE C 374 14.12 1.70 46.24
C PHE C 374 13.50 0.37 46.66
N HIS C 375 12.17 0.31 46.57
CA HIS C 375 11.43 -0.94 46.69
C HIS C 375 11.15 -1.44 45.26
N VAL C 376 11.77 -2.55 44.90
CA VAL C 376 11.82 -2.99 43.51
C VAL C 376 10.86 -4.15 43.29
N ARG C 377 10.47 -4.33 42.03
CA ARG C 377 9.61 -5.45 41.64
C ARG C 377 9.71 -5.61 40.13
N CYS C 378 9.91 -6.85 39.68
CA CYS C 378 10.00 -7.18 38.26
C CYS C 378 9.12 -8.39 38.00
N GLY C 379 7.95 -8.16 37.42
CA GLY C 379 7.01 -9.24 37.16
C GLY C 379 6.45 -9.84 38.44
N GLU C 380 6.99 -10.98 38.83
CA GLU C 380 6.57 -11.66 40.06
C GLU C 380 7.56 -11.50 41.20
N CYS C 381 8.86 -11.32 40.89
CA CYS C 381 9.87 -11.21 41.92
C CYS C 381 9.90 -9.80 42.49
N ARG C 382 10.15 -9.71 43.80
CA ARG C 382 10.16 -8.46 44.54
C ARG C 382 11.47 -8.33 45.30
N GLY C 383 11.66 -7.18 45.93
CA GLY C 383 12.85 -6.97 46.74
C GLY C 383 13.03 -5.50 47.11
N ILE C 384 14.22 -5.22 47.65
CA ILE C 384 14.62 -3.88 48.03
C ILE C 384 16.01 -3.61 47.45
N LEU C 385 16.22 -2.40 46.95
CA LEU C 385 17.46 -2.02 46.28
C LEU C 385 18.14 -0.89 47.02
N LYS C 386 19.46 -0.98 47.15
CA LYS C 386 20.29 0.07 47.73
C LYS C 386 21.47 0.31 46.80
N LYS C 387 21.65 1.55 46.38
CA LYS C 387 22.69 1.89 45.42
C LYS C 387 23.30 3.24 45.77
N SER C 388 24.43 3.53 45.12
CA SER C 388 25.09 4.82 45.18
C SER C 388 25.58 5.15 43.78
N LYS C 389 26.41 6.20 43.68
CA LYS C 389 26.95 6.59 42.38
C LYS C 389 27.76 5.45 41.77
N MET C 390 27.15 4.74 40.82
CA MET C 390 27.82 3.64 40.11
C MET C 390 28.28 2.55 41.08
N LYS C 391 27.32 2.02 41.84
CA LYS C 391 27.63 0.91 42.74
C LYS C 391 26.36 0.27 43.29
N LEU C 392 26.31 -1.05 43.27
CA LEU C 392 25.26 -1.83 43.93
C LEU C 392 25.72 -2.10 45.36
N GLU C 393 25.15 -1.36 46.31
CA GLU C 393 25.51 -1.57 47.71
C GLU C 393 24.86 -2.83 48.27
N LYS C 394 23.55 -2.97 48.08
CA LYS C 394 22.84 -4.16 48.52
C LYS C 394 21.68 -4.43 47.56
N LEU C 395 21.18 -5.67 47.60
CA LEU C 395 20.05 -6.08 46.76
C LEU C 395 19.35 -7.23 47.48
N LEU C 396 18.40 -6.89 48.34
CA LEU C 396 17.66 -7.86 49.15
C LEU C 396 16.38 -8.23 48.40
N ILE C 397 16.39 -9.40 47.75
CA ILE C 397 15.28 -9.84 46.93
C ILE C 397 14.67 -11.11 47.54
N ASN C 398 13.55 -11.53 46.97
CA ASN C 398 12.85 -12.74 47.38
C ASN C 398 13.00 -13.82 46.32
N SER C 399 12.63 -15.04 46.69
CA SER C 399 12.70 -16.17 45.78
C SER C 399 11.45 -16.25 44.93
N ALA C 400 11.63 -16.50 43.64
CA ALA C 400 10.52 -16.55 42.69
C ALA C 400 10.96 -17.38 41.48
N LYS C 401 10.29 -17.18 40.34
CA LYS C 401 10.67 -17.88 39.12
C LYS C 401 12.06 -17.42 38.68
N LYS C 402 12.73 -18.30 37.92
CA LYS C 402 14.12 -18.06 37.57
C LYS C 402 14.28 -16.88 36.61
N GLU C 403 13.41 -16.78 35.60
CA GLU C 403 13.53 -15.66 34.67
C GLU C 403 13.20 -14.34 35.34
N ASP C 404 12.35 -14.34 36.36
CA ASP C 404 12.06 -13.12 37.10
C ASP C 404 13.19 -12.77 38.07
N MET C 405 13.77 -13.78 38.73
CA MET C 405 14.90 -13.51 39.62
C MET C 405 16.13 -13.08 38.83
N ARG C 406 16.35 -13.69 37.66
CA ARG C 406 17.49 -13.31 36.83
C ARG C 406 17.36 -11.87 36.32
N ASP C 407 16.21 -11.56 35.70
CA ASP C 407 16.03 -10.24 35.10
C ASP C 407 15.95 -9.14 36.15
N LEU C 408 15.44 -9.46 37.35
CA LEU C 408 15.44 -8.47 38.43
C LEU C 408 16.86 -8.10 38.82
N ILE C 409 17.75 -9.08 38.90
CA ILE C 409 19.14 -8.82 39.26
C ILE C 409 19.85 -8.09 38.11
N ILE C 410 19.54 -8.48 36.87
CA ILE C 410 20.13 -7.80 35.71
C ILE C 410 19.65 -6.36 35.64
N LEU C 411 18.32 -6.16 35.77
CA LEU C 411 17.77 -4.81 35.71
C LEU C 411 18.24 -3.96 36.89
N CYS C 412 18.50 -4.58 38.05
CA CYS C 412 19.07 -3.85 39.16
C CYS C 412 20.53 -3.52 38.91
N MET C 413 21.26 -4.42 38.23
CA MET C 413 22.66 -4.15 37.90
C MET C 413 22.77 -3.03 36.87
N VAL C 414 21.88 -3.02 35.88
CA VAL C 414 21.94 -1.98 34.86
C VAL C 414 21.41 -0.65 35.40
N PHE C 415 20.35 -0.69 36.20
CA PHE C 415 19.79 0.53 36.75
C PHE C 415 20.76 1.20 37.74
N SER C 416 21.57 0.40 38.43
CA SER C 416 22.54 0.95 39.37
C SER C 416 23.73 1.60 38.69
N GLN C 417 23.93 1.36 37.39
CA GLN C 417 25.00 1.99 36.63
C GLN C 417 26.37 1.62 37.20
N ASP C 418 26.52 0.36 37.62
CA ASP C 418 27.76 -0.10 38.23
C ASP C 418 28.88 -0.15 37.19
N THR C 419 30.11 0.08 37.66
CA THR C 419 31.27 -0.02 36.78
C THR C 419 31.56 -1.46 36.39
N ARG C 420 31.18 -2.42 37.23
CA ARG C 420 31.28 -3.83 36.86
C ARG C 420 30.32 -4.17 35.72
N MET C 421 29.20 -3.44 35.62
CA MET C 421 28.27 -3.63 34.53
C MET C 421 28.76 -2.94 33.25
N PHE C 422 29.21 -1.68 33.37
CA PHE C 422 29.71 -0.96 32.21
C PHE C 422 30.91 -1.66 31.59
N GLN C 423 31.80 -2.20 32.42
CA GLN C 423 32.99 -2.90 31.93
C GLN C 423 32.71 -4.39 31.77
N GLY C 424 31.62 -4.72 31.09
CA GLY C 424 31.28 -6.10 30.83
C GLY C 424 30.54 -6.25 29.51
N VAL C 425 30.84 -5.37 28.56
CA VAL C 425 30.18 -5.35 27.26
C VAL C 425 31.12 -5.94 26.23
N ARG C 426 30.57 -6.76 25.33
CA ARG C 426 31.34 -7.41 24.29
C ARG C 426 30.66 -7.18 22.95
N GLY C 427 31.48 -6.97 21.91
CA GLY C 427 30.96 -6.77 20.57
C GLY C 427 30.44 -5.36 20.35
N GLU C 428 29.14 -5.24 20.07
CA GLU C 428 28.51 -3.95 19.81
C GLU C 428 27.18 -3.90 20.55
N ILE C 429 26.78 -2.69 20.94
CA ILE C 429 25.53 -2.50 21.68
C ILE C 429 24.84 -1.23 21.22
N ASN C 430 24.98 -0.86 19.94
CA ASN C 430 24.29 0.29 19.39
C ASN C 430 23.32 -0.15 18.29
N PHE C 431 22.52 -1.17 18.57
CA PHE C 431 21.60 -1.72 17.59
C PHE C 431 20.26 -1.00 17.64
N LEU C 432 19.66 -0.83 16.47
CA LEU C 432 18.37 -0.17 16.33
C LEU C 432 17.24 -1.16 16.62
N ASN C 433 16.02 -0.64 16.73
CA ASN C 433 14.84 -1.48 16.86
C ASN C 433 14.35 -1.86 15.46
N ARG C 434 13.27 -2.65 15.41
CA ARG C 434 12.86 -3.24 14.13
C ARG C 434 12.45 -2.17 13.12
N ALA C 435 11.87 -1.06 13.58
CA ALA C 435 11.46 -0.01 12.66
C ALA C 435 12.66 0.75 12.10
N GLY C 436 13.71 0.90 12.89
CA GLY C 436 14.89 1.64 12.48
C GLY C 436 15.08 2.93 13.26
N GLN C 437 15.05 2.81 14.59
CA GLN C 437 15.20 3.96 15.48
C GLN C 437 16.25 3.65 16.54
N LEU C 438 17.13 4.60 16.78
CA LEU C 438 18.24 4.41 17.71
C LEU C 438 17.73 4.46 19.14
N LEU C 439 17.93 3.37 19.88
CA LEU C 439 17.52 3.31 21.28
C LEU C 439 18.49 4.11 22.15
N SER C 440 18.01 4.47 23.34
CA SER C 440 18.79 5.32 24.23
C SER C 440 19.91 4.53 24.92
N PRO C 441 20.94 5.22 25.40
CA PRO C 441 22.09 4.52 26.00
C PRO C 441 21.71 3.43 27.00
N MET C 442 20.88 3.75 27.99
CA MET C 442 20.60 2.79 29.05
C MET C 442 19.70 1.66 28.55
N TYR C 443 18.70 1.99 27.73
CA TYR C 443 17.83 0.94 27.20
C TYR C 443 18.57 0.03 26.23
N GLN C 444 19.60 0.53 25.56
CA GLN C 444 20.44 -0.33 24.75
C GLN C 444 21.17 -1.36 25.61
N LEU C 445 21.74 -0.91 26.74
CA LEU C 445 22.37 -1.84 27.67
C LEU C 445 21.36 -2.79 28.28
N GLN C 446 20.12 -2.33 28.48
CA GLN C 446 19.07 -3.21 28.98
C GLN C 446 18.75 -4.30 27.97
N ARG C 447 18.55 -3.92 26.71
CA ARG C 447 18.26 -4.90 25.67
C ARG C 447 19.42 -5.88 25.47
N TYR C 448 20.65 -5.43 25.72
CA TYR C 448 21.81 -6.29 25.50
C TYR C 448 22.02 -7.27 26.64
N PHE C 449 22.03 -6.77 27.88
CA PHE C 449 22.32 -7.62 29.02
C PHE C 449 21.15 -8.52 29.41
N LEU C 450 19.93 -8.19 28.97
CA LEU C 450 18.83 -9.14 29.14
C LEU C 450 19.07 -10.40 28.32
N ASN C 451 19.64 -10.25 27.13
CA ASN C 451 19.98 -11.40 26.30
C ASN C 451 21.31 -12.00 26.73
N ARG C 452 22.39 -11.24 26.59
CA ARG C 452 23.76 -11.72 26.86
C ARG C 452 24.14 -11.32 28.28
N SER C 453 23.76 -12.16 29.24
CA SER C 453 24.06 -11.92 30.65
C SER C 453 25.33 -12.62 31.13
N ASN C 454 25.89 -13.54 30.34
CA ASN C 454 27.05 -14.28 30.78
C ASN C 454 28.26 -13.39 30.99
N ASP C 455 28.36 -12.29 30.23
CA ASP C 455 29.44 -11.34 30.44
C ASP C 455 29.26 -10.55 31.73
N LEU C 456 28.01 -10.33 32.14
CA LEU C 456 27.74 -9.55 33.35
C LEU C 456 27.99 -10.37 34.61
N PHE C 457 27.51 -11.62 34.64
CA PHE C 457 27.66 -12.44 35.84
C PHE C 457 29.12 -12.77 36.11
N ASP C 458 29.92 -12.96 35.06
CA ASP C 458 31.33 -13.29 35.23
C ASP C 458 32.11 -12.06 35.71
N GLN C 459 31.88 -10.92 35.09
CA GLN C 459 32.58 -9.69 35.45
C GLN C 459 32.13 -9.13 36.80
N TRP C 460 31.05 -9.66 37.37
CA TRP C 460 30.52 -9.10 38.62
C TRP C 460 31.37 -9.51 39.82
N GLY C 461 31.65 -10.80 39.96
CA GLY C 461 32.37 -11.31 41.10
C GLY C 461 31.42 -11.90 42.15
N TYR C 462 31.99 -12.73 43.02
CA TYR C 462 31.23 -13.46 44.01
C TYR C 462 31.86 -13.29 45.38
N GLU C 463 31.09 -13.63 46.42
CA GLU C 463 31.56 -13.49 47.79
C GLU C 463 30.81 -14.50 48.67
N GLU C 464 31.03 -14.41 49.97
CA GLU C 464 30.42 -15.34 50.92
C GLU C 464 28.92 -15.06 51.04
N SER C 465 28.16 -16.13 51.28
CA SER C 465 26.74 -16.02 51.48
C SER C 465 26.41 -15.65 52.92
N PRO C 466 25.21 -15.09 53.15
CA PRO C 466 24.83 -14.75 54.53
C PRO C 466 24.49 -16.00 55.33
N LYS C 467 25.05 -16.09 56.54
CA LYS C 467 24.84 -17.24 57.40
C LYS C 467 23.72 -17.03 58.41
N ALA C 468 22.92 -15.99 58.25
CA ALA C 468 21.69 -15.86 59.02
C ALA C 468 20.65 -16.84 58.48
N SER C 469 19.77 -17.29 59.39
CA SER C 469 18.84 -18.36 59.03
C SER C 469 17.86 -17.92 57.95
N GLU C 470 17.36 -16.68 58.03
CA GLU C 470 16.37 -16.22 57.08
C GLU C 470 16.96 -15.82 55.73
N LEU C 471 18.28 -15.59 55.67
CA LEU C 471 18.93 -15.12 54.45
C LEU C 471 19.56 -16.29 53.70
N HIS C 472 19.71 -16.10 52.39
CA HIS C 472 20.34 -17.10 51.53
C HIS C 472 21.02 -16.39 50.37
N GLY C 473 21.89 -17.12 49.68
CA GLY C 473 22.58 -16.61 48.51
C GLY C 473 22.35 -17.47 47.29
N ILE C 474 22.65 -16.96 46.09
CA ILE C 474 22.41 -17.68 44.85
C ILE C 474 23.55 -17.41 43.88
N ASN C 475 23.66 -18.28 42.87
CA ASN C 475 24.73 -18.24 41.89
C ASN C 475 24.18 -17.82 40.52
N GLU C 476 24.96 -18.07 39.47
CA GLU C 476 24.63 -17.56 38.14
C GLU C 476 23.34 -18.17 37.60
N SER C 477 23.08 -19.45 37.90
CA SER C 477 21.95 -20.16 37.35
C SER C 477 20.70 -20.08 38.23
N MET C 478 20.64 -19.09 39.12
CA MET C 478 19.46 -18.90 39.98
C MET C 478 19.19 -20.14 40.84
N ASN C 479 20.22 -20.57 41.56
CA ASN C 479 20.10 -21.67 42.51
C ASN C 479 20.85 -21.30 43.79
N ALA C 480 20.42 -21.89 44.90
CA ALA C 480 21.05 -21.61 46.18
C ALA C 480 22.49 -22.09 46.18
N SER C 481 23.39 -21.27 46.74
CA SER C 481 24.80 -21.56 46.71
C SER C 481 25.48 -20.84 47.87
N ASP C 482 26.66 -21.35 48.24
CA ASP C 482 27.48 -20.73 49.28
C ASP C 482 28.21 -19.49 48.76
N TYR C 483 28.55 -19.47 47.47
CA TYR C 483 29.25 -18.34 46.85
C TYR C 483 28.21 -17.51 46.11
N THR C 484 27.68 -16.49 46.79
CA THR C 484 26.68 -15.61 46.20
C THR C 484 27.34 -14.52 45.37
N LEU C 485 26.52 -13.81 44.60
CA LEU C 485 27.01 -12.68 43.83
C LEU C 485 27.31 -11.51 44.75
N LYS C 486 28.33 -10.72 44.39
CA LYS C 486 28.80 -9.64 45.22
C LYS C 486 27.73 -8.57 45.41
N GLY C 487 27.12 -8.54 46.60
CA GLY C 487 26.09 -7.59 46.90
C GLY C 487 24.67 -8.12 46.81
N VAL C 488 24.50 -9.39 46.43
CA VAL C 488 23.18 -9.98 46.23
C VAL C 488 22.83 -10.85 47.43
N VAL C 489 21.58 -10.76 47.87
CA VAL C 489 21.09 -11.54 49.01
C VAL C 489 19.65 -11.92 48.75
N VAL C 490 19.31 -13.18 48.97
CA VAL C 490 17.95 -13.69 48.82
C VAL C 490 17.41 -14.00 50.21
N THR C 491 16.49 -13.18 50.69
CA THR C 491 15.92 -13.32 52.01
C THR C 491 14.58 -14.06 51.93
N ARG C 492 14.28 -14.83 52.98
CA ARG C 492 13.03 -15.58 53.02
C ARG C 492 11.83 -14.70 53.35
N ASN C 493 12.03 -13.63 54.11
CA ASN C 493 10.94 -12.71 54.40
C ASN C 493 10.64 -11.84 53.19
N VAL C 494 9.36 -11.58 52.95
CA VAL C 494 8.93 -10.77 51.82
C VAL C 494 9.20 -9.30 52.10
N LYS C 505 4.66 14.53 56.06
CA LYS C 505 3.79 15.14 55.06
C LYS C 505 4.60 15.93 54.05
N VAL C 506 3.95 16.34 52.96
CA VAL C 506 4.60 17.05 51.87
C VAL C 506 3.76 18.26 51.49
N SER C 507 4.42 19.30 50.99
CA SER C 507 3.76 20.51 50.52
C SER C 507 4.40 20.94 49.20
N ILE C 508 3.78 21.92 48.55
CA ILE C 508 4.17 22.33 47.20
C ILE C 508 4.39 23.83 47.18
N THR C 509 5.33 24.25 46.35
CA THR C 509 5.74 25.65 46.25
C THR C 509 4.89 26.38 45.21
N LYS C 510 5.00 27.71 45.23
CA LYS C 510 4.43 28.53 44.16
C LYS C 510 4.96 28.10 42.80
N ASN C 511 6.24 27.76 42.72
CA ASN C 511 6.87 27.34 41.46
C ASN C 511 6.95 25.83 41.33
N LEU C 512 5.98 25.11 41.88
CA LEU C 512 5.73 23.71 41.56
C LEU C 512 6.92 22.81 41.89
N SER C 513 7.57 23.07 43.01
CA SER C 513 8.56 22.17 43.59
C SER C 513 8.05 21.70 44.94
N LEU C 514 8.15 20.40 45.19
CA LEU C 514 7.61 19.82 46.41
C LEU C 514 8.65 19.90 47.52
N ILE C 515 8.24 20.42 48.67
CA ILE C 515 9.10 20.58 49.84
C ILE C 515 8.62 19.59 50.91
N LYS C 516 9.57 19.12 51.71
CA LYS C 516 9.26 18.26 52.84
C LYS C 516 9.42 19.05 54.14
N ARG C 517 8.86 18.48 55.22
CA ARG C 517 8.81 19.19 56.49
C ARG C 517 10.18 19.65 56.95
N THR C 518 11.24 18.93 56.60
CA THR C 518 12.59 19.27 57.02
C THR C 518 13.27 20.28 56.10
N GLY C 519 12.54 20.87 55.16
CA GLY C 519 13.08 21.89 54.28
C GLY C 519 13.57 21.37 52.95
N GLU C 520 13.94 20.10 52.86
CA GLU C 520 14.46 19.57 51.61
C GLU C 520 13.37 19.55 50.53
N VAL C 521 13.82 19.56 49.28
CA VAL C 521 12.93 19.50 48.13
C VAL C 521 13.13 18.15 47.44
N ILE C 522 12.03 17.48 47.13
CA ILE C 522 12.08 16.14 46.59
C ILE C 522 11.68 16.07 45.12
N MET C 523 10.76 16.92 44.67
CA MET C 523 10.36 16.98 43.26
C MET C 523 10.77 18.33 42.69
N GLY C 524 11.38 18.30 41.50
CA GLY C 524 11.77 19.52 40.81
C GLY C 524 10.80 19.84 39.69
N ALA C 525 10.34 21.09 39.67
CA ALA C 525 9.56 21.57 38.53
C ALA C 525 10.37 21.47 37.25
N ASN C 526 11.67 21.73 37.34
CA ASN C 526 12.60 21.55 36.23
C ASN C 526 13.14 20.14 36.14
N ASP C 527 12.31 19.15 36.51
CA ASP C 527 12.72 17.75 36.50
C ASP C 527 11.81 16.87 35.66
N VAL C 528 10.70 17.41 35.15
CA VAL C 528 9.83 16.66 34.24
C VAL C 528 10.48 16.60 32.85
N SER C 529 10.02 15.65 32.05
CA SER C 529 10.58 15.45 30.72
C SER C 529 10.00 16.44 29.72
N GLU C 530 10.87 16.95 28.85
CA GLU C 530 10.43 17.87 27.80
C GLU C 530 9.77 17.15 26.63
N LEU C 531 9.96 15.84 26.52
CA LEU C 531 9.41 15.07 25.40
C LEU C 531 7.89 15.15 25.39
N GLU C 532 7.34 15.80 24.36
CA GLU C 532 5.90 16.02 24.25
C GLU C 532 5.33 14.96 23.30
N SER C 533 5.01 13.80 23.86
CA SER C 533 4.47 12.69 23.09
C SER C 533 2.95 12.74 23.05
N GLN C 534 2.37 11.84 22.26
CA GLN C 534 0.92 11.75 22.12
C GLN C 534 0.33 10.92 23.25
N ALA C 535 -0.87 11.30 23.69
CA ALA C 535 -1.58 10.54 24.71
C ALA C 535 -2.17 9.28 24.11
N GLN C 536 -2.75 8.44 24.97
CA GLN C 536 -3.41 7.22 24.53
C GLN C 536 -4.93 7.36 24.50
N LEU C 537 -5.52 8.08 25.45
CA LEU C 537 -6.95 8.34 25.48
C LEU C 537 -7.22 9.80 25.17
N MET C 538 -8.51 10.15 25.12
CA MET C 538 -8.94 11.50 24.75
C MET C 538 -8.60 12.47 25.86
N ILE C 539 -7.62 13.34 25.61
CA ILE C 539 -7.27 14.40 26.56
C ILE C 539 -8.23 15.57 26.34
N THR C 540 -8.82 16.06 27.43
CA THR C 540 -9.82 17.13 27.35
C THR C 540 -9.62 18.10 28.50
N TYR C 541 -10.02 19.36 28.27
CA TYR C 541 -9.89 20.45 29.24
C TYR C 541 -11.24 21.15 29.36
N ASP C 542 -12.03 20.79 30.37
CA ASP C 542 -13.39 21.31 30.53
C ASP C 542 -13.33 22.74 31.08
N THR C 543 -12.80 23.63 30.26
CA THR C 543 -12.58 25.01 30.66
C THR C 543 -12.74 25.91 29.45
N PRO C 544 -12.83 27.22 29.67
CA PRO C 544 -12.55 28.16 28.57
C PRO C 544 -11.06 28.16 28.27
N LYS C 545 -10.73 28.46 27.02
CA LYS C 545 -9.35 28.47 26.53
C LYS C 545 -8.70 27.09 26.73
N MET C 546 -9.14 26.16 25.87
CA MET C 546 -8.44 24.88 25.78
C MET C 546 -7.11 25.04 25.07
N TRP C 547 -7.08 25.82 23.99
CA TRP C 547 -5.92 26.01 23.14
C TRP C 547 -4.64 26.22 23.93
N GLU C 548 -4.75 26.84 25.11
CA GLU C 548 -3.57 27.13 25.91
C GLU C 548 -2.72 25.87 26.13
N MET C 549 -3.37 24.73 26.32
CA MET C 549 -2.67 23.44 26.39
C MET C 549 -2.69 22.78 25.01
N GLY C 550 -1.98 23.39 24.08
CA GLY C 550 -1.95 22.95 22.70
C GLY C 550 -0.53 22.80 22.18
N THR C 551 -0.44 22.31 20.95
CA THR C 551 0.83 22.16 20.27
C THR C 551 1.31 23.52 19.76
N THR C 552 2.58 23.56 19.37
CA THR C 552 3.19 24.80 18.86
C THR C 552 2.28 25.49 17.85
N LYS C 553 2.04 24.84 16.72
CA LYS C 553 1.32 25.50 15.64
C LYS C 553 -0.12 25.81 16.03
N GLU C 554 -0.74 24.99 16.88
CA GLU C 554 -2.06 25.33 17.38
C GLU C 554 -2.04 26.66 18.13
N LEU C 555 -1.05 26.82 19.01
CA LEU C 555 -0.95 28.06 19.78
C LEU C 555 -0.48 29.22 18.91
N VAL C 556 0.45 28.97 17.99
CA VAL C 556 0.90 30.02 17.06
C VAL C 556 -0.28 30.56 16.28
N GLN C 557 -1.08 29.66 15.70
CA GLN C 557 -2.18 30.08 14.86
C GLN C 557 -3.27 30.77 15.67
N ASN C 558 -3.64 30.21 16.82
CA ASN C 558 -4.64 30.85 17.67
C ASN C 558 -4.17 32.21 18.13
N THR C 559 -2.93 32.30 18.61
CA THR C 559 -2.40 33.57 19.11
C THR C 559 -2.52 34.68 18.07
N TYR C 560 -1.99 34.43 16.86
CA TYR C 560 -2.07 35.43 15.80
C TYR C 560 -3.52 35.72 15.42
N GLN C 561 -4.42 34.75 15.59
CA GLN C 561 -5.83 35.02 15.35
C GLN C 561 -6.40 35.95 16.41
N TRP C 562 -6.00 35.76 17.68
CA TRP C 562 -6.41 36.67 18.73
C TRP C 562 -5.85 38.07 18.50
N VAL C 563 -4.68 38.16 17.86
CA VAL C 563 -4.12 39.46 17.50
C VAL C 563 -4.95 40.10 16.40
N LEU C 564 -5.12 39.39 15.28
CA LEU C 564 -5.91 39.93 14.17
C LEU C 564 -7.31 40.28 14.63
N LYS C 565 -7.91 39.46 15.49
CA LYS C 565 -9.27 39.72 15.94
C LYS C 565 -9.38 41.05 16.68
N ASN C 566 -8.34 41.45 17.40
CA ASN C 566 -8.33 42.71 18.15
C ASN C 566 -7.28 43.67 17.61
N LEU C 567 -6.98 43.59 16.31
CA LEU C 567 -6.01 44.52 15.71
C LEU C 567 -6.52 45.95 15.69
N VAL C 568 -7.84 46.15 15.73
CA VAL C 568 -8.40 47.51 15.74
C VAL C 568 -7.91 48.26 16.97
N THR C 569 -8.17 47.72 18.16
CA THR C 569 -7.81 48.40 19.40
C THR C 569 -6.32 48.29 19.70
N LEU C 570 -5.68 47.17 19.37
CA LEU C 570 -4.26 47.00 19.68
C LEU C 570 -3.39 47.95 18.88
N LYS C 571 -3.75 48.19 17.61
CA LYS C 571 -2.99 49.15 16.81
C LYS C 571 -3.28 50.58 17.25
N ALA C 572 -4.51 50.85 17.71
CA ALA C 572 -4.85 52.18 18.20
C ALA C 572 -4.19 52.44 19.56
N GLN C 573 -4.32 51.50 20.48
CA GLN C 573 -3.74 51.67 21.81
C GLN C 573 -2.22 51.68 21.80
N PHE C 574 -1.59 51.26 20.70
CA PHE C 574 -0.13 51.30 20.62
C PHE C 574 0.41 52.70 20.40
N LEU C 575 -0.40 53.61 19.86
CA LEU C 575 -0.02 55.01 19.78
C LEU C 575 -0.19 55.73 21.11
N LEU C 576 -1.00 55.17 22.02
CA LEU C 576 -1.23 55.79 23.32
C LEU C 576 -0.53 55.02 24.44
N GLY C 577 -1.14 53.94 24.91
CA GLY C 577 -0.57 53.15 25.98
C GLY C 577 0.80 52.59 25.65
N LYS C 578 1.83 53.10 26.33
CA LYS C 578 3.21 52.73 26.04
C LYS C 578 3.40 51.22 26.08
N GLU C 579 3.54 50.66 27.29
CA GLU C 579 3.71 49.22 27.47
C GLU C 579 2.44 48.59 28.02
N ASP C 580 1.29 49.08 27.57
CA ASP C 580 0.01 48.57 28.06
C ASP C 580 -0.34 47.24 27.41
N MET C 581 0.02 47.07 26.14
CA MET C 581 -0.43 45.91 25.37
C MET C 581 0.49 44.71 25.58
N PHE C 582 1.80 44.94 25.64
CA PHE C 582 2.79 43.87 25.59
C PHE C 582 2.44 42.69 26.49
N GLN C 583 1.69 42.93 27.57
CA GLN C 583 1.25 41.88 28.47
C GLN C 583 -0.27 41.74 28.38
N TRP C 584 -0.73 40.69 27.70
CA TRP C 584 -2.14 40.37 27.58
C TRP C 584 -2.35 38.94 28.05
N ASP C 585 -3.59 38.64 28.41
CA ASP C 585 -3.93 37.28 28.85
C ASP C 585 -3.54 36.24 27.81
N ALA C 586 -3.70 36.58 26.52
CA ALA C 586 -3.57 35.58 25.47
C ALA C 586 -2.12 35.19 25.22
N PHE C 587 -1.17 36.08 25.48
CA PHE C 587 0.21 35.84 25.07
C PHE C 587 0.96 34.90 26.01
N GLU C 588 0.45 34.68 27.23
CA GLU C 588 1.09 33.70 28.10
C GLU C 588 1.17 32.33 27.45
N ALA C 589 0.10 31.93 26.76
CA ALA C 589 0.10 30.65 26.06
C ALA C 589 1.20 30.62 25.00
N PHE C 590 1.37 31.72 24.26
CA PHE C 590 2.40 31.76 23.24
C PHE C 590 3.79 31.64 23.83
N GLU C 591 3.99 32.19 25.04
CA GLU C 591 5.32 32.14 25.66
C GLU C 591 5.69 30.72 26.09
N SER C 592 4.70 29.91 26.49
CA SER C 592 4.99 28.53 26.86
C SER C 592 5.57 27.74 25.70
N ILE C 593 5.42 28.24 24.47
CA ILE C 593 6.09 27.62 23.33
C ILE C 593 7.58 27.94 23.36
N ILE C 594 7.92 29.19 23.65
CA ILE C 594 9.26 29.70 23.34
C ILE C 594 10.27 29.04 24.27
N PRO C 595 11.48 28.72 23.79
CA PRO C 595 12.54 28.29 24.70
C PRO C 595 12.80 29.36 25.76
N GLN C 596 12.74 28.95 27.03
CA GLN C 596 12.91 29.91 28.12
C GLN C 596 14.26 30.60 28.08
N LYS C 597 15.26 29.99 27.46
CA LYS C 597 16.58 30.60 27.36
C LYS C 597 16.65 31.72 26.33
N MET C 598 15.58 31.95 25.57
CA MET C 598 15.55 33.02 24.57
C MET C 598 14.34 33.92 24.71
N ALA C 599 13.44 33.64 25.66
CA ALA C 599 12.19 34.39 25.74
C ALA C 599 12.45 35.87 25.97
N GLY C 600 13.31 36.19 26.95
CA GLY C 600 13.61 37.59 27.21
C GLY C 600 14.38 38.24 26.07
N GLN C 601 15.30 37.50 25.46
CA GLN C 601 16.06 38.06 24.36
C GLN C 601 15.14 38.46 23.20
N TYR C 602 14.17 37.59 22.86
CA TYR C 602 13.22 37.93 21.82
C TYR C 602 12.36 39.12 22.22
N SER C 603 11.88 39.13 23.46
CA SER C 603 10.97 40.19 23.91
C SER C 603 11.65 41.55 23.86
N GLY C 604 12.86 41.65 24.42
CA GLY C 604 13.59 42.91 24.36
C GLY C 604 13.84 43.37 22.94
N PHE C 605 14.07 42.42 22.03
CA PHE C 605 14.26 42.76 20.62
C PHE C 605 12.93 43.16 19.98
N ALA C 606 11.89 42.37 20.20
CA ALA C 606 10.60 42.64 19.58
C ALA C 606 10.01 43.95 20.10
N ARG C 607 10.15 44.22 21.39
CA ARG C 607 9.66 45.48 21.95
C ARG C 607 10.40 46.67 21.34
N ALA C 608 11.70 46.53 21.12
CA ALA C 608 12.50 47.63 20.60
C ALA C 608 12.19 47.90 19.13
N VAL C 609 12.00 46.85 18.34
CA VAL C 609 11.62 47.03 16.95
C VAL C 609 10.21 47.61 16.86
N LEU C 610 9.31 47.15 17.71
CA LEU C 610 7.97 47.75 17.77
C LEU C 610 8.04 49.20 18.22
N LYS C 611 8.88 49.50 19.21
CA LYS C 611 9.00 50.87 19.70
C LYS C 611 9.61 51.78 18.64
N GLN C 612 10.41 51.22 17.72
CA GLN C 612 10.87 51.99 16.57
C GLN C 612 9.69 52.46 15.73
N MET C 613 8.81 51.54 15.37
CA MET C 613 7.66 51.89 14.53
C MET C 613 6.71 52.85 15.25
N ARG C 614 6.67 52.77 16.59
CA ARG C 614 5.88 53.73 17.37
C ARG C 614 6.49 55.12 17.28
N ASP C 615 7.65 55.29 17.92
CA ASP C 615 8.21 56.61 18.14
C ASP C 615 8.66 57.26 16.85
N GLN C 616 9.04 56.47 15.86
CA GLN C 616 9.37 56.99 14.53
C GLN C 616 8.17 56.83 13.61
N GLU C 617 8.29 57.44 12.43
CA GLU C 617 7.19 57.47 11.46
C GLU C 617 7.34 56.35 10.43
N VAL C 618 7.52 55.12 10.90
CA VAL C 618 7.69 53.98 10.01
C VAL C 618 6.94 52.77 10.58
N MET C 619 5.66 52.64 10.25
CA MET C 619 4.83 51.56 10.75
C MET C 619 4.72 50.46 9.69
N LYS C 620 4.60 49.22 10.18
CA LYS C 620 4.40 48.05 9.32
C LYS C 620 3.44 47.12 10.05
N THR C 621 2.18 47.09 9.62
CA THR C 621 1.16 46.35 10.34
C THR C 621 1.41 44.84 10.29
N ASP C 622 1.92 44.35 9.16
CA ASP C 622 2.23 42.92 9.06
C ASP C 622 3.32 42.51 10.05
N GLN C 623 4.27 43.42 10.32
CA GLN C 623 5.31 43.14 11.31
C GLN C 623 4.81 43.33 12.73
N PHE C 624 4.02 44.39 12.95
CA PHE C 624 3.41 44.61 14.26
C PHE C 624 2.65 43.36 14.72
N ILE C 625 1.89 42.74 13.81
CA ILE C 625 1.16 41.53 14.15
C ILE C 625 2.12 40.38 14.40
N LYS C 626 3.27 40.38 13.73
CA LYS C 626 4.19 39.25 13.83
C LYS C 626 4.91 39.23 15.17
N LEU C 627 5.36 40.39 15.64
CA LEU C 627 6.23 40.47 16.81
C LEU C 627 5.48 40.74 18.11
N LEU C 628 4.26 41.25 18.04
CA LEU C 628 3.54 41.60 19.27
C LEU C 628 3.40 40.45 20.25
N PRO C 629 3.23 39.19 19.83
CA PRO C 629 3.16 38.10 20.81
C PRO C 629 4.47 37.83 21.53
N PHE C 630 5.61 38.07 20.88
CA PHE C 630 6.91 37.78 21.48
C PHE C 630 7.26 38.73 22.63
N CYS C 631 6.46 39.76 22.87
CA CYS C 631 6.83 40.82 23.80
C CYS C 631 6.24 40.64 25.20
N PHE C 632 5.66 39.47 25.49
CA PHE C 632 5.08 39.26 26.81
C PHE C 632 6.16 39.05 27.87
N SER C 633 7.04 38.07 27.64
CA SER C 633 8.02 37.70 28.66
C SER C 633 8.88 38.91 29.02
N PRO C 634 9.17 39.12 30.31
CA PRO C 634 10.05 40.24 30.70
C PRO C 634 11.33 40.26 29.88
N PRO C 635 11.66 41.40 29.27
CA PRO C 635 12.74 41.42 28.28
C PRO C 635 14.11 41.27 28.90
N LYS C 636 15.11 41.08 28.02
CA LYS C 636 16.50 40.93 28.43
C LYS C 636 17.35 41.57 27.35
N LEU C 637 17.94 42.73 27.66
CA LEU C 637 18.84 43.40 26.73
C LEU C 637 20.27 42.92 26.94
N ARG C 638 21.19 43.45 26.14
CA ARG C 638 22.59 43.14 26.30
C ARG C 638 23.21 44.03 27.38
N SER C 639 24.49 43.77 27.67
CA SER C 639 25.22 44.64 28.59
C SER C 639 25.16 46.09 28.14
N ASN C 640 25.20 46.32 26.82
CA ASN C 640 25.23 47.69 26.31
C ASN C 640 23.90 48.40 26.50
N GLY C 641 22.80 47.66 26.59
CA GLY C 641 21.47 48.21 26.56
C GLY C 641 20.72 47.95 25.27
N GLU C 642 21.45 47.62 24.20
CA GLU C 642 20.83 47.23 22.95
C GLU C 642 20.34 45.79 23.04
N PRO C 643 19.25 45.44 22.36
CA PRO C 643 18.72 44.08 22.44
C PRO C 643 19.50 43.12 21.55
N TYR C 644 19.14 41.84 21.65
CA TYR C 644 19.74 40.80 20.82
C TYR C 644 19.10 40.83 19.44
N GLN C 645 19.90 41.00 18.40
CA GLN C 645 19.38 40.98 17.04
C GLN C 645 19.20 39.54 16.57
N PHE C 646 18.25 39.34 15.66
CA PHE C 646 17.87 38.00 15.24
C PHE C 646 17.51 37.97 13.76
N LEU C 647 17.79 36.83 13.13
CA LEU C 647 17.27 36.50 11.82
C LEU C 647 15.92 35.78 11.91
N LYS C 648 15.84 34.79 12.80
CA LYS C 648 14.62 34.01 12.98
C LYS C 648 14.44 33.68 14.45
N LEU C 649 13.19 33.69 14.91
CA LEU C 649 12.83 33.43 16.30
C LEU C 649 12.33 31.99 16.39
N VAL C 650 13.19 31.10 16.83
CA VAL C 650 12.89 29.67 16.84
C VAL C 650 11.89 29.35 17.94
N LEU C 651 11.15 28.26 17.76
CA LEU C 651 10.17 27.79 18.72
C LEU C 651 10.38 26.30 18.99
N LYS C 652 9.73 25.81 20.03
CA LYS C 652 9.96 24.45 20.49
C LYS C 652 9.35 23.43 19.53
N GLY C 653 10.10 22.36 19.27
CA GLY C 653 9.60 21.25 18.49
C GLY C 653 9.71 21.45 16.98
N GLY C 654 10.53 20.62 16.33
CA GLY C 654 10.62 20.62 14.88
C GLY C 654 11.39 21.79 14.32
N GLY C 655 12.24 21.51 13.32
CA GLY C 655 12.99 22.56 12.67
C GLY C 655 12.16 23.53 11.87
N GLU C 656 10.89 23.20 11.61
CA GLU C 656 10.03 24.06 10.79
C GLU C 656 9.66 25.33 11.55
N ASN C 657 9.42 25.21 12.86
CA ASN C 657 8.73 26.23 13.63
C ASN C 657 9.68 27.37 13.93
N PHE C 658 9.61 28.43 13.11
CA PHE C 658 10.33 29.65 13.40
C PHE C 658 9.73 30.79 12.61
N ILE C 659 9.82 32.00 13.17
CA ILE C 659 9.32 33.22 12.56
C ILE C 659 10.52 34.00 12.07
N GLU C 660 10.65 34.12 10.75
CA GLU C 660 11.73 34.92 10.19
C GLU C 660 11.41 36.41 10.31
N VAL C 661 12.46 37.21 10.50
CA VAL C 661 12.28 38.64 10.71
C VAL C 661 12.16 39.36 9.38
N ARG C 662 13.03 39.03 8.43
CA ARG C 662 13.07 39.71 7.14
C ARG C 662 12.24 38.97 6.08
N LYS C 663 12.35 37.65 6.04
CA LYS C 663 11.67 36.81 5.06
C LYS C 663 10.38 36.24 5.67
N GLY C 664 9.58 35.62 4.82
CA GLY C 664 8.51 34.77 5.29
C GLY C 664 9.05 33.46 5.84
N SER C 665 8.15 32.64 6.39
CA SER C 665 8.58 31.44 7.08
C SER C 665 7.44 30.44 7.12
N PRO C 666 7.73 29.16 7.28
CA PRO C 666 6.67 28.14 7.36
C PRO C 666 5.51 28.50 8.28
N LEU C 667 5.75 29.27 9.35
CA LEU C 667 4.66 29.63 10.26
C LEU C 667 3.99 30.95 9.88
N PHE C 668 4.75 31.86 9.27
CA PHE C 668 4.28 33.23 9.10
C PHE C 668 4.88 33.82 7.83
N SER C 669 4.03 34.30 6.94
CA SER C 669 4.48 35.02 5.75
C SER C 669 3.39 35.99 5.35
N TYR C 670 3.76 36.98 4.54
CA TYR C 670 2.84 38.03 4.12
C TYR C 670 2.97 38.25 2.62
N ASN C 671 1.83 38.34 1.93
CA ASN C 671 1.78 38.56 0.49
C ASN C 671 1.25 39.97 0.23
N PRO C 672 2.11 40.95 -0.05
CA PRO C 672 1.64 42.33 -0.17
C PRO C 672 0.91 42.65 -1.46
N GLN C 673 0.99 41.78 -2.48
CA GLN C 673 0.22 42.00 -3.70
C GLN C 673 -1.27 41.93 -3.41
N THR C 674 -1.71 40.85 -2.77
CA THR C 674 -3.10 40.66 -2.38
C THR C 674 -3.39 41.11 -0.97
N GLU C 675 -2.37 41.54 -0.21
CA GLU C 675 -2.53 41.91 1.20
C GLU C 675 -3.13 40.74 1.98
N VAL C 676 -2.48 39.58 1.86
CA VAL C 676 -2.96 38.33 2.45
C VAL C 676 -1.88 37.81 3.39
N LEU C 677 -2.29 37.45 4.61
CA LEU C 677 -1.39 36.93 5.62
C LEU C 677 -1.61 35.43 5.74
N THR C 678 -0.50 34.67 5.74
CA THR C 678 -0.55 33.22 5.84
C THR C 678 -0.04 32.81 7.21
N ILE C 679 -0.92 32.19 8.01
CA ILE C 679 -0.60 31.78 9.37
C ILE C 679 -0.74 30.27 9.41
N CYS C 680 0.39 29.56 9.29
CA CYS C 680 0.39 28.10 9.34
C CYS C 680 -0.54 27.52 8.27
N GLY C 681 -0.50 28.09 7.08
CA GLY C 681 -1.30 27.59 5.98
C GLY C 681 -2.59 28.36 5.75
N ARG C 682 -3.28 28.72 6.82
CA ARG C 682 -4.58 29.38 6.69
C ARG C 682 -4.41 30.80 6.20
N MET C 683 -5.33 31.23 5.35
CA MET C 683 -5.25 32.55 4.72
C MET C 683 -6.06 33.58 5.52
N MET C 684 -5.48 34.76 5.68
CA MET C 684 -6.16 35.90 6.29
C MET C 684 -5.93 37.12 5.44
N SER C 685 -6.90 38.03 5.44
CA SER C 685 -6.86 39.23 4.62
C SER C 685 -6.61 40.45 5.48
N LEU C 686 -5.62 41.25 5.11
CA LEU C 686 -5.34 42.52 5.77
C LEU C 686 -5.89 43.72 5.01
N LYS C 687 -6.52 43.49 3.86
CA LYS C 687 -7.02 44.61 3.07
C LYS C 687 -8.02 45.41 3.89
N GLY C 688 -7.88 46.73 3.84
CA GLY C 688 -8.69 47.61 4.67
C GLY C 688 -8.12 47.88 6.04
N LYS C 689 -6.92 47.38 6.33
CA LYS C 689 -6.27 47.58 7.64
C LYS C 689 -4.79 47.85 7.43
N ILE C 690 -4.45 48.66 6.43
CA ILE C 690 -3.08 48.99 6.08
C ILE C 690 -3.01 50.47 5.75
N GLU C 691 -1.90 51.11 6.10
CA GLU C 691 -1.73 52.53 5.86
C GLU C 691 -1.28 52.80 4.43
N ASP C 692 -1.48 54.04 3.99
CA ASP C 692 -1.25 54.38 2.59
C ASP C 692 0.23 54.44 2.25
N GLU C 693 1.08 54.84 3.20
CA GLU C 693 2.50 55.04 2.94
C GLU C 693 3.32 53.75 2.96
N GLU C 694 2.67 52.59 3.06
CA GLU C 694 3.39 51.33 3.14
C GLU C 694 3.69 50.72 1.78
N ARG C 695 3.53 51.49 0.69
CA ARG C 695 3.84 51.00 -0.64
C ARG C 695 5.33 50.77 -0.79
N ASN C 696 6.10 51.85 -0.87
CA ASN C 696 7.55 51.76 -1.02
C ASN C 696 8.24 52.03 0.32
N ARG C 697 7.78 51.33 1.36
CA ARG C 697 8.32 51.46 2.71
C ARG C 697 9.17 50.22 2.97
N SER C 698 10.49 50.38 2.88
CA SER C 698 11.39 49.24 3.01
C SER C 698 11.23 48.58 4.38
N MET C 699 11.69 47.33 4.47
CA MET C 699 11.54 46.58 5.70
C MET C 699 12.72 46.74 6.65
N GLY C 700 13.85 47.25 6.16
CA GLY C 700 15.00 47.46 7.01
C GLY C 700 14.67 48.30 8.23
N ASN C 701 13.60 49.09 8.16
CA ASN C 701 13.18 49.95 9.25
C ASN C 701 12.32 49.23 10.29
N ALA C 702 12.32 47.89 10.29
CA ALA C 702 11.68 47.12 11.35
C ALA C 702 12.27 45.72 11.38
N VAL C 703 13.57 45.62 11.09
CA VAL C 703 14.29 44.35 11.11
C VAL C 703 15.28 44.30 12.26
N LEU C 704 16.11 45.33 12.39
CA LEU C 704 17.02 45.48 13.52
C LEU C 704 16.54 46.63 14.39
N ALA C 705 16.58 46.44 15.70
CA ALA C 705 16.23 47.50 16.63
C ALA C 705 17.29 48.59 16.59
N GLY C 706 16.85 49.84 16.49
CA GLY C 706 17.78 50.96 16.41
C GLY C 706 18.49 51.08 15.08
N PHE C 707 17.79 50.79 13.98
CA PHE C 707 18.38 50.86 12.65
C PHE C 707 17.37 51.47 11.69
N LEU C 708 17.90 52.14 10.65
CA LEU C 708 17.07 52.76 9.64
C LEU C 708 17.77 52.65 8.29
N VAL C 709 16.98 52.66 7.23
CA VAL C 709 17.49 52.61 5.87
C VAL C 709 17.83 54.02 5.41
N SER C 710 19.07 54.23 4.99
CA SER C 710 19.50 55.52 4.47
C SER C 710 19.35 55.57 2.95
N GLY C 711 20.06 54.69 2.24
CA GLY C 711 19.96 54.61 0.79
C GLY C 711 19.76 53.18 0.34
N LYS C 712 20.52 52.74 -0.65
CA LYS C 712 20.44 51.38 -1.15
C LYS C 712 21.84 50.84 -1.36
N TYR C 713 21.93 49.51 -1.44
CA TYR C 713 23.20 48.78 -1.45
C TYR C 713 24.34 49.53 -2.11
N ASP C 714 25.36 49.90 -1.32
CA ASP C 714 26.55 50.56 -1.84
C ASP C 714 27.69 49.57 -1.88
N PRO C 715 28.22 49.19 -3.05
CA PRO C 715 29.32 48.21 -3.08
C PRO C 715 30.51 48.59 -2.22
N ASP C 716 30.76 49.89 -2.01
CA ASP C 716 31.94 50.30 -1.24
C ASP C 716 31.84 49.88 0.21
N LEU C 717 30.63 49.76 0.75
CA LEU C 717 30.47 49.33 2.15
C LEU C 717 30.90 47.88 2.34
N GLY C 718 30.80 47.07 1.30
CA GLY C 718 31.26 45.69 1.37
C GLY C 718 30.14 44.67 1.32
N ASP C 719 30.35 43.55 2.00
CA ASP C 719 29.41 42.44 1.97
C ASP C 719 28.24 42.69 2.92
N PHE C 720 27.25 41.80 2.86
CA PHE C 720 26.10 41.84 3.75
C PHE C 720 26.55 41.43 5.15
N LYS C 721 26.53 42.37 6.09
CA LYS C 721 27.11 42.15 7.39
C LYS C 721 26.17 41.34 8.28
N THR C 722 26.73 40.36 8.98
CA THR C 722 25.96 39.46 9.82
C THR C 722 25.56 40.14 11.12
N ILE C 723 24.83 39.41 11.96
CA ILE C 723 24.39 39.96 13.24
C ILE C 723 25.59 40.23 14.15
N GLU C 724 26.57 39.34 14.16
CA GLU C 724 27.76 39.56 14.98
C GLU C 724 28.44 40.87 14.61
N GLU C 725 28.45 41.21 13.31
CA GLU C 725 28.99 42.49 12.90
C GLU C 725 28.02 43.62 13.22
N LEU C 726 26.74 43.43 12.90
CA LEU C 726 25.75 44.49 13.08
C LEU C 726 25.66 44.93 14.53
N GLU C 727 25.70 43.98 15.47
CA GLU C 727 25.63 44.33 16.88
C GLU C 727 26.90 45.07 17.32
N LYS C 728 28.05 44.74 16.71
CA LYS C 728 29.30 45.40 17.07
C LYS C 728 29.50 46.72 16.34
N LEU C 729 28.67 47.05 15.36
CA LEU C 729 28.78 48.33 14.68
C LEU C 729 28.42 49.47 15.63
N LYS C 730 29.10 50.60 15.46
CA LYS C 730 28.89 51.74 16.32
C LYS C 730 27.70 52.57 15.83
N PRO C 731 27.03 53.28 16.73
CA PRO C 731 25.85 54.07 16.31
C PRO C 731 26.24 55.12 15.27
N GLY C 732 25.37 55.27 14.27
CA GLY C 732 25.64 56.21 13.18
C GLY C 732 26.69 55.69 12.23
N GLU C 733 26.51 54.46 11.75
CA GLU C 733 27.48 53.81 10.87
C GLU C 733 26.72 52.97 9.85
N LYS C 734 27.02 53.19 8.57
CA LYS C 734 26.29 52.56 7.50
C LYS C 734 26.78 51.13 7.26
N ALA C 735 25.88 50.30 6.71
CA ALA C 735 26.19 48.91 6.41
C ALA C 735 25.09 48.33 5.53
N ASN C 736 25.42 47.25 4.84
CA ASN C 736 24.50 46.58 3.92
C ASN C 736 23.85 45.38 4.59
N ILE C 737 22.55 45.21 4.35
CA ILE C 737 21.78 44.10 4.89
C ILE C 737 20.94 43.51 3.78
N LEU C 738 20.78 42.19 3.80
CA LEU C 738 19.95 41.47 2.84
C LEU C 738 18.66 41.06 3.53
N LEU C 739 17.53 41.61 3.06
CA LEU C 739 16.23 41.28 3.64
C LEU C 739 15.86 39.85 3.30
N TYR C 740 15.24 39.64 2.14
CA TYR C 740 14.97 38.32 1.61
C TYR C 740 15.60 38.22 0.23
N GLN C 741 15.91 36.99 -0.17
CA GLN C 741 16.74 36.71 -1.34
C GLN C 741 16.44 37.66 -2.49
N GLY C 742 17.41 38.52 -2.82
CA GLY C 742 17.26 39.45 -3.92
C GLY C 742 16.76 40.82 -3.54
N LYS C 743 17.06 41.29 -2.33
CA LYS C 743 16.65 42.62 -1.89
C LYS C 743 17.75 43.24 -1.05
N PRO C 744 18.81 43.75 -1.68
CA PRO C 744 19.84 44.46 -0.93
C PRO C 744 19.34 45.80 -0.40
N VAL C 745 19.79 46.13 0.81
CA VAL C 745 19.41 47.37 1.48
C VAL C 745 20.61 47.96 2.20
N LYS C 746 20.65 49.28 2.29
CA LYS C 746 21.73 50.02 2.95
C LYS C 746 21.15 50.64 4.22
N VAL C 747 21.62 50.17 5.37
CA VAL C 747 21.01 50.50 6.66
C VAL C 747 22.04 51.16 7.55
N VAL C 748 21.55 52.03 8.44
CA VAL C 748 22.39 52.76 9.39
C VAL C 748 21.82 52.55 10.78
N LYS C 749 22.70 52.60 11.78
CA LYS C 749 22.28 52.40 13.17
C LYS C 749 21.72 53.68 13.78
N SER F 7 -33.30 25.85 4.75
CA SER F 7 -33.60 25.56 3.34
C SER F 7 -32.86 26.54 2.43
N TYR F 8 -32.04 26.00 1.53
CA TYR F 8 -31.17 26.80 0.67
C TYR F 8 -31.68 26.75 -0.77
N SER F 9 -31.85 27.92 -1.37
CA SER F 9 -32.18 28.05 -2.80
C SER F 9 -31.12 28.93 -3.45
N PRO F 10 -30.14 28.37 -4.16
CA PRO F 10 -29.08 29.21 -4.72
C PRO F 10 -29.62 30.19 -5.76
N THR F 11 -28.91 31.31 -5.89
CA THR F 11 -29.28 32.33 -6.88
C THR F 11 -28.03 32.81 -7.65
N PRO F 13 -26.65 36.34 -10.63
CA PRO F 13 -27.04 37.47 -11.48
C PRO F 13 -27.08 37.11 -12.97
N SER F 14 -27.71 35.97 -13.27
CA SER F 14 -27.92 35.53 -14.64
C SER F 14 -29.04 34.51 -14.68
N TYR F 15 -30.12 34.79 -13.96
CA TYR F 15 -31.23 33.86 -13.83
C TYR F 15 -32.46 34.55 -13.22
#